data_2RCT
# 
_entry.id   2RCT 
# 
_audit_conform.dict_name       mmcif_pdbx.dic 
_audit_conform.dict_version    5.377 
_audit_conform.dict_location   http://mmcif.pdb.org/dictionaries/ascii/mmcif_pdbx.dic 
# 
loop_
_database_2.database_id 
_database_2.database_code 
_database_2.pdbx_database_accession 
_database_2.pdbx_DOI 
PDB   2RCT         pdb_00002rct 10.2210/pdb2rct/pdb 
RCSB  RCSB044704   ?            ?                   
WWPDB D_1000044704 ?            ?                   
# 
_pdbx_database_related.db_name        PDB 
_pdbx_database_related.db_id          2RCQ 
_pdbx_database_related.details        'Crystal structure of human apo cellular retinol-binding protein II (CRBP-II)' 
_pdbx_database_related.content_type   unspecified 
# 
_pdbx_database_status.status_code                     REL 
_pdbx_database_status.entry_id                        2RCT 
_pdbx_database_status.recvd_initial_deposition_date   2007-09-20 
_pdbx_database_status.deposit_site                    RCSB 
_pdbx_database_status.process_site                    RCSB 
_pdbx_database_status.status_code_sf                  REL 
_pdbx_database_status.status_code_mr                  ? 
_pdbx_database_status.SG_entry                        ? 
_pdbx_database_status.pdb_format_compatible           Y 
_pdbx_database_status.status_code_cs                  ? 
_pdbx_database_status.status_code_nmr_data            ? 
_pdbx_database_status.methods_development_category    ? 
# 
loop_
_audit_author.name 
_audit_author.pdbx_ordinal 
'Monaco, H.L.' 1 
'Capaldi, S.'  2 
'Perduca, M.'  3 
# 
_citation.id                        primary 
_citation.title                     'Crystal structure of human cellular retinol-binding protein II to 1.2 A resolution.' 
_citation.journal_abbrev            Proteins 
_citation.journal_volume            70 
_citation.page_first                1626 
_citation.page_last                 1630 
_citation.year                      2007 
_citation.journal_id_ASTM           PSFGEY 
_citation.country                   US 
_citation.journal_id_ISSN           0887-3585 
_citation.journal_id_CSD            0867 
_citation.book_publisher            ? 
_citation.pdbx_database_id_PubMed   18076076 
_citation.pdbx_database_id_DOI      10.1002/prot.21848 
# 
loop_
_citation_author.citation_id 
_citation_author.name 
_citation_author.ordinal 
_citation_author.identifier_ORCID 
primary 'Tarter, M.'    1 ? 
primary 'Capaldi, S.'   2 ? 
primary 'Carrizo, M.E.' 3 ? 
primary 'Ambrosi, E.'   4 ? 
primary 'Perduca, M.'   5 ? 
primary 'Monaco, H.L.'  6 ? 
# 
_cell.entry_id           2RCT 
_cell.length_a           35.450 
_cell.length_b           49.966 
_cell.length_c           74.296 
_cell.angle_alpha        90.00 
_cell.angle_beta         90.00 
_cell.angle_gamma        90.00 
_cell.Z_PDB              4 
_cell.pdbx_unique_axis   ? 
_cell.length_a_esd       ? 
_cell.length_b_esd       ? 
_cell.length_c_esd       ? 
_cell.angle_alpha_esd    ? 
_cell.angle_beta_esd     ? 
_cell.angle_gamma_esd    ? 
# 
_symmetry.entry_id                         2RCT 
_symmetry.space_group_name_H-M             'P 21 21 21' 
_symmetry.pdbx_full_space_group_name_H-M   ? 
_symmetry.cell_setting                     ? 
_symmetry.Int_Tables_number                19 
_symmetry.space_group_name_Hall            ? 
# 
loop_
_entity.id 
_entity.type 
_entity.src_method 
_entity.pdbx_description 
_entity.formula_weight 
_entity.pdbx_number_of_molecules 
_entity.pdbx_ec 
_entity.pdbx_mutation 
_entity.pdbx_fragment 
_entity.details 
1 polymer     man 'Retinol-binding protein II, cellular' 16496.570 1   ? ? ? ? 
2 non-polymer syn 'SULFATE ION'                          96.063    2   ? ? ? ? 
3 non-polymer syn RETINOL                                286.452   1   ? ? ? ? 
4 non-polymer syn 'L(+)-TARTARIC ACID'                   150.087   1   ? ? ? ? 
5 water       nat water                                  18.015    165 ? ? ? ? 
# 
_entity_name_com.entity_id   1 
_entity_name_com.name        CRBP-II 
# 
_entity_poly.entity_id                      1 
_entity_poly.type                           'polypeptide(L)' 
_entity_poly.nstd_linkage                   no 
_entity_poly.nstd_monomer                   no 
_entity_poly.pdbx_seq_one_letter_code       
;MRGSTRDQNGTWEMESNENFEGYMKALDIDFATRKIAVRLTQTKVIDQDGDNFKTKTTSTFRNYDVDFTVGVEFDEYTKS
LDNRHVKALVTWEGDVLVCVQKGEKENRGWKQWIEGDKLYLELTCGDQVCRQVFKKKLVPR
;
_entity_poly.pdbx_seq_one_letter_code_can   
;MRGSTRDQNGTWEMESNENFEGYMKALDIDFATRKIAVRLTQTKVIDQDGDNFKTKTTSTFRNYDVDFTVGVEFDEYTKS
LDNRHVKALVTWEGDVLVCVQKGEKENRGWKQWIEGDKLYLELTCGDQVCRQVFKKKLVPR
;
_entity_poly.pdbx_strand_id                 A 
_entity_poly.pdbx_target_identifier         ? 
# 
loop_
_entity_poly_seq.entity_id 
_entity_poly_seq.num 
_entity_poly_seq.mon_id 
_entity_poly_seq.hetero 
1 1   MET n 
1 2   ARG n 
1 3   GLY n 
1 4   SER n 
1 5   THR n 
1 6   ARG n 
1 7   ASP n 
1 8   GLN n 
1 9   ASN n 
1 10  GLY n 
1 11  THR n 
1 12  TRP n 
1 13  GLU n 
1 14  MET n 
1 15  GLU n 
1 16  SER n 
1 17  ASN n 
1 18  GLU n 
1 19  ASN n 
1 20  PHE n 
1 21  GLU n 
1 22  GLY n 
1 23  TYR n 
1 24  MET n 
1 25  LYS n 
1 26  ALA n 
1 27  LEU n 
1 28  ASP n 
1 29  ILE n 
1 30  ASP n 
1 31  PHE n 
1 32  ALA n 
1 33  THR n 
1 34  ARG n 
1 35  LYS n 
1 36  ILE n 
1 37  ALA n 
1 38  VAL n 
1 39  ARG n 
1 40  LEU n 
1 41  THR n 
1 42  GLN n 
1 43  THR n 
1 44  LYS n 
1 45  VAL n 
1 46  ILE n 
1 47  ASP n 
1 48  GLN n 
1 49  ASP n 
1 50  GLY n 
1 51  ASP n 
1 52  ASN n 
1 53  PHE n 
1 54  LYS n 
1 55  THR n 
1 56  LYS n 
1 57  THR n 
1 58  THR n 
1 59  SER n 
1 60  THR n 
1 61  PHE n 
1 62  ARG n 
1 63  ASN n 
1 64  TYR n 
1 65  ASP n 
1 66  VAL n 
1 67  ASP n 
1 68  PHE n 
1 69  THR n 
1 70  VAL n 
1 71  GLY n 
1 72  VAL n 
1 73  GLU n 
1 74  PHE n 
1 75  ASP n 
1 76  GLU n 
1 77  TYR n 
1 78  THR n 
1 79  LYS n 
1 80  SER n 
1 81  LEU n 
1 82  ASP n 
1 83  ASN n 
1 84  ARG n 
1 85  HIS n 
1 86  VAL n 
1 87  LYS n 
1 88  ALA n 
1 89  LEU n 
1 90  VAL n 
1 91  THR n 
1 92  TRP n 
1 93  GLU n 
1 94  GLY n 
1 95  ASP n 
1 96  VAL n 
1 97  LEU n 
1 98  VAL n 
1 99  CYS n 
1 100 VAL n 
1 101 GLN n 
1 102 LYS n 
1 103 GLY n 
1 104 GLU n 
1 105 LYS n 
1 106 GLU n 
1 107 ASN n 
1 108 ARG n 
1 109 GLY n 
1 110 TRP n 
1 111 LYS n 
1 112 GLN n 
1 113 TRP n 
1 114 ILE n 
1 115 GLU n 
1 116 GLY n 
1 117 ASP n 
1 118 LYS n 
1 119 LEU n 
1 120 TYR n 
1 121 LEU n 
1 122 GLU n 
1 123 LEU n 
1 124 THR n 
1 125 CYS n 
1 126 GLY n 
1 127 ASP n 
1 128 GLN n 
1 129 VAL n 
1 130 CYS n 
1 131 ARG n 
1 132 GLN n 
1 133 VAL n 
1 134 PHE n 
1 135 LYS n 
1 136 LYS n 
1 137 LYS n 
1 138 LEU n 
1 139 VAL n 
1 140 PRO n 
1 141 ARG n 
# 
_entity_src_gen.entity_id                          1 
_entity_src_gen.pdbx_src_id                        1 
_entity_src_gen.pdbx_alt_source_flag               sample 
_entity_src_gen.pdbx_seq_type                      ? 
_entity_src_gen.pdbx_beg_seq_num                   ? 
_entity_src_gen.pdbx_end_seq_num                   ? 
_entity_src_gen.gene_src_common_name               human 
_entity_src_gen.gene_src_genus                     Homo 
_entity_src_gen.pdbx_gene_src_gene                 'RBP2, CRBP2' 
_entity_src_gen.gene_src_species                   ? 
_entity_src_gen.gene_src_strain                    ? 
_entity_src_gen.gene_src_tissue                    ? 
_entity_src_gen.gene_src_tissue_fraction           ? 
_entity_src_gen.gene_src_details                   ? 
_entity_src_gen.pdbx_gene_src_fragment             ? 
_entity_src_gen.pdbx_gene_src_scientific_name      'Homo sapiens' 
_entity_src_gen.pdbx_gene_src_ncbi_taxonomy_id     9606 
_entity_src_gen.pdbx_gene_src_variant              ? 
_entity_src_gen.pdbx_gene_src_cell_line            ? 
_entity_src_gen.pdbx_gene_src_atcc                 ? 
_entity_src_gen.pdbx_gene_src_organ                ? 
_entity_src_gen.pdbx_gene_src_organelle            ? 
_entity_src_gen.pdbx_gene_src_cell                 ? 
_entity_src_gen.pdbx_gene_src_cellular_location    ? 
_entity_src_gen.host_org_common_name               ? 
_entity_src_gen.pdbx_host_org_scientific_name      'Escherichia coli' 
_entity_src_gen.pdbx_host_org_ncbi_taxonomy_id     562 
_entity_src_gen.host_org_genus                     Escherichia 
_entity_src_gen.pdbx_host_org_gene                 ? 
_entity_src_gen.pdbx_host_org_organ                ? 
_entity_src_gen.host_org_species                   ? 
_entity_src_gen.pdbx_host_org_tissue               ? 
_entity_src_gen.pdbx_host_org_tissue_fraction      ? 
_entity_src_gen.pdbx_host_org_strain               SG13009 
_entity_src_gen.pdbx_host_org_variant              ? 
_entity_src_gen.pdbx_host_org_cell_line            ? 
_entity_src_gen.pdbx_host_org_atcc                 ? 
_entity_src_gen.pdbx_host_org_culture_collection   ? 
_entity_src_gen.pdbx_host_org_cell                 ? 
_entity_src_gen.pdbx_host_org_organelle            ? 
_entity_src_gen.pdbx_host_org_cellular_location    ? 
_entity_src_gen.pdbx_host_org_vector_type          plasmid 
_entity_src_gen.pdbx_host_org_vector               ? 
_entity_src_gen.host_org_details                   ? 
_entity_src_gen.expression_system_id               ? 
_entity_src_gen.plasmid_name                       pQE50 
_entity_src_gen.plasmid_details                    ? 
_entity_src_gen.pdbx_description                   ? 
# 
_struct_ref.id                         1 
_struct_ref.db_name                    UNP 
_struct_ref.db_code                    RET2_HUMAN 
_struct_ref.pdbx_db_accession          P50120 
_struct_ref.entity_id                  1 
_struct_ref.pdbx_seq_one_letter_code   
;TRDQNGTWEMESNENFEGYMKALDIDFATRKIAVRLTQTKVIDQDGDNFKTKTTSTFRNYDVDFTVGVEFDEYTKSLDNR
HVKALVTWEGDVLVCVQKGEKENRGWKQWIEGDKLYLELTCGDQVCRQVFKKK
;
_struct_ref.pdbx_align_begin           2 
_struct_ref.pdbx_db_isoform            ? 
# 
_struct_ref_seq.align_id                      1 
_struct_ref_seq.ref_id                        1 
_struct_ref_seq.pdbx_PDB_id_code              2RCT 
_struct_ref_seq.pdbx_strand_id                A 
_struct_ref_seq.seq_align_beg                 5 
_struct_ref_seq.pdbx_seq_align_beg_ins_code   ? 
_struct_ref_seq.seq_align_end                 137 
_struct_ref_seq.pdbx_seq_align_end_ins_code   ? 
_struct_ref_seq.pdbx_db_accession             P50120 
_struct_ref_seq.db_align_beg                  2 
_struct_ref_seq.pdbx_db_align_beg_ins_code    ? 
_struct_ref_seq.db_align_end                  134 
_struct_ref_seq.pdbx_db_align_end_ins_code    ? 
_struct_ref_seq.pdbx_auth_seq_align_beg       1 
_struct_ref_seq.pdbx_auth_seq_align_end       133 
# 
loop_
_struct_ref_seq_dif.align_id 
_struct_ref_seq_dif.pdbx_pdb_id_code 
_struct_ref_seq_dif.mon_id 
_struct_ref_seq_dif.pdbx_pdb_strand_id 
_struct_ref_seq_dif.seq_num 
_struct_ref_seq_dif.pdbx_pdb_ins_code 
_struct_ref_seq_dif.pdbx_seq_db_name 
_struct_ref_seq_dif.pdbx_seq_db_accession_code 
_struct_ref_seq_dif.db_mon_id 
_struct_ref_seq_dif.pdbx_seq_db_seq_num 
_struct_ref_seq_dif.details 
_struct_ref_seq_dif.pdbx_auth_seq_num 
_struct_ref_seq_dif.pdbx_ordinal 
1 2RCT MET A 1   ? UNP P50120 ? ? 'expression tag' -3  1 
1 2RCT ARG A 2   ? UNP P50120 ? ? 'expression tag' -2  2 
1 2RCT GLY A 3   ? UNP P50120 ? ? 'expression tag' -1  3 
1 2RCT SER A 4   ? UNP P50120 ? ? 'expression tag' 0   4 
1 2RCT LEU A 138 ? UNP P50120 ? ? 'expression tag' 134 5 
1 2RCT VAL A 139 ? UNP P50120 ? ? 'expression tag' 135 6 
1 2RCT PRO A 140 ? UNP P50120 ? ? 'expression tag' 136 7 
1 2RCT ARG A 141 ? UNP P50120 ? ? 'expression tag' 137 8 
# 
loop_
_chem_comp.id 
_chem_comp.type 
_chem_comp.mon_nstd_flag 
_chem_comp.name 
_chem_comp.pdbx_synonyms 
_chem_comp.formula 
_chem_comp.formula_weight 
ALA 'L-peptide linking' y ALANINE              ? 'C3 H7 N O2'     89.093  
ARG 'L-peptide linking' y ARGININE             ? 'C6 H15 N4 O2 1' 175.209 
ASN 'L-peptide linking' y ASPARAGINE           ? 'C4 H8 N2 O3'    132.118 
ASP 'L-peptide linking' y 'ASPARTIC ACID'      ? 'C4 H7 N O4'     133.103 
CYS 'L-peptide linking' y CYSTEINE             ? 'C3 H7 N O2 S'   121.158 
GLN 'L-peptide linking' y GLUTAMINE            ? 'C5 H10 N2 O3'   146.144 
GLU 'L-peptide linking' y 'GLUTAMIC ACID'      ? 'C5 H9 N O4'     147.129 
GLY 'peptide linking'   y GLYCINE              ? 'C2 H5 N O2'     75.067  
HIS 'L-peptide linking' y HISTIDINE            ? 'C6 H10 N3 O2 1' 156.162 
HOH non-polymer         . WATER                ? 'H2 O'           18.015  
ILE 'L-peptide linking' y ISOLEUCINE           ? 'C6 H13 N O2'    131.173 
LEU 'L-peptide linking' y LEUCINE              ? 'C6 H13 N O2'    131.173 
LYS 'L-peptide linking' y LYSINE               ? 'C6 H15 N2 O2 1' 147.195 
MET 'L-peptide linking' y METHIONINE           ? 'C5 H11 N O2 S'  149.211 
PHE 'L-peptide linking' y PHENYLALANINE        ? 'C9 H11 N O2'    165.189 
PRO 'L-peptide linking' y PROLINE              ? 'C5 H9 N O2'     115.130 
RTL non-polymer         . RETINOL              ? 'C20 H30 O'      286.452 
SER 'L-peptide linking' y SERINE               ? 'C3 H7 N O3'     105.093 
SO4 non-polymer         . 'SULFATE ION'        ? 'O4 S -2'        96.063  
THR 'L-peptide linking' y THREONINE            ? 'C4 H9 N O3'     119.119 
TLA non-polymer         . 'L(+)-TARTARIC ACID' ? 'C4 H6 O6'       150.087 
TRP 'L-peptide linking' y TRYPTOPHAN           ? 'C11 H12 N2 O2'  204.225 
TYR 'L-peptide linking' y TYROSINE             ? 'C9 H11 N O3'    181.189 
VAL 'L-peptide linking' y VALINE               ? 'C5 H11 N O2'    117.146 
# 
_exptl.entry_id          2RCT 
_exptl.method            'X-RAY DIFFRACTION' 
_exptl.crystals_number   1 
# 
_exptl_crystal.id                    1 
_exptl_crystal.density_meas          ? 
_exptl_crystal.density_Matthews      1.99 
_exptl_crystal.density_percent_sol   38.33 
_exptl_crystal.description           ? 
_exptl_crystal.F_000                 ? 
_exptl_crystal.preparation           ? 
# 
_exptl_crystal_grow.crystal_id      1 
_exptl_crystal_grow.method          'VAPOR DIFFUSION, HANGING DROP' 
_exptl_crystal_grow.temp            293 
_exptl_crystal_grow.temp_details    ? 
_exptl_crystal_grow.pH              5.6 
_exptl_crystal_grow.pdbx_details    
;0.1 M sodium citrate, 0.2 M sodium/potassium tartrate, 1.4 M ammonium sulfate, pH 5.6, VAPOR DIFFUSION, HANGING DROP, temperature 293K
;
_exptl_crystal_grow.pdbx_pH_range   . 
# 
_diffrn.id                     1 
_diffrn.ambient_temp           100 
_diffrn.ambient_temp_details   ? 
_diffrn.crystal_id             1 
# 
_diffrn_detector.diffrn_id              1 
_diffrn_detector.detector               CCD 
_diffrn_detector.type                   'ADSC QUANTUM 210' 
_diffrn_detector.pdbx_collection_date   2007-04-22 
_diffrn_detector.details                'Diamond (111) monochromator' 
# 
_diffrn_radiation.diffrn_id                        1 
_diffrn_radiation.wavelength_id                    1 
_diffrn_radiation.pdbx_monochromatic_or_laue_m_l   M 
_diffrn_radiation.monochromator                    mirrors 
_diffrn_radiation.pdbx_diffrn_protocol             'SINGLE WAVELENGTH' 
_diffrn_radiation.pdbx_scattering_type             x-ray 
# 
_diffrn_radiation_wavelength.id           1 
_diffrn_radiation_wavelength.wavelength   0.98 
_diffrn_radiation_wavelength.wt           1.0 
# 
_diffrn_source.diffrn_id                   1 
_diffrn_source.source                      SYNCHROTRON 
_diffrn_source.type                        'ESRF BEAMLINE ID14-1' 
_diffrn_source.pdbx_synchrotron_site       ESRF 
_diffrn_source.pdbx_synchrotron_beamline   ID14-1 
_diffrn_source.pdbx_wavelength             ? 
_diffrn_source.pdbx_wavelength_list        0.98 
# 
_reflns.entry_id                     2RCT 
_reflns.observed_criterion_sigma_F   0 
_reflns.observed_criterion_sigma_I   0 
_reflns.d_resolution_high            1.20 
_reflns.d_resolution_low             28.9 
_reflns.number_all                   ? 
_reflns.number_obs                   41159 
_reflns.percent_possible_obs         97.8 
_reflns.pdbx_Rmerge_I_obs            0.063 
_reflns.pdbx_Rsym_value              0.063 
_reflns.pdbx_netI_over_sigmaI        15.8 
_reflns.B_iso_Wilson_estimate        ? 
_reflns.pdbx_redundancy              5.5 
_reflns.R_free_details               ? 
_reflns.limit_h_max                  ? 
_reflns.limit_h_min                  ? 
_reflns.limit_k_max                  ? 
_reflns.limit_k_min                  ? 
_reflns.limit_l_max                  ? 
_reflns.limit_l_min                  ? 
_reflns.observed_criterion_F_max     ? 
_reflns.observed_criterion_F_min     ? 
_reflns.pdbx_chi_squared             ? 
_reflns.pdbx_scaling_rejects         ? 
_reflns.pdbx_diffrn_id               1 
_reflns.pdbx_ordinal                 1 
# 
_reflns_shell.d_res_high             1.20 
_reflns_shell.d_res_low              1.23 
_reflns_shell.percent_possible_all   86.1 
_reflns_shell.Rmerge_I_obs           0.39 
_reflns_shell.pdbx_Rsym_value        0.39 
_reflns_shell.meanI_over_sigI_obs    3.4 
_reflns_shell.pdbx_redundancy        3.6 
_reflns_shell.percent_possible_obs   ? 
_reflns_shell.number_unique_all      5179 
_reflns_shell.number_measured_all    ? 
_reflns_shell.number_measured_obs    ? 
_reflns_shell.number_unique_obs      ? 
_reflns_shell.pdbx_chi_squared       ? 
_reflns_shell.pdbx_diffrn_id         ? 
_reflns_shell.pdbx_ordinal           1 
# 
_refine.entry_id                                 2RCT 
_refine.ls_number_reflns_obs                     39030 
_refine.ls_number_reflns_all                     39030 
_refine.pdbx_ls_sigma_I                          ? 
_refine.pdbx_ls_sigma_F                          0.00 
_refine.pdbx_data_cutoff_high_absF               ? 
_refine.pdbx_data_cutoff_low_absF                ? 
_refine.pdbx_data_cutoff_high_rms_absF           ? 
_refine.ls_d_res_low                             25.00 
_refine.ls_d_res_high                            1.20 
_refine.ls_percent_reflns_obs                    97.72 
_refine.ls_R_factor_obs                          0.19408 
_refine.ls_R_factor_all                          0.194 
_refine.ls_R_factor_R_work                       0.19294 
_refine.ls_R_factor_R_free                       0.21542 
_refine.ls_R_factor_R_free_error                 ? 
_refine.ls_R_factor_R_free_error_details         ? 
_refine.ls_percent_reflns_R_free                 5.0 
_refine.ls_number_reflns_R_free                  2065 
_refine.ls_number_parameters                     ? 
_refine.ls_number_restraints                     ? 
_refine.occupancy_min                            ? 
_refine.occupancy_max                            ? 
_refine.correlation_coeff_Fo_to_Fc               0.953 
_refine.correlation_coeff_Fo_to_Fc_free          0.942 
_refine.B_iso_mean                               10.603 
_refine.aniso_B[1][1]                            0.50 
_refine.aniso_B[2][2]                            -0.32 
_refine.aniso_B[3][3]                            -0.18 
_refine.aniso_B[1][2]                            0.00 
_refine.aniso_B[1][3]                            0.00 
_refine.aniso_B[2][3]                            0.00 
_refine.solvent_model_details                    MASK 
_refine.solvent_model_param_ksol                 ? 
_refine.solvent_model_param_bsol                 ? 
_refine.pdbx_solvent_vdw_probe_radii             1.20 
_refine.pdbx_solvent_ion_probe_radii             0.80 
_refine.pdbx_solvent_shrinkage_radii             0.80 
_refine.pdbx_ls_cross_valid_method               THROUGHOUT 
_refine.details                                  'HYDROGENS HAVE BEEN ADDED IN THE RIDING POSITIONS' 
_refine.pdbx_starting_model                      2RCQ 
_refine.pdbx_method_to_determine_struct          'FOURIER SYNTHESIS' 
_refine.pdbx_isotropic_thermal_model             ? 
_refine.pdbx_stereochemistry_target_values       'MAXIMUM LIKELIHOOD' 
_refine.pdbx_stereochem_target_val_spec_case     ? 
_refine.pdbx_R_Free_selection_details            RANDOM 
_refine.pdbx_overall_ESU_R                       0.048 
_refine.pdbx_overall_ESU_R_Free                  0.050 
_refine.overall_SU_ML                            0.031 
_refine.overall_SU_B                             0.660 
_refine.ls_redundancy_reflns_obs                 ? 
_refine.B_iso_min                                ? 
_refine.B_iso_max                                ? 
_refine.overall_SU_R_Cruickshank_DPI             ? 
_refine.overall_SU_R_free                        ? 
_refine.ls_wR_factor_R_free                      ? 
_refine.ls_wR_factor_R_work                      ? 
_refine.overall_FOM_free_R_set                   ? 
_refine.overall_FOM_work_R_set                   ? 
_refine.pdbx_refine_id                           'X-RAY DIFFRACTION' 
_refine.pdbx_diffrn_id                           1 
_refine.pdbx_TLS_residual_ADP_flag               ? 
_refine.pdbx_overall_phase_error                 ? 
_refine.pdbx_overall_SU_R_free_Cruickshank_DPI   ? 
_refine.pdbx_overall_SU_R_Blow_DPI               ? 
_refine.pdbx_overall_SU_R_free_Blow_DPI          ? 
# 
_refine_hist.pdbx_refine_id                   'X-RAY DIFFRACTION' 
_refine_hist.cycle_id                         LAST 
_refine_hist.pdbx_number_atoms_protein        1158 
_refine_hist.pdbx_number_atoms_nucleic_acid   0 
_refine_hist.pdbx_number_atoms_ligand         43 
_refine_hist.number_atoms_solvent             165 
_refine_hist.number_atoms_total               1366 
_refine_hist.d_res_high                       1.20 
_refine_hist.d_res_low                        25.00 
# 
loop_
_refine_ls_restr.type 
_refine_ls_restr.dev_ideal 
_refine_ls_restr.dev_ideal_target 
_refine_ls_restr.weight 
_refine_ls_restr.number 
_refine_ls_restr.pdbx_refine_id 
_refine_ls_restr.pdbx_restraint_function 
r_bond_refined_d             0.008  0.022  ? 1218 'X-RAY DIFFRACTION' ? 
r_bond_other_d               ?      ?      ? ?    'X-RAY DIFFRACTION' ? 
r_angle_refined_deg          1.054  1.970  ? 1639 'X-RAY DIFFRACTION' ? 
r_angle_other_deg            ?      ?      ? ?    'X-RAY DIFFRACTION' ? 
r_dihedral_angle_1_deg       6.474  5.000  ? 140  'X-RAY DIFFRACTION' ? 
r_dihedral_angle_2_deg       31.802 24.603 ? 63   'X-RAY DIFFRACTION' ? 
r_dihedral_angle_3_deg       12.344 15.000 ? 223  'X-RAY DIFFRACTION' ? 
r_dihedral_angle_4_deg       11.854 15.000 ? 9    'X-RAY DIFFRACTION' ? 
r_chiral_restr               0.070  0.200  ? 174  'X-RAY DIFFRACTION' ? 
r_gen_planes_refined         0.004  0.020  ? 921  'X-RAY DIFFRACTION' ? 
r_gen_planes_other           ?      ?      ? ?    'X-RAY DIFFRACTION' ? 
r_nbd_refined                0.197  0.200  ? 519  'X-RAY DIFFRACTION' ? 
r_nbd_other                  ?      ?      ? ?    'X-RAY DIFFRACTION' ? 
r_nbtor_refined              0.312  0.200  ? 813  'X-RAY DIFFRACTION' ? 
r_nbtor_other                ?      ?      ? ?    'X-RAY DIFFRACTION' ? 
r_xyhbond_nbd_refined        0.088  0.200  ? 115  'X-RAY DIFFRACTION' ? 
r_xyhbond_nbd_other          ?      ?      ? ?    'X-RAY DIFFRACTION' ? 
r_metal_ion_refined          ?      ?      ? ?    'X-RAY DIFFRACTION' ? 
r_metal_ion_other            ?      ?      ? ?    'X-RAY DIFFRACTION' ? 
r_symmetry_vdw_refined       0.144  0.200  ? 61   'X-RAY DIFFRACTION' ? 
r_symmetry_vdw_other         ?      ?      ? ?    'X-RAY DIFFRACTION' ? 
r_symmetry_hbond_refined     0.101  0.200  ? 22   'X-RAY DIFFRACTION' ? 
r_symmetry_hbond_other       ?      ?      ? ?    'X-RAY DIFFRACTION' ? 
r_symmetry_metal_ion_refined ?      ?      ? ?    'X-RAY DIFFRACTION' ? 
r_symmetry_metal_ion_other   ?      ?      ? ?    'X-RAY DIFFRACTION' ? 
r_mcbond_it                  0.949  2.000  ? 715  'X-RAY DIFFRACTION' ? 
r_mcbond_other               ?      ?      ? ?    'X-RAY DIFFRACTION' ? 
r_mcangle_it                 1.551  3.000  ? 1126 'X-RAY DIFFRACTION' ? 
r_scbond_it                  1.182  2.000  ? 569  'X-RAY DIFFRACTION' ? 
r_scangle_it                 1.843  3.000  ? 513  'X-RAY DIFFRACTION' ? 
r_rigid_bond_restr           ?      ?      ? ?    'X-RAY DIFFRACTION' ? 
r_sphericity_free            ?      ?      ? ?    'X-RAY DIFFRACTION' ? 
r_sphericity_bonded          ?      ?      ? ?    'X-RAY DIFFRACTION' ? 
# 
_refine_ls_shell.pdbx_total_number_of_bins_used   20 
_refine_ls_shell.d_res_high                       1.200 
_refine_ls_shell.d_res_low                        1.231 
_refine_ls_shell.number_reflns_R_work             2320 
_refine_ls_shell.R_factor_R_work                  0.26 
_refine_ls_shell.percent_reflns_obs               80.22 
_refine_ls_shell.R_factor_R_free                  0.302 
_refine_ls_shell.R_factor_R_free_error            ? 
_refine_ls_shell.percent_reflns_R_free            ? 
_refine_ls_shell.number_reflns_R_free             122 
_refine_ls_shell.number_reflns_all                ? 
_refine_ls_shell.R_factor_all                     ? 
_refine_ls_shell.number_reflns_obs                2320 
_refine_ls_shell.redundancy_reflns_obs            ? 
_refine_ls_shell.pdbx_refine_id                   'X-RAY DIFFRACTION' 
# 
_struct.entry_id                  2RCT 
_struct.title                     'Crystal structure of human holo cellular retinol-binding protein II (CRBP-II)' 
_struct.pdbx_model_details        ? 
_struct.pdbx_CASP_flag            ? 
_struct.pdbx_model_type_details   ? 
# 
_struct_keywords.entry_id        2RCT 
_struct_keywords.pdbx_keywords   'RETINOL-BINDING PROTEIN' 
_struct_keywords.text            
;cellular retinol-binding protein II, CRBP II, retinol, lipid-binding protein, Cytoplasm, Transport, Vitamin A, RETINOL-BINDING PROTEIN
;
# 
loop_
_struct_asym.id 
_struct_asym.pdbx_blank_PDB_chainid_flag 
_struct_asym.pdbx_modified 
_struct_asym.entity_id 
_struct_asym.details 
A N N 1 ? 
B N N 2 ? 
C N N 2 ? 
D N N 3 ? 
E N N 4 ? 
F N N 5 ? 
# 
loop_
_struct_conf.conf_type_id 
_struct_conf.id 
_struct_conf.pdbx_PDB_helix_id 
_struct_conf.beg_label_comp_id 
_struct_conf.beg_label_asym_id 
_struct_conf.beg_label_seq_id 
_struct_conf.pdbx_beg_PDB_ins_code 
_struct_conf.end_label_comp_id 
_struct_conf.end_label_asym_id 
_struct_conf.end_label_seq_id 
_struct_conf.pdbx_end_PDB_ins_code 
_struct_conf.beg_auth_comp_id 
_struct_conf.beg_auth_asym_id 
_struct_conf.beg_auth_seq_id 
_struct_conf.end_auth_comp_id 
_struct_conf.end_auth_asym_id 
_struct_conf.end_auth_seq_id 
_struct_conf.pdbx_PDB_helix_class 
_struct_conf.details 
_struct_conf.pdbx_PDB_helix_length 
HELX_P HELX_P1 1 ASN A 19 ? LEU A 27 ? ASN A 15 LEU A 23 1 ? 9 
HELX_P HELX_P2 2 ASP A 30 ? VAL A 38 ? ASP A 26 VAL A 34 1 ? 9 
# 
_struct_conf_type.id          HELX_P 
_struct_conf_type.criteria    ? 
_struct_conf_type.reference   ? 
# 
_struct_sheet.id               A 
_struct_sheet.type             ? 
_struct_sheet.number_strands   10 
_struct_sheet.details          ? 
# 
loop_
_struct_sheet_order.sheet_id 
_struct_sheet_order.range_id_1 
_struct_sheet_order.range_id_2 
_struct_sheet_order.offset 
_struct_sheet_order.sense 
A 1 2  ? anti-parallel 
A 2 3  ? anti-parallel 
A 3 4  ? anti-parallel 
A 4 5  ? anti-parallel 
A 5 6  ? anti-parallel 
A 6 7  ? anti-parallel 
A 7 8  ? anti-parallel 
A 8 9  ? anti-parallel 
A 9 10 ? anti-parallel 
# 
loop_
_struct_sheet_range.sheet_id 
_struct_sheet_range.id 
_struct_sheet_range.beg_label_comp_id 
_struct_sheet_range.beg_label_asym_id 
_struct_sheet_range.beg_label_seq_id 
_struct_sheet_range.pdbx_beg_PDB_ins_code 
_struct_sheet_range.end_label_comp_id 
_struct_sheet_range.end_label_asym_id 
_struct_sheet_range.end_label_seq_id 
_struct_sheet_range.pdbx_end_PDB_ins_code 
_struct_sheet_range.beg_auth_comp_id 
_struct_sheet_range.beg_auth_asym_id 
_struct_sheet_range.beg_auth_seq_id 
_struct_sheet_range.end_auth_comp_id 
_struct_sheet_range.end_auth_asym_id 
_struct_sheet_range.end_auth_seq_id 
A 1  TYR A 64  ? THR A 69  ? TYR A 60  THR A 65  
A 2  ASN A 52  ? THR A 58  ? ASN A 48  THR A 54  
A 3  THR A 43  ? ASP A 49  ? THR A 39  ASP A 45  
A 4  GLY A 10  ? GLU A 18  ? GLY A 6   GLU A 14  
A 5  GLN A 128 ? LEU A 138 ? GLN A 124 LEU A 134 
A 6  LYS A 118 ? CYS A 125 ? LYS A 114 CYS A 121 
A 7  GLY A 109 ? GLU A 115 ? GLY A 105 GLU A 111 
A 8  VAL A 96  ? LYS A 102 ? VAL A 92  LYS A 98  
A 9  HIS A 85  ? GLU A 93  ? HIS A 81  GLU A 89  
A 10 PHE A 74  ? TYR A 77  ? PHE A 70  TYR A 73  
# 
loop_
_pdbx_struct_sheet_hbond.sheet_id 
_pdbx_struct_sheet_hbond.range_id_1 
_pdbx_struct_sheet_hbond.range_id_2 
_pdbx_struct_sheet_hbond.range_1_label_atom_id 
_pdbx_struct_sheet_hbond.range_1_label_comp_id 
_pdbx_struct_sheet_hbond.range_1_label_asym_id 
_pdbx_struct_sheet_hbond.range_1_label_seq_id 
_pdbx_struct_sheet_hbond.range_1_PDB_ins_code 
_pdbx_struct_sheet_hbond.range_1_auth_atom_id 
_pdbx_struct_sheet_hbond.range_1_auth_comp_id 
_pdbx_struct_sheet_hbond.range_1_auth_asym_id 
_pdbx_struct_sheet_hbond.range_1_auth_seq_id 
_pdbx_struct_sheet_hbond.range_2_label_atom_id 
_pdbx_struct_sheet_hbond.range_2_label_comp_id 
_pdbx_struct_sheet_hbond.range_2_label_asym_id 
_pdbx_struct_sheet_hbond.range_2_label_seq_id 
_pdbx_struct_sheet_hbond.range_2_PDB_ins_code 
_pdbx_struct_sheet_hbond.range_2_auth_atom_id 
_pdbx_struct_sheet_hbond.range_2_auth_comp_id 
_pdbx_struct_sheet_hbond.range_2_auth_asym_id 
_pdbx_struct_sheet_hbond.range_2_auth_seq_id 
A 1 2  O PHE A 68  ? O PHE A 64  N PHE A 53  ? N PHE A 49  
A 2 3  O THR A 58  ? O THR A 54  N THR A 43  ? N THR A 39  
A 3 4  O LYS A 44  ? O LYS A 40  N TRP A 12  ? N TRP A 8   
A 4 5  N GLU A 15  ? N GLU A 11  O VAL A 133 ? O VAL A 129 
A 5 6  O PHE A 134 ? O PHE A 130 N LEU A 119 ? N LEU A 115 
A 6 7  O TYR A 120 ? O TYR A 116 N TRP A 113 ? N TRP A 109 
A 7 8  O TRP A 110 ? O TRP A 106 N CYS A 99  ? N CYS A 95  
A 8 9  O VAL A 98  ? O VAL A 94  N THR A 91  ? N THR A 87  
A 9 10 O VAL A 86  ? O VAL A 82  N GLU A 76  ? N GLU A 72  
# 
loop_
_struct_site.id 
_struct_site.pdbx_evidence_code 
_struct_site.pdbx_auth_asym_id 
_struct_site.pdbx_auth_comp_id 
_struct_site.pdbx_auth_seq_id 
_struct_site.pdbx_auth_ins_code 
_struct_site.pdbx_num_residues 
_struct_site.details 
AC1 Software A SO4 151 ? 5  'BINDING SITE FOR RESIDUE SO4 A 151' 
AC2 Software A SO4 152 ? 4  'BINDING SITE FOR RESIDUE SO4 A 152' 
AC3 Software A RTL 140 ? 7  'BINDING SITE FOR RESIDUE RTL A 140' 
AC4 Software A TLA 150 ? 12 'BINDING SITE FOR RESIDUE TLA A 150' 
# 
loop_
_struct_site_gen.id 
_struct_site_gen.site_id 
_struct_site_gen.pdbx_num_res 
_struct_site_gen.label_comp_id 
_struct_site_gen.label_asym_id 
_struct_site_gen.label_seq_id 
_struct_site_gen.pdbx_auth_ins_code 
_struct_site_gen.auth_comp_id 
_struct_site_gen.auth_asym_id 
_struct_site_gen.auth_seq_id 
_struct_site_gen.label_atom_id 
_struct_site_gen.label_alt_id 
_struct_site_gen.symmetry 
_struct_site_gen.details 
1  AC1 5  ASP A 30  ? ASP A 26  . ? 2_654 ? 
2  AC1 5  PHE A 31  ? PHE A 27  . ? 2_654 ? 
3  AC1 5  ARG A 34  ? ARG A 30  . ? 2_654 ? 
4  AC1 5  HOH F .   ? HOH A 254 . ? 1_555 ? 
5  AC1 5  HOH F .   ? HOH A 309 . ? 1_555 ? 
6  AC2 4  ARG A 62  ? ARG A 58  . ? 1_555 ? 
7  AC2 4  LYS A 102 ? LYS A 98  . ? 3_645 ? 
8  AC2 4  HOH F .   ? HOH A 231 . ? 3_645 ? 
9  AC2 4  HOH F .   ? HOH A 281 . ? 3_645 ? 
10 AC3 7  PHE A 20  ? PHE A 16  . ? 1_555 ? 
11 AC3 7  GLN A 42  ? GLN A 38  . ? 1_555 ? 
12 AC3 7  LYS A 44  ? LYS A 40  . ? 1_555 ? 
13 AC3 7  THR A 55  ? THR A 51  . ? 1_555 ? 
14 AC3 7  LEU A 81  ? LEU A 77  . ? 1_555 ? 
15 AC3 7  TRP A 110 ? TRP A 106 . ? 1_555 ? 
16 AC3 7  GLN A 112 ? GLN A 108 . ? 1_555 ? 
17 AC4 12 ASN A 17  ? ASN A 13  . ? 1_555 ? 
18 AC4 12 GLU A 18  ? GLU A 14  . ? 1_555 ? 
19 AC4 12 ASN A 19  ? ASN A 15  . ? 1_555 ? 
20 AC4 12 PHE A 20  ? PHE A 16  . ? 1_555 ? 
21 AC4 12 GLU A 21  ? GLU A 17  . ? 1_555 ? 
22 AC4 12 ARG A 39  ? ARG A 35  . ? 1_555 ? 
23 AC4 12 LYS A 137 ? LYS A 133 . ? 4_545 ? 
24 AC4 12 HOH F .   ? HOH A 169 . ? 1_555 ? 
25 AC4 12 HOH F .   ? HOH A 234 . ? 1_555 ? 
26 AC4 12 HOH F .   ? HOH A 258 . ? 1_555 ? 
27 AC4 12 HOH F .   ? HOH A 261 . ? 4_545 ? 
28 AC4 12 HOH F .   ? HOH A 272 . ? 1_555 ? 
# 
_atom_sites.entry_id                    2RCT 
_atom_sites.fract_transf_matrix[1][1]   -0.02209890 
_atom_sites.fract_transf_matrix[1][2]   -0.01680585 
_atom_sites.fract_transf_matrix[1][3]   0.00499498 
_atom_sites.fract_transf_matrix[2][1]   -0.01102237 
_atom_sites.fract_transf_matrix[2][2]   0.01595959 
_atom_sites.fract_transf_matrix[2][3]   0.00493143 
_atom_sites.fract_transf_matrix[3][1]   -0.00387661 
_atom_sites.fract_transf_matrix[3][2]   0.00128563 
_atom_sites.fract_transf_matrix[3][3]   -0.01282539 
_atom_sites.fract_transf_vector[1]      0.487194 
_atom_sites.fract_transf_vector[2]      0.015442 
_atom_sites.fract_transf_vector[3]      0.080523 
# 
loop_
_atom_type.symbol 
C 
N 
O 
S 
# 
loop_
_atom_site.group_PDB 
_atom_site.id 
_atom_site.type_symbol 
_atom_site.label_atom_id 
_atom_site.label_alt_id 
_atom_site.label_comp_id 
_atom_site.label_asym_id 
_atom_site.label_entity_id 
_atom_site.label_seq_id 
_atom_site.pdbx_PDB_ins_code 
_atom_site.Cartn_x 
_atom_site.Cartn_y 
_atom_site.Cartn_z 
_atom_site.occupancy 
_atom_site.B_iso_or_equiv 
_atom_site.pdbx_formal_charge 
_atom_site.auth_seq_id 
_atom_site.auth_comp_id 
_atom_site.auth_asym_id 
_atom_site.auth_atom_id 
_atom_site.pdbx_PDB_model_num 
ATOM   1    N N   . MET A 1 1   ? -5.252  0.701   15.150  1.00 14.54 ? -3  MET A N   1 
ATOM   2    C CA  . MET A 1 1   ? -3.814  0.348   15.032  1.00 14.59 ? -3  MET A CA  1 
ATOM   3    C C   . MET A 1 1   ? -2.923  1.479   15.537  1.00 13.46 ? -3  MET A C   1 
ATOM   4    O O   . MET A 1 1   ? -3.357  2.632   15.635  1.00 12.60 ? -3  MET A O   1 
ATOM   5    C CB  . MET A 1 1   ? -3.465  0.017   13.585  1.00 15.68 ? -3  MET A CB  1 
ATOM   6    C CG  . MET A 1 1   ? -3.150  1.224   12.725  1.00 17.10 ? -3  MET A CG  1 
ATOM   7    S SD  . MET A 1 1   ? -4.554  2.301   12.473  1.00 18.62 ? -3  MET A SD  1 
ATOM   8    C CE  . MET A 1 1   ? -5.287  1.569   11.018  1.00 18.35 ? -3  MET A CE  1 
ATOM   9    N N   . ARG A 1 2   ? -1.677  1.132   15.845  1.00 12.98 ? -2  ARG A N   1 
ATOM   10   C CA  . ARG A 1 2   ? -0.687  2.074   16.338  1.00 12.27 ? -2  ARG A CA  1 
ATOM   11   C C   . ARG A 1 2   ? 0.681   1.669   15.822  1.00 10.93 ? -2  ARG A C   1 
ATOM   12   O O   . ARG A 1 2   ? 1.058   0.490   15.877  1.00 10.92 ? -2  ARG A O   1 
ATOM   13   C CB  . ARG A 1 2   ? -0.690  2.111   17.873  1.00 13.25 ? -2  ARG A CB  1 
ATOM   14   C CG  . ARG A 1 2   ? 0.415   2.967   18.494  1.00 14.51 ? -2  ARG A CG  1 
ATOM   15   C CD  . ARG A 1 2   ? 0.560   2.679   19.974  1.00 16.24 ? -2  ARG A CD  1 
ATOM   16   N NE  . ARG A 1 2   ? 1.737   3.327   20.557  1.00 17.46 ? -2  ARG A NE  1 
ATOM   17   C CZ  . ARG A 1 2   ? 2.948   2.776   20.627  1.00 18.28 ? -2  ARG A CZ  1 
ATOM   18   N NH1 . ARG A 1 2   ? 3.167   1.559   20.145  1.00 18.89 ? -2  ARG A NH1 1 
ATOM   19   N NH2 . ARG A 1 2   ? 3.947   3.448   21.183  1.00 19.03 ? -2  ARG A NH2 1 
ATOM   20   N N   . GLY A 1 3   ? 1.406   2.639   15.287  1.00 9.70  ? -1  GLY A N   1 
ATOM   21   C CA  . GLY A 1 3   ? 2.761   2.409   14.841  1.00 8.64  ? -1  GLY A CA  1 
ATOM   22   C C   . GLY A 1 3   ? 3.728   2.551   16.000  1.00 8.64  ? -1  GLY A C   1 
ATOM   23   O O   . GLY A 1 3   ? 3.560   3.421   16.863  1.00 9.27  ? -1  GLY A O   1 
ATOM   24   N N   . SER A 1 4   ? 4.747   1.702   16.019  1.00 8.88  ? 0   SER A N   1 
ATOM   25   C CA  . SER A 1 4   ? 5.781   1.795   17.049  1.00 10.38 ? 0   SER A CA  1 
ATOM   26   C C   . SER A 1 4   ? 6.921   2.729   16.643  1.00 10.44 ? 0   SER A C   1 
ATOM   27   O O   . SER A 1 4   ? 7.732   3.133   17.480  1.00 11.21 ? 0   SER A O   1 
ATOM   28   C CB  . SER A 1 4   ? 6.319   0.406   17.388  1.00 11.72 ? 0   SER A CB  1 
ATOM   29   O OG  . SER A 1 4   ? 6.820   -0.232  16.235  1.00 13.27 ? 0   SER A OG  1 
ATOM   30   N N   . THR A 1 5   ? 6.974   3.069   15.360  1.00 9.44  ? 1   THR A N   1 
ATOM   31   C CA  . THR A 1 5   ? 8.003   3.944   14.821  1.00 9.26  ? 1   THR A CA  1 
ATOM   32   C C   . THR A 1 5   ? 7.521   4.489   13.488  1.00 8.97  ? 1   THR A C   1 
ATOM   33   O O   . THR A 1 5   ? 6.702   3.859   12.825  1.00 9.87  ? 1   THR A O   1 
ATOM   34   C CB  . THR A 1 5   ? 9.340   3.185   14.601  1.00 9.62  ? 1   THR A CB  1 
ATOM   35   O OG1 . THR A 1 5   ? 10.302  4.065   14.014  1.00 10.08 ? 1   THR A OG1 1 
ATOM   36   C CG2 . THR A 1 5   ? 9.139   1.957   13.687  1.00 9.95  ? 1   THR A CG2 1 
ATOM   37   N N   . ARG A 1 6   ? 8.032   5.645   13.088  1.00 8.54  ? 2   ARG A N   1 
ATOM   38   C CA  . ARG A 1 6   ? 7.776   6.163   11.749  1.00 8.91  ? 2   ARG A CA  1 
ATOM   39   C C   . ARG A 1 6   ? 8.781   5.655   10.716  1.00 9.26  ? 2   ARG A C   1 
ATOM   40   O O   . ARG A 1 6   ? 8.601   5.872   9.516   1.00 9.63  ? 2   ARG A O   1 
ATOM   41   C CB  . ARG A 1 6   ? 7.758   7.687   11.757  1.00 8.27  ? 2   ARG A CB  1 
ATOM   42   C CG  . ARG A 1 6   ? 6.494   8.271   12.340  1.00 7.76  ? 2   ARG A CG  1 
ATOM   43   C CD  . ARG A 1 6   ? 6.428   9.765   12.122  1.00 7.88  ? 2   ARG A CD  1 
ATOM   44   N NE  . ARG A 1 6   ? 5.174   10.317  12.622  1.00 7.53  ? 2   ARG A NE  1 
ATOM   45   C CZ  . ARG A 1 6   ? 4.849   11.607  12.576  1.00 7.67  ? 2   ARG A CZ  1 
ATOM   46   N NH1 . ARG A 1 6   ? 5.693   12.491  12.045  1.00 7.82  ? 2   ARG A NH1 1 
ATOM   47   N NH2 . ARG A 1 6   ? 3.685   12.011  13.071  1.00 7.74  ? 2   ARG A NH2 1 
ATOM   48   N N   . ASP A 1 7   ? 9.837   4.981   11.173  1.00 8.40  ? 3   ASP A N   1 
ATOM   49   C CA  . ASP A 1 7   ? 10.874  4.489   10.265  1.00 8.31  ? 3   ASP A CA  1 
ATOM   50   C C   . ASP A 1 7   ? 10.447  3.191   9.587   1.00 7.87  ? 3   ASP A C   1 
ATOM   51   O O   . ASP A 1 7   ? 10.524  2.115   10.181  1.00 8.27  ? 3   ASP A O   1 
ATOM   52   C CB  . ASP A 1 7   ? 12.185  4.282   11.022  1.00 9.10  ? 3   ASP A CB  1 
ATOM   53   C CG  . ASP A 1 7   ? 13.340  3.918   10.108  1.00 9.89  ? 3   ASP A CG  1 
ATOM   54   O OD1 . ASP A 1 7   ? 13.144  3.841   8.866   1.00 9.61  ? 3   ASP A OD1 1 
ATOM   55   O OD2 . ASP A 1 7   ? 14.456  3.717   10.645  1.00 11.50 ? 3   ASP A OD2 1 
ATOM   56   N N   . GLN A 1 8   ? 9.999   3.300   8.340   1.00 6.94  ? 4   GLN A N   1 
ATOM   57   C CA  . GLN A 1 8   ? 9.469   2.148   7.616   1.00 6.29  ? 4   GLN A CA  1 
ATOM   58   C C   . GLN A 1 8   ? 10.477  1.587   6.619   1.00 5.81  ? 4   GLN A C   1 
ATOM   59   O O   . GLN A 1 8   ? 10.153  0.685   5.843   1.00 5.53  ? 4   GLN A O   1 
ATOM   60   C CB  . GLN A 1 8   ? 8.150   2.515   6.925   1.00 6.75  ? 4   GLN A CB  1 
ATOM   61   C CG  . GLN A 1 8   ? 7.093   3.026   7.901   1.00 6.53  ? 4   GLN A CG  1 
ATOM   62   C CD  . GLN A 1 8   ? 5.704   3.143   7.309   1.00 6.81  ? 4   GLN A CD  1 
ATOM   63   O OE1 . GLN A 1 8   ? 4.718   3.294   8.049   1.00 8.21  ? 4   GLN A OE1 1 
ATOM   64   N NE2 . GLN A 1 8   ? 5.609   3.077   5.993   1.00 6.33  ? 4   GLN A NE2 1 
ATOM   65   N N   . ASN A 1 9   ? 11.702  2.113   6.644   1.00 5.40  ? 5   ASN A N   1 
ATOM   66   C CA  . ASN A 1 9   ? 12.761  1.636   5.755   1.00 5.47  ? 5   ASN A CA  1 
ATOM   67   C C   . ASN A 1 9   ? 12.929  0.135   5.793   1.00 5.41  ? 5   ASN A C   1 
ATOM   68   O O   . ASN A 1 9   ? 12.925  -0.475  6.863   1.00 5.90  ? 5   ASN A O   1 
ATOM   69   C CB  . ASN A 1 9   ? 14.111  2.253   6.120   1.00 5.85  ? 5   ASN A CB  1 
ATOM   70   C CG  . ASN A 1 9   ? 14.284  3.650   5.573   1.00 6.20  ? 5   ASN A CG  1 
ATOM   71   O OD1 . ASN A 1 9   ? 14.186  4.637   6.319   1.00 9.02  ? 5   ASN A OD1 1 
ATOM   72   N ND2 . ASN A 1 9   ? 14.528  3.754   4.274   1.00 5.63  ? 5   ASN A ND2 1 
ATOM   73   N N   . GLY A 1 10  ? 13.114  -0.455  4.623   1.00 5.10  ? 6   GLY A N   1 
ATOM   74   C CA  . GLY A 1 10  ? 13.512  -1.835  4.553   1.00 4.52  ? 6   GLY A CA  1 
ATOM   75   C C   . GLY A 1 10  ? 12.840  -2.607  3.454   1.00 4.68  ? 6   GLY A C   1 
ATOM   76   O O   . GLY A 1 10  ? 12.150  -2.044  2.598   1.00 5.25  ? 6   GLY A O   1 
ATOM   77   N N   . THR A 1 11  ? 13.070  -3.914  3.486   1.00 4.59  ? 7   THR A N   1 
ATOM   78   C CA  . THR A 1 11  ? 12.424  -4.858  2.597   1.00 4.74  ? 7   THR A CA  1 
ATOM   79   C C   . THR A 1 11  ? 11.571  -5.778  3.447   1.00 4.83  ? 7   THR A C   1 
ATOM   80   O O   . THR A 1 11  ? 12.031  -6.288  4.474   1.00 4.34  ? 7   THR A O   1 
ATOM   81   C CB  . THR A 1 11  ? 13.459  -5.672  1.813   1.00 4.64  ? 7   THR A CB  1 
ATOM   82   O OG1 . THR A 1 11  ? 14.246  -4.774  1.021   1.00 4.98  ? 7   THR A OG1 1 
ATOM   83   C CG2 . THR A 1 11  ? 12.778  -6.692  0.900   1.00 5.67  ? 7   THR A CG2 1 
ATOM   84   N N   . TRP A 1 12  ? 10.329  -5.970  3.018   1.00 4.86  ? 8   TRP A N   1 
ATOM   85   C CA  . TRP A 1 12  ? 9.306   -6.632  3.804   1.00 4.70  ? 8   TRP A CA  1 
ATOM   86   C C   . TRP A 1 12  ? 8.609   -7.644  2.910   1.00 4.73  ? 8   TRP A C   1 
ATOM   87   O O   . TRP A 1 12  ? 8.312   -7.345  1.747   1.00 5.53  ? 8   TRP A O   1 
ATOM   88   C CB  . TRP A 1 12  ? 8.294   -5.597  4.298   1.00 6.11  ? 8   TRP A CB  1 
ATOM   89   C CG  . TRP A 1 12  ? 8.916   -4.440  5.034   1.00 6.00  ? 8   TRP A CG  1 
ATOM   90   C CD1 . TRP A 1 12  ? 9.388   -3.269  4.495   1.00 6.28  ? 8   TRP A CD1 1 
ATOM   91   C CD2 . TRP A 1 12  ? 9.123   -4.345  6.441   1.00 6.34  ? 8   TRP A CD2 1 
ATOM   92   N NE1 . TRP A 1 12  ? 9.877   -2.455  5.491   1.00 5.79  ? 8   TRP A NE1 1 
ATOM   93   C CE2 . TRP A 1 12  ? 9.723   -3.090  6.696   1.00 5.93  ? 8   TRP A CE2 1 
ATOM   94   C CE3 . TRP A 1 12  ? 8.849   -5.195  7.519   1.00 7.07  ? 8   TRP A CE3 1 
ATOM   95   C CZ2 . TRP A 1 12  ? 10.060  -2.672  7.978   1.00 6.81  ? 8   TRP A CZ2 1 
ATOM   96   C CZ3 . TRP A 1 12  ? 9.183   -4.783  8.786   1.00 7.10  ? 8   TRP A CZ3 1 
ATOM   97   C CH2 . TRP A 1 12  ? 9.787   -3.529  9.012   1.00 7.03  ? 8   TRP A CH2 1 
ATOM   98   N N   . GLU A 1 13  ? 8.374   -8.852  3.423   1.00 5.07  ? 9   GLU A N   1 
ATOM   99   C CA  . GLU A 1 13  ? 7.713   -9.877  2.629   1.00 5.26  ? 9   GLU A CA  1 
ATOM   100  C C   . GLU A 1 13  ? 6.350   -10.245 3.193   1.00 5.00  ? 9   GLU A C   1 
ATOM   101  O O   . GLU A 1 13  ? 6.206   -10.523 4.381   1.00 5.14  ? 9   GLU A O   1 
ATOM   102  C CB  . GLU A 1 13  ? 8.574   -11.124 2.513   1.00 7.50  ? 9   GLU A CB  1 
ATOM   103  C CG  . GLU A 1 13  ? 7.896   -12.242 1.690   1.00 7.14  ? 9   GLU A CG  1 
ATOM   104  C CD  . GLU A 1 13  ? 8.760   -13.473 1.513   1.00 7.54  ? 9   GLU A CD  1 
ATOM   105  O OE1 . GLU A 1 13  ? 9.884   -13.350 0.977   1.00 8.90  ? 9   GLU A OE1 1 
ATOM   106  O OE2 . GLU A 1 13  ? 8.301   -14.577 1.890   1.00 8.59  ? 9   GLU A OE2 1 
ATOM   107  N N   . MET A 1 14  ? 5.350   -10.262 2.324   1.00 4.30  ? 10  MET A N   1 
ATOM   108  C CA  . MET A 1 14  ? 3.981   -10.556 2.717   1.00 4.71  ? 10  MET A CA  1 
ATOM   109  C C   . MET A 1 14  ? 3.861   -11.907 3.398   1.00 4.57  ? 10  MET A C   1 
ATOM   110  O O   . MET A 1 14  ? 4.339   -12.924 2.874   1.00 5.10  ? 10  MET A O   1 
ATOM   111  C CB  . MET A 1 14  ? 3.088   -10.507 1.484   1.00 5.08  ? 10  MET A CB  1 
ATOM   112  C CG  . MET A 1 14  ? 1.646   -10.850 1.722   1.00 5.01  ? 10  MET A CG  1 
ATOM   113  S SD  . MET A 1 14  ? 0.701   -10.658 0.195   1.00 4.49  ? 10  MET A SD  1 
ATOM   114  C CE  . MET A 1 14  ? 0.313   -8.900  0.272   1.00 5.69  ? 10  MET A CE  1 
ATOM   115  N N   . GLU A 1 15  ? 3.228   -11.910 4.570   1.00 4.52  ? 11  GLU A N   1 
ATOM   116  C CA  . GLU A 1 15  ? 2.928   -13.146 5.281   1.00 6.01  ? 11  GLU A CA  1 
ATOM   117  C C   . GLU A 1 15  ? 1.433   -13.443 5.330   1.00 5.02  ? 11  GLU A C   1 
ATOM   118  O O   . GLU A 1 15  ? 1.049   -14.584 5.563   1.00 5.12  ? 11  GLU A O   1 
ATOM   119  C CB  . GLU A 1 15  ? 3.543   -13.151 6.689   1.00 7.76  ? 11  GLU A CB  1 
ATOM   120  C CG  . GLU A 1 15  ? 2.965   -12.123 7.626   1.00 9.83  ? 11  GLU A CG  1 
ATOM   121  C CD  . GLU A 1 15  ? 3.387   -12.317 9.067   1.00 10.72 ? 11  GLU A CD  1 
ATOM   122  O OE1 . GLU A 1 15  ? 4.590   -12.455 9.322   1.00 12.61 ? 11  GLU A OE1 1 
ATOM   123  O OE2 . GLU A 1 15  ? 2.506   -12.303 9.943   1.00 12.92 ? 11  GLU A OE2 1 
ATOM   124  N N   . SER A 1 16  ? 0.595   -12.432 5.109   1.00 5.50  ? 12  SER A N   1 
ATOM   125  C CA  . SER A 1 16  ? -0.848  -12.652 5.008   1.00 5.46  ? 12  SER A CA  1 
ATOM   126  C C   . SER A 1 16  ? -1.485  -11.542 4.194   1.00 4.83  ? 12  SER A C   1 
ATOM   127  O O   . SER A 1 16  ? -0.982  -10.422 4.131   1.00 4.78  ? 12  SER A O   1 
ATOM   128  C CB  . SER A 1 16  ? -1.489  -12.757 6.395   1.00 6.80  ? 12  SER A CB  1 
ATOM   129  O OG  . SER A 1 16  ? -1.336  -11.558 7.105   1.00 7.81  ? 12  SER A OG  1 
ATOM   130  N N   . ASN A 1 17  ? -2.599  -11.874 3.569   1.00 5.11  ? 13  ASN A N   1 
ATOM   131  C CA  . ASN A 1 17  ? -3.322  -10.958 2.708   1.00 5.75  ? 13  ASN A CA  1 
ATOM   132  C C   . ASN A 1 17  ? -4.760  -11.417 2.759   1.00 5.52  ? 13  ASN A C   1 
ATOM   133  O O   . ASN A 1 17  ? -5.058  -12.546 2.401   1.00 6.23  ? 13  ASN A O   1 
ATOM   134  C CB  . ASN A 1 17  ? -2.772  -11.057 1.280   1.00 5.40  ? 13  ASN A CB  1 
ATOM   135  C CG  . ASN A 1 17  ? -3.231  -9.933  0.381   1.00 5.05  ? 13  ASN A CG  1 
ATOM   136  O OD1 . ASN A 1 17  ? -3.943  -9.022  0.801   1.00 5.72  ? 13  ASN A OD1 1 
ATOM   137  N ND2 . ASN A 1 17  ? -2.796  -9.981  -0.876  1.00 5.05  ? 13  ASN A ND2 1 
ATOM   138  N N   . GLU A 1 18  ? -5.636  -10.569 3.272   1.00 5.84  ? 14  GLU A N   1 
ATOM   139  C CA  . GLU A 1 18  ? -7.027  -10.951 3.443   1.00 6.48  ? 14  GLU A CA  1 
ATOM   140  C C   . GLU A 1 18  ? -7.966  -9.946  2.799   1.00 5.65  ? 14  GLU A C   1 
ATOM   141  O O   . GLU A 1 18  ? -7.836  -8.741  2.977   1.00 5.69  ? 14  GLU A O   1 
ATOM   142  C CB  . GLU A 1 18  ? -7.356  -11.182 4.918   1.00 8.90  ? 14  GLU A CB  1 
ATOM   143  C CG  . GLU A 1 18  ? -6.509  -12.291 5.594   1.00 11.07 ? 14  GLU A CG  1 
ATOM   144  C CD  . GLU A 1 18  ? -6.729  -13.690 5.010   1.00 11.61 ? 14  GLU A CD  1 
ATOM   145  O OE1 . GLU A 1 18  ? -7.837  -13.964 4.493   1.00 12.59 ? 14  GLU A OE1 1 
ATOM   146  O OE2 . GLU A 1 18  ? -5.796  -14.527 5.093   1.00 12.15 ? 14  GLU A OE2 1 
ATOM   147  N N   . ASN A 1 19  ? -8.903  -10.479 2.027   1.00 5.91  ? 15  ASN A N   1 
ATOM   148  C CA  . ASN A 1 19  ? -9.836  -9.698  1.231   1.00 5.88  ? 15  ASN A CA  1 
ATOM   149  C C   . ASN A 1 19  ? -9.192  -8.800  0.179   1.00 5.88  ? 15  ASN A C   1 
ATOM   150  O O   . ASN A 1 19  ? -9.738  -7.755  -0.168  1.00 5.62  ? 15  ASN A O   1 
ATOM   151  C CB  . ASN A 1 19  ? -10.820 -8.896  2.100   1.00 6.47  ? 15  ASN A CB  1 
ATOM   152  C CG  . ASN A 1 19  ? -12.015 -8.425  1.306   1.00 6.89  ? 15  ASN A CG  1 
ATOM   153  O OD1 . ASN A 1 19  ? -12.509 -9.139  0.430   1.00 7.85  ? 15  ASN A OD1 1 
ATOM   154  N ND2 . ASN A 1 19  ? -12.472 -7.216  1.580   1.00 7.31  ? 15  ASN A ND2 1 
ATOM   155  N N   . PHE A 1 20  ? -8.050  -9.232  -0.358  1.00 5.48  ? 16  PHE A N   1 
ATOM   156  C CA  . PHE A 1 20  ? -7.449  -8.557  -1.511  1.00 5.87  ? 16  PHE A CA  1 
ATOM   157  C C   . PHE A 1 20  ? -8.418  -8.643  -2.710  1.00 6.22  ? 16  PHE A C   1 
ATOM   158  O O   . PHE A 1 20  ? -8.530  -7.699  -3.501  1.00 5.77  ? 16  PHE A O   1 
ATOM   159  C CB  . PHE A 1 20  ? -6.094  -9.203  -1.811  1.00 5.79  ? 16  PHE A CB  1 
ATOM   160  C CG  . PHE A 1 20  ? -5.237  -8.456  -2.807  1.00 5.50  ? 16  PHE A CG  1 
ATOM   161  C CD1 . PHE A 1 20  ? -5.147  -7.060  -2.813  1.00 6.17  ? 16  PHE A CD1 1 
ATOM   162  C CD2 . PHE A 1 20  ? -4.458  -9.177  -3.713  1.00 5.58  ? 16  PHE A CD2 1 
ATOM   163  C CE1 . PHE A 1 20  ? -4.316  -6.413  -3.737  1.00 7.15  ? 16  PHE A CE1 1 
ATOM   164  C CE2 . PHE A 1 20  ? -3.629  -8.535  -4.629  1.00 6.33  ? 16  PHE A CE2 1 
ATOM   165  C CZ  . PHE A 1 20  ? -3.558  -7.163  -4.647  1.00 6.61  ? 16  PHE A CZ  1 
ATOM   166  N N   . GLU A 1 21  ? -9.139  -9.762  -2.818  1.00 7.18  ? 17  GLU A N   1 
ATOM   167  C CA  . GLU A 1 21  ? -10.138 -9.948  -3.877  1.00 8.28  ? 17  GLU A CA  1 
ATOM   168  C C   . GLU A 1 21  ? -11.218 -8.863  -3.820  1.00 7.58  ? 17  GLU A C   1 
ATOM   169  O O   . GLU A 1 21  ? -11.555 -8.257  -4.835  1.00 7.22  ? 17  GLU A O   1 
ATOM   170  C CB  . GLU A 1 21  ? -10.788 -11.335 -3.741  1.00 11.13 ? 17  GLU A CB  1 
ATOM   171  C CG  . GLU A 1 21  ? -11.866 -11.674 -4.785  1.00 15.01 ? 17  GLU A CG  1 
ATOM   172  C CD  . GLU A 1 21  ? -11.346 -12.569 -5.917  1.00 17.49 ? 17  GLU A CD  1 
ATOM   173  O OE1 . GLU A 1 21  ? -10.695 -13.595 -5.623  1.00 19.06 ? 17  GLU A OE1 1 
ATOM   174  O OE2 . GLU A 1 21  ? -11.615 -12.263 -7.103  1.00 19.29 ? 17  GLU A OE2 1 
ATOM   175  N N   . GLY A 1 22  ? -11.757 -8.629  -2.627  1.00 8.20  ? 18  GLY A N   1 
ATOM   176  C CA  . GLY A 1 22  ? -12.799 -7.632  -2.446  1.00 7.73  ? 18  GLY A CA  1 
ATOM   177  C C   . GLY A 1 22  ? -12.307 -6.247  -2.825  1.00 7.73  ? 18  GLY A C   1 
ATOM   178  O O   . GLY A 1 22  ? -12.992 -5.498  -3.526  1.00 7.61  ? 18  GLY A O   1 
ATOM   179  N N   . TYR A 1 23  ? -11.106 -5.912  -2.367  1.00 7.10  ? 19  TYR A N   1 
ATOM   180  C CA  . TYR A 1 23  ? -10.494 -4.636  -2.681  1.00 6.94  ? 19  TYR A CA  1 
ATOM   181  C C   . TYR A 1 23  ? -10.311 -4.481  -4.186  1.00 6.95  ? 19  TYR A C   1 
ATOM   182  O O   . TYR A 1 23  ? -10.697 -3.467  -4.761  1.00 6.55  ? 19  TYR A O   1 
ATOM   183  C CB  . TYR A 1 23  ? -9.165  -4.516  -1.945  1.00 6.58  ? 19  TYR A CB  1 
ATOM   184  C CG  . TYR A 1 23  ? -8.319  -3.333  -2.339  1.00 6.09  ? 19  TYR A CG  1 
ATOM   185  C CD1 . TYR A 1 23  ? -8.628  -2.042  -1.896  1.00 6.17  ? 19  TYR A CD1 1 
ATOM   186  C CD2 . TYR A 1 23  ? -7.199  -3.501  -3.154  1.00 6.49  ? 19  TYR A CD2 1 
ATOM   187  C CE1 . TYR A 1 23  ? -7.840  -0.961  -2.256  1.00 6.37  ? 19  TYR A CE1 1 
ATOM   188  C CE2 . TYR A 1 23  ? -6.407  -2.426  -3.522  1.00 6.71  ? 19  TYR A CE2 1 
ATOM   189  C CZ  . TYR A 1 23  ? -6.732  -1.168  -3.072  1.00 6.44  ? 19  TYR A CZ  1 
ATOM   190  O OH  . TYR A 1 23  ? -5.932  -0.121  -3.436  1.00 6.72  ? 19  TYR A OH  1 
ATOM   191  N N   . MET A 1 24  ? -9.738  -5.495  -4.828  1.00 6.93  ? 20  MET A N   1 
ATOM   192  C CA  . MET A 1 24  ? -9.557  -5.450  -6.286  1.00 7.32  ? 20  MET A CA  1 
ATOM   193  C C   . MET A 1 24  ? -10.880 -5.326  -7.055  1.00 7.51  ? 20  MET A C   1 
ATOM   194  O O   . MET A 1 24  ? -10.967 -4.554  -8.024  1.00 7.31  ? 20  MET A O   1 
ATOM   195  C CB  . MET A 1 24  ? -8.767  -6.656  -6.785  1.00 7.28  ? 20  MET A CB  1 
ATOM   196  C CG  . MET A 1 24  ? -7.297  -6.654  -6.395  1.00 7.49  ? 20  MET A CG  1 
ATOM   197  S SD  . MET A 1 24  ? -6.362  -7.938  -7.264  1.00 6.92  ? 20  MET A SD  1 
ATOM   198  C CE  . MET A 1 24  ? -6.950  -9.415  -6.429  1.00 7.28  ? 20  MET A CE  1 
ATOM   199  N N   . LYS A 1 25  ? -11.900 -6.076  -6.629  1.00 8.05  ? 21  LYS A N   1 
ATOM   200  C CA  . LYS A 1 25  ? -13.236 -5.962  -7.228  1.00 9.21  ? 21  LYS A CA  1 
ATOM   201  C C   . LYS A 1 25  ? -13.805 -4.552  -7.086  1.00 9.24  ? 21  LYS A C   1 
ATOM   202  O O   . LYS A 1 25  ? -14.418 -4.029  -8.020  1.00 9.84  ? 21  LYS A O   1 
ATOM   203  C CB  . LYS A 1 25  ? -14.202 -6.967  -6.606  1.00 10.88 ? 21  LYS A CB  1 
ATOM   204  C CG  . LYS A 1 25  ? -14.004 -8.397  -7.030  1.00 13.22 ? 21  LYS A CG  1 
ATOM   205  C CD  . LYS A 1 25  ? -15.042 -9.293  -6.381  1.00 15.24 ? 21  LYS A CD  1 
ATOM   206  C CE  . LYS A 1 25  ? -14.708 -10.753 -6.577  1.00 16.46 ? 21  LYS A CE  1 
ATOM   207  N NZ  . LYS A 1 25  ? -15.691 -11.624 -5.881  1.00 17.84 ? 21  LYS A NZ  1 
ATOM   208  N N   . ALA A 1 26  ? -13.601 -3.936  -5.924  1.00 8.75  ? 22  ALA A N   1 
ATOM   209  C CA  . ALA A 1 26  ? -14.075 -2.573  -5.687  1.00 9.56  ? 22  ALA A CA  1 
ATOM   210  C C   . ALA A 1 26  ? -13.403 -1.567  -6.626  1.00 9.71  ? 22  ALA A C   1 
ATOM   211  O O   . ALA A 1 26  ? -13.993 -0.540  -6.968  1.00 11.10 ? 22  ALA A O   1 
ATOM   212  C CB  . ALA A 1 26  ? -13.863 -2.178  -4.228  1.00 10.00 ? 22  ALA A CB  1 
ATOM   213  N N   . LEU A 1 27  ? -12.178 -1.873  -7.054  1.00 9.29  ? 23  LEU A N   1 
ATOM   214  C CA  . LEU A 1 27  ? -11.450 -1.033  -8.011  1.00 10.19 ? 23  LEU A CA  1 
ATOM   215  C C   . LEU A 1 27  ? -11.796 -1.326  -9.470  1.00 10.97 ? 23  LEU A C   1 
ATOM   216  O O   . LEU A 1 27  ? -11.250 -0.688  -10.380 1.00 11.34 ? 23  LEU A O   1 
ATOM   217  C CB  . LEU A 1 27  ? -9.944  -1.193  -7.816  1.00 10.65 ? 23  LEU A CB  1 
ATOM   218  C CG  . LEU A 1 27  ? -9.367  -0.573  -6.552  1.00 11.13 ? 23  LEU A CG  1 
ATOM   219  C CD1 . LEU A 1 27  ? -7.913  -0.948  -6.436  1.00 11.93 ? 23  LEU A CD1 1 
ATOM   220  C CD2 . LEU A 1 27  ? -9.534  0.949   -6.568  1.00 11.92 ? 23  LEU A CD2 1 
ATOM   221  N N   . ASP A 1 28  ? -12.691 -2.290  -9.688  1.00 12.13 ? 24  ASP A N   1 
ATOM   222  C CA  . ASP A 1 28  ? -13.054 -2.767  -11.037 1.00 12.86 ? 24  ASP A CA  1 
ATOM   223  C C   . ASP A 1 28  ? -11.908 -3.464  -11.770 1.00 12.81 ? 24  ASP A C   1 
ATOM   224  O O   . ASP A 1 28  ? -11.897 -3.520  -13.006 1.00 14.28 ? 24  ASP A O   1 
ATOM   225  C CB  . ASP A 1 28  ? -13.599 -1.628  -11.912 1.00 14.03 ? 24  ASP A CB  1 
ATOM   226  C CG  . ASP A 1 28  ? -14.774 -0.926  -11.292 1.00 15.13 ? 24  ASP A CG  1 
ATOM   227  O OD1 . ASP A 1 28  ? -15.692 -1.601  -10.781 1.00 16.06 ? 24  ASP A OD1 1 
ATOM   228  O OD2 . ASP A 1 28  ? -14.786 0.318   -11.332 1.00 16.20 ? 24  ASP A OD2 1 
ATOM   229  N N   . ILE A 1 29  ? -10.941 -3.991  -11.022 1.00 11.69 ? 25  ILE A N   1 
ATOM   230  C CA  . ILE A 1 29  ? -9.893  -4.803  -11.621 1.00 11.85 ? 25  ILE A CA  1 
ATOM   231  C C   . ILE A 1 29  ? -10.522 -6.072  -12.180 1.00 11.68 ? 25  ILE A C   1 
ATOM   232  O O   . ILE A 1 29  ? -11.355 -6.698  -11.531 1.00 11.30 ? 25  ILE A O   1 
ATOM   233  C CB  . ILE A 1 29  ? -8.759  -5.089  -10.615 1.00 12.10 ? 25  ILE A CB  1 
ATOM   234  C CG1 . ILE A 1 29  ? -8.003  -3.780  -10.326 1.00 13.76 ? 25  ILE A CG1 1 
ATOM   235  C CG2 . ILE A 1 29  ? -7.802  -6.165  -11.157 1.00 11.72 ? 25  ILE A CG2 1 
ATOM   236  C CD1 . ILE A 1 29  ? -7.117  -3.812  -9.113  1.00 14.72 ? 25  ILE A CD1 1 
ATOM   237  N N   . ASP A 1 30  ? -10.145 -6.418  -13.409 1.00 12.66 ? 26  ASP A N   1 
ATOM   238  C CA  . ASP A 1 30  ? -10.797 -7.490  -14.145 1.00 13.49 ? 26  ASP A CA  1 
ATOM   239  C C   . ASP A 1 30  ? -10.574 -8.861  -13.505 1.00 12.60 ? 26  ASP A C   1 
ATOM   240  O O   . ASP A 1 30  ? -9.574  -9.082  -12.812 1.00 11.61 ? 26  ASP A O   1 
ATOM   241  C CB  . ASP A 1 30  ? -10.320 -7.504  -15.598 1.00 15.11 ? 26  ASP A CB  1 
ATOM   242  C CG  . ASP A 1 30  ? -8.838  -7.813  -15.718 1.00 16.79 ? 26  ASP A CG  1 
ATOM   243  O OD1 . ASP A 1 30  ? -8.013  -6.885  -15.565 1.00 17.72 ? 26  ASP A OD1 1 
ATOM   244  O OD2 . ASP A 1 30  ? -8.496  -8.982  -15.963 1.00 17.74 ? 26  ASP A OD2 1 
ATOM   245  N N   . PHE A 1 31  ? -11.509 -9.772  -13.760 1.00 12.20 ? 27  PHE A N   1 
ATOM   246  C CA  . PHE A 1 31  ? -11.487 -11.131 -13.227 1.00 11.48 ? 27  PHE A CA  1 
ATOM   247  C C   . PHE A 1 31  ? -10.140 -11.834 -13.442 1.00 10.87 ? 27  PHE A C   1 
ATOM   248  O O   . PHE A 1 31  ? -9.587  -12.417 -12.509 1.00 10.27 ? 27  PHE A O   1 
ATOM   249  C CB  . PHE A 1 31  ? -12.618 -11.953 -13.868 1.00 12.92 ? 27  PHE A CB  1 
ATOM   250  C CG  . PHE A 1 31  ? -12.719 -13.366 -13.359 1.00 13.31 ? 27  PHE A CG  1 
ATOM   251  C CD1 . PHE A 1 31  ? -13.625 -13.695 -12.355 1.00 13.95 ? 27  PHE A CD1 1 
ATOM   252  C CD2 . PHE A 1 31  ? -11.924 -14.377 -13.899 1.00 13.69 ? 27  PHE A CD2 1 
ATOM   253  C CE1 . PHE A 1 31  ? -13.731 -15.003 -11.891 1.00 14.19 ? 27  PHE A CE1 1 
ATOM   254  C CE2 . PHE A 1 31  ? -12.028 -15.689 -13.443 1.00 14.23 ? 27  PHE A CE2 1 
ATOM   255  C CZ  . PHE A 1 31  ? -12.930 -15.999 -12.432 1.00 14.17 ? 27  PHE A CZ  1 
ATOM   256  N N   . ALA A 1 32  ? -9.634  -11.796 -14.674 1.00 10.39 ? 28  ALA A N   1 
ATOM   257  C CA  . ALA A 1 32  ? -8.403  -12.508 -15.013 1.00 9.67  ? 28  ALA A CA  1 
ATOM   258  C C   . ALA A 1 32  ? -7.221  -11.999 -14.191 1.00 9.22  ? 28  ALA A C   1 
ATOM   259  O O   . ALA A 1 32  ? -6.427  -12.787 -13.673 1.00 9.22  ? 28  ALA A O   1 
ATOM   260  C CB  . ALA A 1 32  ? -8.112  -12.398 -16.503 1.00 9.89  ? 28  ALA A CB  1 
ATOM   261  N N   . THR A 1 33  ? -7.110  -10.679 -14.075 1.00 8.37  ? 29  THR A N   1 
ATOM   262  C CA  . THR A 1 33  ? -6.067  -10.068 -13.256 1.00 8.59  ? 29  THR A CA  1 
ATOM   263  C C   . THR A 1 33  ? -6.194  -10.472 -11.789 1.00 7.58  ? 29  THR A C   1 
ATOM   264  O O   . THR A 1 33  ? -5.205  -10.821 -11.149 1.00 7.09  ? 29  THR A O   1 
ATOM   265  C CB  . THR A 1 33  ? -6.088  -8.545  -13.380 1.00 9.12  ? 29  THR A CB  1 
ATOM   266  O OG1 . THR A 1 33  ? -5.896  -8.194  -14.758 1.00 10.89 ? 29  THR A OG1 1 
ATOM   267  C CG2 . THR A 1 33  ? -4.985  -7.908  -12.535 1.00 10.14 ? 29  THR A CG2 1 
ATOM   268  N N   . ARG A 1 34  ? -7.415  -10.414 -11.261 1.00 6.99  ? 30  ARG A N   1 
ATOM   269  C CA  . ARG A 1 34  ? -7.654  -10.799 -9.869  1.00 6.76  ? 30  ARG A CA  1 
ATOM   270  C C   . ARG A 1 34  ? -7.223  -12.230 -9.618  1.00 7.16  ? 30  ARG A C   1 
ATOM   271  O O   . ARG A 1 34  ? -6.557  -12.515 -8.627  1.00 7.45  ? 30  ARG A O   1 
ATOM   272  C CB  . ARG A 1 34  ? -9.129  -10.620 -9.485  1.00 7.67  ? 30  ARG A CB  1 
ATOM   273  C CG  . ARG A 1 34  ? -9.587  -9.175  -9.503  1.00 8.90  ? 30  ARG A CG  1 
ATOM   274  C CD  . ARG A 1 34  ? -10.882 -8.975  -8.719  1.00 10.20 ? 30  ARG A CD  1 
ATOM   275  N NE  . ARG A 1 34  ? -11.876 -10.019 -8.967  1.00 12.41 ? 30  ARG A NE  1 
ATOM   276  C CZ  . ARG A 1 34  ? -12.826 -9.958  -9.897  1.00 12.86 ? 30  ARG A CZ  1 
ATOM   277  N NH1 . ARG A 1 34  ? -12.927 -8.897  -10.688 1.00 13.61 ? 30  ARG A NH1 1 
ATOM   278  N NH2 . ARG A 1 34  ? -13.685 -10.961 -10.027 1.00 14.29 ? 30  ARG A NH2 1 
ATOM   279  N N   . LYS A 1 35  ? -7.575  -13.125 -10.531 1.00 7.56  ? 31  LYS A N   1 
ATOM   280  C CA  . LYS A 1 35  ? -7.262  -14.538 -10.353 1.00 8.60  ? 31  LYS A CA  1 
ATOM   281  C C   . LYS A 1 35  ? -5.759  -14.800 -10.364 1.00 7.94  ? 31  LYS A C   1 
ATOM   282  O O   . LYS A 1 35  ? -5.266  -15.640 -9.607  1.00 8.74  ? 31  LYS A O   1 
ATOM   283  C CB  . LYS A 1 35  ? -7.975  -15.397 -11.399 1.00 10.58 ? 31  LYS A CB  1 
ATOM   284  C CG  . LYS A 1 35  ? -9.490  -15.401 -11.259 1.00 14.00 ? 31  LYS A CG  1 
ATOM   285  C CD  . LYS A 1 35  ? -9.927  -15.726 -9.835  1.00 15.73 ? 31  LYS A CD  1 
ATOM   286  C CE  . LYS A 1 35  ? -11.241 -15.051 -9.505  1.00 16.97 ? 31  LYS A CE  1 
ATOM   287  N NZ  . LYS A 1 35  ? -11.217 -13.606 -9.874  1.00 17.47 ? 31  LYS A NZ  1 
ATOM   288  N N   . ILE A 1 36  ? -5.029  -14.074 -11.207 1.00 6.92  ? 32  ILE A N   1 
ATOM   289  C CA  . ILE A 1 36  ? -3.575  -14.200 -11.235 1.00 6.48  ? 32  ILE A CA  1 
ATOM   290  C C   . ILE A 1 36  ? -2.947  -13.663 -9.951  1.00 6.26  ? 32  ILE A C   1 
ATOM   291  O O   . ILE A 1 36  ? -2.098  -14.319 -9.351  1.00 7.39  ? 32  ILE A O   1 
ATOM   292  C CB  . ILE A 1 36  ? -2.971  -13.485 -12.466 1.00 6.83  ? 32  ILE A CB  1 
ATOM   293  C CG1 . ILE A 1 36  ? -3.425  -14.195 -13.737 1.00 7.72  ? 32  ILE A CG1 1 
ATOM   294  C CG2 . ILE A 1 36  ? -1.439  -13.460 -12.393 1.00 7.29  ? 32  ILE A CG2 1 
ATOM   295  C CD1 . ILE A 1 36  ? -3.278  -13.373 -14.982 1.00 8.17  ? 32  ILE A CD1 1 
ATOM   296  N N   . ALA A 1 37  ? -3.384  -12.483 -9.526  1.00 5.85  ? 33  ALA A N   1 
ATOM   297  C CA  . ALA A 1 37  ? -2.703  -11.732 -8.471  1.00 5.25  ? 33  ALA A CA  1 
ATOM   298  C C   . ALA A 1 37  ? -3.090  -12.142 -7.053  1.00 4.70  ? 33  ALA A C   1 
ATOM   299  O O   . ALA A 1 37  ? -2.336  -11.910 -6.122  1.00 4.85  ? 33  ALA A O   1 
ATOM   300  C CB  . ALA A 1 37  ? -2.963  -10.246 -8.639  1.00 5.76  ? 33  ALA A CB  1 
ATOM   301  N N   . VAL A 1 38  ? -4.285  -12.700 -6.874  1.00 4.72  ? 34  VAL A N   1 
ATOM   302  C CA  . VAL A 1 38  ? -4.891  -12.721 -5.536  1.00 5.40  ? 34  VAL A CA  1 
ATOM   303  C C   . VAL A 1 38  ? -3.987  -13.359 -4.476  1.00 5.74  ? 34  VAL A C   1 
ATOM   304  O O   . VAL A 1 38  ? -3.867  -12.832 -3.377  1.00 6.22  ? 34  VAL A O   1 
ATOM   305  C CB  . VAL A 1 38  ? -6.319  -13.337 -5.529  1.00 6.30  ? 34  VAL A CB  1 
ATOM   306  C CG1 . VAL A 1 38  ? -6.319  -14.766 -6.086  1.00 6.82  ? 34  VAL A CG1 1 
ATOM   307  C CG2 . VAL A 1 38  ? -6.930  -13.277 -4.117  1.00 7.30  ? 34  VAL A CG2 1 
ATOM   308  N N   . ARG A 1 39  ? -3.328  -14.461 -4.820  1.00 5.71  ? 35  ARG A N   1 
ATOM   309  C CA  . ARG A 1 39  ? -2.534  -15.193 -3.825  1.00 6.52  ? 35  ARG A CA  1 
ATOM   310  C C   . ARG A 1 39  ? -1.038  -15.256 -4.116  1.00 5.60  ? 35  ARG A C   1 
ATOM   311  O O   . ARG A 1 39  ? -0.326  -16.101 -3.576  1.00 6.30  ? 35  ARG A O   1 
ATOM   312  C CB  . ARG A 1 39  ? -3.146  -16.571 -3.537  1.00 8.27  ? 35  ARG A CB  1 
ATOM   313  C CG  . ARG A 1 39  ? -4.540  -16.444 -2.925  1.00 9.59  ? 35  ARG A CG  1 
ATOM   314  C CD  . ARG A 1 39  ? -5.156  -17.759 -2.527  1.00 11.61 ? 35  ARG A CD  1 
ATOM   315  N NE  . ARG A 1 39  ? -6.507  -17.546 -2.010  1.00 13.68 ? 35  ARG A NE  1 
ATOM   316  C CZ  . ARG A 1 39  ? -7.611  -17.615 -2.752  1.00 14.84 ? 35  ARG A CZ  1 
ATOM   317  N NH1 . ARG A 1 39  ? -8.795  -17.394 -2.197  1.00 16.23 ? 35  ARG A NH1 1 
ATOM   318  N NH2 . ARG A 1 39  ? -7.528  -17.894 -4.050  1.00 15.52 ? 35  ARG A NH2 1 
ATOM   319  N N   . LEU A 1 40  ? -0.550  -14.332 -4.935  1.00 4.79  ? 36  LEU A N   1 
ATOM   320  C CA  . LEU A 1 40  ? 0.895   -14.202 -5.147  1.00 4.53  ? 36  LEU A CA  1 
ATOM   321  C C   . LEU A 1 40  ? 1.521   -13.370 -4.044  1.00 4.41  ? 36  LEU A C   1 
ATOM   322  O O   . LEU A 1 40  ? 1.065   -12.256 -3.747  1.00 5.39  ? 36  LEU A O   1 
ATOM   323  C CB  . LEU A 1 40  ? 1.204   -13.587 -6.513  1.00 5.26  ? 36  LEU A CB  1 
ATOM   324  C CG  . LEU A 1 40  ? 0.944   -14.461 -7.742  1.00 6.03  ? 36  LEU A CG  1 
ATOM   325  C CD1 . LEU A 1 40  ? 1.212   -13.688 -9.036  1.00 6.74  ? 36  LEU A CD1 1 
ATOM   326  C CD2 . LEU A 1 40  ? 1.796   -15.720 -7.700  1.00 7.33  ? 36  LEU A CD2 1 
ATOM   327  N N   . THR A 1 41  ? 2.565   -13.907 -3.440  1.00 4.24  ? 37  THR A N   1 
ATOM   328  C CA  . THR A 1 41  ? 3.265   -13.213 -2.375  1.00 4.83  ? 37  THR A CA  1 
ATOM   329  C C   . THR A 1 41  ? 3.897   -11.916 -2.865  1.00 4.80  ? 37  THR A C   1 
ATOM   330  O O   . THR A 1 41  ? 4.631   -11.903 -3.877  1.00 6.14  ? 37  THR A O   1 
ATOM   331  C CB  . THR A 1 41  ? 4.340   -14.114 -1.793  1.00 5.11  ? 37  THR A CB  1 
ATOM   332  O OG1 . THR A 1 41  ? 3.736   -15.360 -1.430  1.00 5.98  ? 37  THR A OG1 1 
ATOM   333  C CG2 . THR A 1 41  ? 4.986   -13.484 -0.565  1.00 6.52  ? 37  THR A CG2 1 
ATOM   334  N N   . GLN A 1 42  ? 3.617   -10.825 -2.161  1.00 4.30  ? 38  GLN A N   1 
ATOM   335  C CA  . GLN A 1 42  ? 4.213   -9.544  -2.493  1.00 5.49  ? 38  GLN A CA  1 
ATOM   336  C C   . GLN A 1 42  ? 5.403   -9.219  -1.610  1.00 5.61  ? 38  GLN A C   1 
ATOM   337  O O   . GLN A 1 42  ? 5.486   -9.638  -0.453  1.00 6.47  ? 38  GLN A O   1 
ATOM   338  C CB  . GLN A 1 42  ? 3.183   -8.437  -2.363  1.00 5.81  ? 38  GLN A CB  1 
ATOM   339  C CG  . GLN A 1 42  ? 1.975   -8.642  -3.245  1.00 6.12  ? 38  GLN A CG  1 
ATOM   340  C CD  . GLN A 1 42  ? 0.893   -7.614  -3.025  1.00 5.63  ? 38  GLN A CD  1 
ATOM   341  O OE1 . GLN A 1 42  ? 1.128   -6.550  -2.454  1.00 7.34  ? 38  GLN A OE1 1 
ATOM   342  N NE2 . GLN A 1 42  ? -0.313  -7.930  -3.474  1.00 6.77  ? 38  GLN A NE2 1 
ATOM   343  N N   . THR A 1 43  ? 6.323   -8.452  -2.175  1.00 5.24  ? 39  THR A N   1 
ATOM   344  C CA  . THR A 1 43  ? 7.433   -7.883  -1.430  1.00 5.76  ? 39  THR A CA  1 
ATOM   345  C C   . THR A 1 43  ? 7.338   -6.369  -1.519  1.00 5.82  ? 39  THR A C   1 
ATOM   346  O O   . THR A 1 43  ? 6.968   -5.820  -2.564  1.00 6.28  ? 39  THR A O   1 
ATOM   347  C CB  . THR A 1 43  ? 8.779   -8.410  -1.965  1.00 6.60  ? 39  THR A CB  1 
ATOM   348  O OG1 . THR A 1 43  ? 8.842   -9.821  -1.734  1.00 7.90  ? 39  THR A OG1 1 
ATOM   349  C CG2 . THR A 1 43  ? 9.966   -7.742  -1.269  1.00 7.41  ? 39  THR A CG2 1 
ATOM   350  N N   . LYS A 1 44  ? 7.627   -5.696  -0.412  1.00 5.90  ? 40  LYS A N   1 
ATOM   351  C CA  . LYS A 1 44  ? 7.617   -4.244  -0.385  1.00 7.02  ? 40  LYS A CA  1 
ATOM   352  C C   . LYS A 1 44  ? 8.994   -3.741  -0.022  1.00 6.86  ? 40  LYS A C   1 
ATOM   353  O O   . LYS A 1 44  ? 9.588   -4.176  0.973   1.00 6.46  ? 40  LYS A O   1 
ATOM   354  C CB  . LYS A 1 44  ? 6.591   -3.719  0.611   1.00 9.36  ? 40  LYS A CB  1 
ATOM   355  C CG  . LYS A 1 44  ? 6.122   -2.297  0.313   1.00 12.22 ? 40  LYS A CG  1 
ATOM   356  C CD  . LYS A 1 44  ? 4.825   -1.973  1.040   1.00 13.79 ? 40  LYS A CD  1 
ATOM   357  C CE  . LYS A 1 44  ? 3.640   -2.854  0.577   1.00 13.75 ? 40  LYS A CE  1 
ATOM   358  N NZ  . LYS A 1 44  ? 2.823   -2.268  -0.552  1.00 12.76 ? 40  LYS A NZ  1 
ATOM   359  N N   . VAL A 1 45  ? 9.508   -2.837  -0.844  1.00 5.66  ? 41  VAL A N   1 
ATOM   360  C CA  . VAL A 1 45  ? 10.763  -2.167  -0.551  1.00 6.28  ? 41  VAL A CA  1 
ATOM   361  C C   . VAL A 1 45  ? 10.458  -0.700  -0.316  1.00 5.79  ? 41  VAL A C   1 
ATOM   362  O O   . VAL A 1 45  ? 9.856   -0.042  -1.163  1.00 6.46  ? 41  VAL A O   1 
ATOM   363  C CB  . VAL A 1 45  ? 11.782  -2.322  -1.705  1.00 6.96  ? 41  VAL A CB  1 
ATOM   364  C CG1 . VAL A 1 45  ? 13.076  -1.580  -1.381  1.00 8.17  ? 41  VAL A CG1 1 
ATOM   365  C CG2 . VAL A 1 45  ? 12.080  -3.798  -1.963  1.00 8.92  ? 41  VAL A CG2 1 
ATOM   366  N N   . ILE A 1 46  ? 10.845  -0.208  0.854   1.00 5.33  ? 42  ILE A N   1 
ATOM   367  C CA  . ILE A 1 46  ? 10.598  1.163   1.253   1.00 5.69  ? 42  ILE A CA  1 
ATOM   368  C C   . ILE A 1 46  ? 11.921  1.865   1.486   1.00 6.05  ? 42  ILE A C   1 
ATOM   369  O O   . ILE A 1 46  ? 12.747  1.410   2.279   1.00 5.86  ? 42  ILE A O   1 
ATOM   370  C CB  . ILE A 1 46  ? 9.753   1.214   2.522   1.00 6.31  ? 42  ILE A CB  1 
ATOM   371  C CG1 . ILE A 1 46  ? 8.388   0.576   2.250   1.00 7.55  ? 42  ILE A CG1 1 
ATOM   372  C CG2 . ILE A 1 46  ? 9.603   2.660   2.993   1.00 6.33  ? 42  ILE A CG2 1 
ATOM   373  C CD1 . ILE A 1 46  ? 7.514   0.442   3.455   1.00 8.43  ? 42  ILE A CD1 1 
ATOM   374  N N   . ASP A 1 47  ? 12.117  2.963   0.760   1.00 6.43  ? 43  ASP A N   1 
ATOM   375  C CA  . ASP A 1 47  ? 13.278  3.817   0.904   1.00 8.49  ? 43  ASP A CA  1 
ATOM   376  C C   . ASP A 1 47  ? 12.748  5.164   1.378   1.00 8.09  ? 43  ASP A C   1 
ATOM   377  O O   . ASP A 1 47  ? 12.085  5.875   0.631   1.00 8.88  ? 43  ASP A O   1 
ATOM   378  C CB  . ASP A 1 47  ? 13.992  3.940   -0.446  1.00 11.55 ? 43  ASP A CB  1 
ATOM   379  C CG  . ASP A 1 47  ? 15.311  4.708   -0.363  1.00 14.43 ? 43  ASP A CG  1 
ATOM   380  O OD1 . ASP A 1 47  ? 15.835  5.087   -1.435  1.00 16.90 ? 43  ASP A OD1 1 
ATOM   381  O OD2 . ASP A 1 47  ? 15.833  4.917   0.752   1.00 16.76 ? 43  ASP A OD2 1 
ATOM   382  N N   . GLN A 1 48  ? 13.019  5.490   2.636   1.00 7.86  ? 44  GLN A N   1 
ATOM   383  C CA  . GLN A 1 48  ? 12.423  6.643   3.284   1.00 8.73  ? 44  GLN A CA  1 
ATOM   384  C C   . GLN A 1 48  ? 13.494  7.531   3.901   1.00 9.39  ? 44  GLN A C   1 
ATOM   385  O O   . GLN A 1 48  ? 14.343  7.064   4.666   1.00 9.04  ? 44  GLN A O   1 
ATOM   386  C CB  . GLN A 1 48  ? 11.451  6.168   4.364   1.00 8.31  ? 44  GLN A CB  1 
ATOM   387  C CG  . GLN A 1 48  ? 10.905  7.257   5.267   1.00 8.44  ? 44  GLN A CG  1 
ATOM   388  C CD  . GLN A 1 48  ? 10.187  6.684   6.471   1.00 8.67  ? 44  GLN A CD  1 
ATOM   389  O OE1 . GLN A 1 48  ? 10.064  5.466   6.616   1.00 8.75  ? 44  GLN A OE1 1 
ATOM   390  N NE2 . GLN A 1 48  ? 9.715   7.558   7.352   1.00 9.43  ? 44  GLN A NE2 1 
ATOM   391  N N   . ASP A 1 49  ? 13.460  8.812   3.552   1.00 10.45 ? 45  ASP A N   1 
ATOM   392  C CA  . ASP A 1 49  ? 14.315  9.808   4.181   1.00 12.63 ? 45  ASP A CA  1 
ATOM   393  C C   . ASP A 1 49  ? 13.415  10.922  4.674   1.00 12.53 ? 45  ASP A C   1 
ATOM   394  O O   . ASP A 1 49  ? 12.933  11.734  3.881   1.00 11.47 ? 45  ASP A O   1 
ATOM   395  C CB  . ASP A 1 49  ? 15.345  10.342  3.183   1.00 15.19 ? 45  ASP A CB  1 
ATOM   396  C CG  . ASP A 1 49  ? 16.279  11.396  3.793   1.00 17.33 ? 45  ASP A CG  1 
ATOM   397  O OD1 . ASP A 1 49  ? 16.381  11.483  5.036   1.00 19.04 ? 45  ASP A OD1 1 
ATOM   398  O OD2 . ASP A 1 49  ? 16.921  12.139  3.015   1.00 19.44 ? 45  ASP A OD2 1 
ATOM   399  N N   . GLY A 1 50  ? 13.158  10.931  5.978   1.00 13.01 ? 46  GLY A N   1 
ATOM   400  C CA  . GLY A 1 50  ? 12.215  11.865  6.581   1.00 13.88 ? 46  GLY A CA  1 
ATOM   401  C C   . GLY A 1 50  ? 10.817  11.701  6.016   1.00 13.86 ? 46  GLY A C   1 
ATOM   402  O O   . GLY A 1 50  ? 10.187  10.645  6.177   1.00 14.82 ? 46  GLY A O   1 
ATOM   403  N N   . ASP A 1 51  ? 10.342  12.747  5.341   1.00 13.60 ? 47  ASP A N   1 
ATOM   404  C CA  . ASP A 1 51  ? 9.010   12.757  4.732   1.00 13.27 ? 47  ASP A CA  1 
ATOM   405  C C   . ASP A 1 51  ? 9.017   12.240  3.289   1.00 11.91 ? 47  ASP A C   1 
ATOM   406  O O   . ASP A 1 51  ? 7.959   12.110  2.666   1.00 10.70 ? 47  ASP A O   1 
ATOM   407  C CB  . ASP A 1 51  ? 8.414   14.172  4.785   1.00 15.13 ? 47  ASP A CB  1 
ATOM   408  C CG  . ASP A 1 51  ? 7.819   14.515  6.155   1.00 15.80 ? 47  ASP A CG  1 
ATOM   409  O OD1 . ASP A 1 51  ? 7.660   15.722  6.451   1.00 17.83 ? 47  ASP A OD1 1 
ATOM   410  O OD2 . ASP A 1 51  ? 7.485   13.594  6.924   1.00 16.65 ? 47  ASP A OD2 1 
ATOM   411  N N   . ASN A 1 52  ? 10.200  11.942  2.764   1.00 10.83 ? 48  ASN A N   1 
ATOM   412  C CA  . ASN A 1 52  ? 10.330  11.510  1.372   1.00 10.49 ? 48  ASN A CA  1 
ATOM   413  C C   . ASN A 1 52  ? 10.373  9.993   1.244   1.00 9.35  ? 48  ASN A C   1 
ATOM   414  O O   . ASN A 1 52  ? 11.283  9.348   1.773   1.00 9.32  ? 48  ASN A O   1 
ATOM   415  C CB  . ASN A 1 52  ? 11.573  12.134  0.734   1.00 12.21 ? 48  ASN A CB  1 
ATOM   416  C CG  . ASN A 1 52  ? 11.603  13.642  0.882   1.00 13.72 ? 48  ASN A CG  1 
ATOM   417  O OD1 . ASN A 1 52  ? 12.520  14.203  1.492   1.00 15.14 ? 48  ASN A OD1 1 
ATOM   418  N ND2 . ASN A 1 52  ? 10.590  14.308  0.344   1.00 14.21 ? 48  ASN A ND2 1 
ATOM   419  N N   . PHE A 1 53  ? 9.393   9.437   0.530   1.00 7.47  ? 49  PHE A N   1 
ATOM   420  C CA  . PHE A 1 53  ? 9.253   7.985   0.363   1.00 7.06  ? 49  PHE A CA  1 
ATOM   421  C C   . PHE A 1 53  ? 9.406   7.580   -1.086  1.00 7.02  ? 49  PHE A C   1 
ATOM   422  O O   . PHE A 1 53  ? 8.820   8.201   -1.983  1.00 7.09  ? 49  PHE A O   1 
ATOM   423  C CB  . PHE A 1 53  ? 7.865   7.519   0.804   1.00 7.09  ? 49  PHE A CB  1 
ATOM   424  C CG  . PHE A 1 53  ? 7.701   7.357   2.285   1.00 6.74  ? 49  PHE A CG  1 
ATOM   425  C CD1 . PHE A 1 53  ? 7.571   8.470   3.116   1.00 6.77  ? 49  PHE A CD1 1 
ATOM   426  C CD2 . PHE A 1 53  ? 7.606   6.087   2.850   1.00 7.13  ? 49  PHE A CD2 1 
ATOM   427  C CE1 . PHE A 1 53  ? 7.393   8.321   4.471   1.00 7.02  ? 49  PHE A CE1 1 
ATOM   428  C CE2 . PHE A 1 53  ? 7.424   5.934   4.217   1.00 6.83  ? 49  PHE A CE2 1 
ATOM   429  C CZ  . PHE A 1 53  ? 7.317   7.051   5.025   1.00 7.07  ? 49  PHE A CZ  1 
ATOM   430  N N   . LYS A 1 54  ? 10.147  6.496   -1.303  1.00 7.28  ? 50  LYS A N   1 
ATOM   431  C CA  . LYS A 1 54  ? 10.150  5.792   -2.575  1.00 8.31  ? 50  LYS A CA  1 
ATOM   432  C C   . LYS A 1 54  ? 9.800   4.346   -2.279  1.00 7.67  ? 50  LYS A C   1 
ATOM   433  O O   . LYS A 1 54  ? 10.484  3.683   -1.495  1.00 7.89  ? 50  LYS A O   1 
ATOM   434  C CB  . LYS A 1 54  ? 11.516  5.879   -3.245  1.00 10.47 ? 50  LYS A CB  1 
ATOM   435  C CG  . LYS A 1 54  ? 11.885  7.282   -3.756  1.00 12.70 ? 50  LYS A CG  1 
ATOM   436  C CD  . LYS A 1 54  ? 12.258  8.259   -2.632  1.00 15.46 ? 50  LYS A CD  1 
ATOM   437  C CE  . LYS A 1 54  ? 13.496  7.824   -1.853  1.00 16.38 ? 50  LYS A CE  1 
ATOM   438  N NZ  . LYS A 1 54  ? 13.486  8.382   -0.455  1.00 16.09 ? 50  LYS A NZ  1 
ATOM   439  N N   . THR A 1 55  ? 8.709   3.865   -2.861  1.00 6.98  ? 51  THR A N   1 
ATOM   440  C CA  . THR A 1 55  ? 8.220   2.524   -2.542  1.00 7.39  ? 51  THR A CA  1 
ATOM   441  C C   . THR A 1 55  ? 8.053   1.668   -3.789  1.00 7.03  ? 51  THR A C   1 
ATOM   442  O O   . THR A 1 55  ? 7.702   2.162   -4.869  1.00 7.18  ? 51  THR A O   1 
ATOM   443  C CB  . THR A 1 55  ? 6.887   2.540   -1.724  1.00 8.08  ? 51  THR A CB  1 
ATOM   444  O OG1 . THR A 1 55  ? 5.771   2.782   -2.590  1.00 8.87  ? 51  THR A OG1 1 
ATOM   445  C CG2 . THR A 1 55  ? 6.928   3.600   -0.621  1.00 8.77  ? 51  THR A CG2 1 
ATOM   446  N N   . LYS A 1 56  ? 8.332   0.381   -3.629  1.00 7.14  ? 52  LYS A N   1 
ATOM   447  C CA  . LYS A 1 56  ? 8.126   -0.601  -4.679  1.00 8.87  ? 52  LYS A CA  1 
ATOM   448  C C   . LYS A 1 56  ? 7.399   -1.797  -4.085  1.00 7.92  ? 52  LYS A C   1 
ATOM   449  O O   . LYS A 1 56  ? 7.772   -2.299  -3.019  1.00 9.68  ? 52  LYS A O   1 
ATOM   450  C CB  . LYS A 1 56  ? 9.464   -1.048  -5.275  1.00 9.86  ? 52  LYS A CB  1 
ATOM   451  C CG  . LYS A 1 56  ? 10.270  0.063   -5.946  1.00 12.72 ? 52  LYS A CG  1 
ATOM   452  C CD  . LYS A 1 56  ? 11.572  -0.479  -6.551  1.00 13.84 ? 52  LYS A CD  1 
ATOM   453  C CE  . LYS A 1 56  ? 12.264  0.562   -7.432  1.00 16.38 ? 52  LYS A CE  1 
ATOM   454  N NZ  . LYS A 1 56  ? 12.887  1.645   -6.626  1.00 18.32 ? 52  LYS A NZ  1 
ATOM   455  N N   . THR A 1 57  ? 6.342   -2.230  -4.753  1.00 6.74  ? 53  THR A N   1 
ATOM   456  C CA  . THR A 1 57  ? 5.629   -3.434  -4.363  1.00 6.37  ? 53  THR A CA  1 
ATOM   457  C C   . THR A 1 57  ? 5.774   -4.410  -5.510  1.00 6.22  ? 53  THR A C   1 
ATOM   458  O O   . THR A 1 57  ? 5.370   -4.114  -6.633  1.00 7.06  ? 53  THR A O   1 
ATOM   459  C CB  . THR A 1 57  ? 4.149   -3.126  -4.100  1.00 6.41  ? 53  THR A CB  1 
ATOM   460  O OG1 . THR A 1 57  ? 4.054   -2.128  -3.079  1.00 7.21  ? 53  THR A OG1 1 
ATOM   461  C CG2 . THR A 1 57  ? 3.397   -4.385  -3.650  1.00 7.56  ? 53  THR A CG2 1 
ATOM   462  N N   . THR A 1 58  ? 6.361   -5.569  -5.234  1.00 5.95  ? 54  THR A N   1 
ATOM   463  C CA  . THR A 1 58  ? 6.730   -6.493  -6.301  1.00 6.32  ? 54  THR A CA  1 
ATOM   464  C C   . THR A 1 58  ? 6.104   -7.870  -6.138  1.00 5.37  ? 54  THR A C   1 
ATOM   465  O O   . THR A 1 58  ? 5.780   -8.303  -5.020  1.00 5.13  ? 54  THR A O   1 
ATOM   466  C CB  . THR A 1 58  ? 8.268   -6.633  -6.426  1.00 7.19  ? 54  THR A CB  1 
ATOM   467  O OG1 . THR A 1 58  ? 8.791   -7.174  -5.218  1.00 7.95  ? 54  THR A OG1 1 
ATOM   468  C CG2 . THR A 1 58  ? 8.926   -5.271  -6.707  1.00 9.31  ? 54  THR A CG2 1 
ATOM   469  N N   . SER A 1 59  ? 5.924   -8.542  -7.264  1.00 5.20  ? 55  SER A N   1 
ATOM   470  C CA  . SER A 1 59  ? 5.458   -9.924  -7.307  1.00 5.44  ? 55  SER A CA  1 
ATOM   471  C C   . SER A 1 59  ? 5.934   -10.515 -8.616  1.00 5.93  ? 55  SER A C   1 
ATOM   472  O O   . SER A 1 59  ? 6.472   -9.796  -9.460  1.00 6.78  ? 55  SER A O   1 
ATOM   473  C CB  . SER A 1 59  ? 3.934   -9.989  -7.257  1.00 5.57  ? 55  SER A CB  1 
ATOM   474  O OG  . SER A 1 59  ? 3.374   -9.588  -8.509  1.00 5.36  ? 55  SER A OG  1 
ATOM   475  N N   . THR A 1 60  ? 5.704   -11.806 -8.811  1.00 5.39  ? 56  THR A N   1 
ATOM   476  C CA  . THR A 1 60  ? 6.106   -12.460 -10.056 1.00 6.02  ? 56  THR A CA  1 
ATOM   477  C C   . THR A 1 60  ? 5.122   -12.213 -11.196 1.00 6.03  ? 56  THR A C   1 
ATOM   478  O O   . THR A 1 60  ? 5.302   -12.734 -12.293 1.00 6.59  ? 56  THR A O   1 
ATOM   479  C CB  . THR A 1 60  ? 6.334   -13.974 -9.861  1.00 5.88  ? 56  THR A CB  1 
ATOM   480  O OG1 . THR A 1 60  ? 5.131   -14.583 -9.372  1.00 6.11  ? 56  THR A OG1 1 
ATOM   481  C CG2 . THR A 1 60  ? 7.483   -14.221 -8.884  1.00 7.04  ? 56  THR A CG2 1 
ATOM   482  N N   . PHE A 1 61  ? 4.083   -11.415 -10.932 1.00 5.60  ? 57  PHE A N   1 
ATOM   483  C CA  . PHE A 1 61  ? 3.143   -10.979 -11.961 1.00 7.13  ? 57  PHE A CA  1 
ATOM   484  C C   . PHE A 1 61  ? 3.376   -9.504  -12.320 1.00 8.54  ? 57  PHE A C   1 
ATOM   485  O O   . PHE A 1 61  ? 3.941   -9.195  -13.371 1.00 10.97 ? 57  PHE A O   1 
ATOM   486  C CB  . PHE A 1 61  ? 1.713   -11.223 -11.475 1.00 7.10  ? 57  PHE A CB  1 
ATOM   487  C CG  . PHE A 1 61  ? 0.634   -10.604 -12.341 1.00 6.95  ? 57  PHE A CG  1 
ATOM   488  C CD1 . PHE A 1 61  ? 0.699   -10.636 -13.745 1.00 7.46  ? 57  PHE A CD1 1 
ATOM   489  C CD2 . PHE A 1 61  ? -0.495  -10.052 -11.736 1.00 8.02  ? 57  PHE A CD2 1 
ATOM   490  C CE1 . PHE A 1 61  ? -0.328  -10.084 -14.520 1.00 8.32  ? 57  PHE A CE1 1 
ATOM   491  C CE2 . PHE A 1 61  ? -1.525  -9.505  -12.499 1.00 8.52  ? 57  PHE A CE2 1 
ATOM   492  C CZ  . PHE A 1 61  ? -1.442  -9.517  -13.895 1.00 8.45  ? 57  PHE A CZ  1 
ATOM   493  N N   . ARG A 1 62  ? 2.952   -8.601  -11.443 1.00 8.39  ? 58  ARG A N   1 
ATOM   494  C CA  . ARG A 1 62  ? 3.099   -7.164  -11.669 1.00 9.22  ? 58  ARG A CA  1 
ATOM   495  C C   . ARG A 1 62  ? 3.769   -6.507  -10.481 1.00 8.60  ? 58  ARG A C   1 
ATOM   496  O O   . ARG A 1 62  ? 3.679   -6.998  -9.353  1.00 7.97  ? 58  ARG A O   1 
ATOM   497  C CB  . ARG A 1 62  ? 1.736   -6.501  -11.912 1.00 10.60 ? 58  ARG A CB  1 
ATOM   498  C CG  . ARG A 1 62  ? 1.148   -6.694  -13.311 1.00 12.77 ? 58  ARG A CG  1 
ATOM   499  C CD  . ARG A 1 62  ? -0.112  -5.843  -13.438 1.00 14.81 ? 58  ARG A CD  1 
ATOM   500  N NE  . ARG A 1 62  ? -0.696  -5.807  -14.784 1.00 16.60 ? 58  ARG A NE  1 
ATOM   501  C CZ  . ARG A 1 62  ? -0.193  -5.137  -15.822 1.00 17.11 ? 58  ARG A CZ  1 
ATOM   502  N NH1 . ARG A 1 62  ? 0.945   -4.465  -15.712 1.00 18.44 ? 58  ARG A NH1 1 
ATOM   503  N NH2 . ARG A 1 62  ? -0.830  -5.152  -16.983 1.00 18.06 ? 58  ARG A NH2 1 
ATOM   504  N N   . ASN A 1 63  ? 4.442   -5.392  -10.752 1.00 8.09  ? 59  ASN A N   1 
ATOM   505  C CA  . ASN A 1 63  ? 4.973   -4.513  -9.718  1.00 8.48  ? 59  ASN A CA  1 
ATOM   506  C C   . ASN A 1 63  ? 4.187   -3.211  -9.715  1.00 8.34  ? 59  ASN A C   1 
ATOM   507  O O   . ASN A 1 63  ? 3.539   -2.865  -10.705 1.00 9.29  ? 59  ASN A O   1 
ATOM   508  C CB  . ASN A 1 63  ? 6.453   -4.206  -9.971  1.00 9.46  ? 59  ASN A CB  1 
ATOM   509  C CG  . ASN A 1 63  ? 7.279   -5.458  -10.242 1.00 11.21 ? 59  ASN A CG  1 
ATOM   510  O OD1 . ASN A 1 63  ? 8.091   -5.492  -11.173 1.00 13.90 ? 59  ASN A OD1 1 
ATOM   511  N ND2 . ASN A 1 63  ? 7.076   -6.486  -9.442  1.00 9.58  ? 59  ASN A ND2 1 
ATOM   512  N N   . TYR A 1 64  ? 4.241   -2.495  -8.601  1.00 8.04  ? 60  TYR A N   1 
ATOM   513  C CA  . TYR A 1 64  ? 3.670   -1.162  -8.527  1.00 7.49  ? 60  TYR A CA  1 
ATOM   514  C C   . TYR A 1 64  ? 4.563   -0.264  -7.693  1.00 7.39  ? 60  TYR A C   1 
ATOM   515  O O   . TYR A 1 64  ? 4.835   -0.551  -6.522  1.00 7.34  ? 60  TYR A O   1 
ATOM   516  C CB  . TYR A 1 64  ? 2.258   -1.195  -7.947  1.00 8.56  ? 60  TYR A CB  1 
ATOM   517  C CG  . TYR A 1 64  ? 1.592   0.155   -8.012  1.00 8.55  ? 60  TYR A CG  1 
ATOM   518  C CD1 . TYR A 1 64  ? 1.148   0.664   -9.227  1.00 9.50  ? 60  TYR A CD1 1 
ATOM   519  C CD2 . TYR A 1 64  ? 1.434   0.939   -6.872  1.00 8.62  ? 60  TYR A CD2 1 
ATOM   520  C CE1 . TYR A 1 64  ? 0.556   1.919   -9.307  1.00 9.30  ? 60  TYR A CE1 1 
ATOM   521  C CE2 . TYR A 1 64  ? 0.840   2.200   -6.946  1.00 9.41  ? 60  TYR A CE2 1 
ATOM   522  C CZ  . TYR A 1 64  ? 0.400   2.676   -8.175  1.00 9.49  ? 60  TYR A CZ  1 
ATOM   523  O OH  . TYR A 1 64  ? -0.194  3.919   -8.280  1.00 9.61  ? 60  TYR A OH  1 
ATOM   524  N N   . ASP A 1 65  ? 5.023   0.818   -8.313  1.00 7.65  ? 61  ASP A N   1 
ATOM   525  C CA  . ASP A 1 65  ? 5.874   1.792   -7.648  1.00 8.84  ? 61  ASP A CA  1 
ATOM   526  C C   . ASP A 1 65  ? 5.096   3.056   -7.376  1.00 8.87  ? 61  ASP A C   1 
ATOM   527  O O   . ASP A 1 65  ? 4.348   3.542   -8.239  1.00 9.44  ? 61  ASP A O   1 
ATOM   528  C CB  . ASP A 1 65  ? 7.091   2.126   -8.515  1.00 11.30 ? 61  ASP A CB  1 
ATOM   529  C CG  . ASP A 1 65  ? 7.950   0.913   -8.821  1.00 13.43 ? 61  ASP A CG  1 
ATOM   530  O OD1 . ASP A 1 65  ? 7.744   -0.159  -8.205  1.00 13.81 ? 61  ASP A OD1 1 
ATOM   531  O OD2 . ASP A 1 65  ? 8.847   1.036   -9.687  1.00 15.77 ? 61  ASP A OD2 1 
ATOM   532  N N   . VAL A 1 66  ? 5.280   3.603   -6.186  1.00 8.47  ? 62  VAL A N   1 
ATOM   533  C CA  . VAL A 1 66  ? 4.754   4.924   -5.901  1.00 9.27  ? 62  VAL A CA  1 
ATOM   534  C C   . VAL A 1 66  ? 5.713   5.662   -4.973  1.00 8.56  ? 62  VAL A C   1 
ATOM   535  O O   . VAL A 1 66  ? 6.173   5.117   -3.957  1.00 8.55  ? 62  VAL A O   1 
ATOM   536  C CB  . VAL A 1 66  ? 3.284   4.894   -5.367  1.00 10.10 ? 62  VAL A CB  1 
ATOM   537  C CG1 . VAL A 1 66  ? 3.192   4.218   -4.012  1.00 11.19 ? 62  VAL A CG1 1 
ATOM   538  C CG2 . VAL A 1 66  ? 2.687   6.309   -5.324  1.00 10.97 ? 62  VAL A CG2 1 
ATOM   539  N N   . ASP A 1 67  ? 6.043   6.883   -5.375  1.00 8.59  ? 63  ASP A N   1 
ATOM   540  C CA  . ASP A 1 67  ? 6.888   7.776   -4.606  1.00 8.69  ? 63  ASP A CA  1 
ATOM   541  C C   . ASP A 1 67  ? 6.062   8.964   -4.187  1.00 8.02  ? 63  ASP A C   1 
ATOM   542  O O   . ASP A 1 67  ? 5.186   9.420   -4.930  1.00 8.47  ? 63  ASP A O   1 
ATOM   543  C CB  . ASP A 1 67  ? 8.065   8.275   -5.446  1.00 10.49 ? 63  ASP A CB  1 
ATOM   544  C CG  . ASP A 1 67  ? 8.927   7.152   -5.990  1.00 11.80 ? 63  ASP A CG  1 
ATOM   545  O OD1 . ASP A 1 67  ? 8.830   6.012   -5.493  1.00 11.30 ? 63  ASP A OD1 1 
ATOM   546  O OD2 . ASP A 1 67  ? 9.712   7.424   -6.927  1.00 13.83 ? 63  ASP A OD2 1 
ATOM   547  N N   . PHE A 1 68  ? 6.339   9.484   -3.001  1.00 7.01  ? 64  PHE A N   1 
ATOM   548  C CA  . PHE A 1 68  ? 5.566   10.600  -2.481  1.00 7.50  ? 64  PHE A CA  1 
ATOM   549  C C   . PHE A 1 68  ? 6.305   11.293  -1.363  1.00 7.58  ? 64  PHE A C   1 
ATOM   550  O O   . PHE A 1 68  ? 7.233   10.737  -0.763  1.00 8.39  ? 64  PHE A O   1 
ATOM   551  C CB  . PHE A 1 68  ? 4.187   10.133  -1.983  1.00 8.30  ? 64  PHE A CB  1 
ATOM   552  C CG  . PHE A 1 68  ? 4.249   9.023   -0.965  1.00 7.88  ? 64  PHE A CG  1 
ATOM   553  C CD1 . PHE A 1 68  ? 4.410   9.306   0.394   1.00 8.37  ? 64  PHE A CD1 1 
ATOM   554  C CD2 . PHE A 1 68  ? 4.140   7.695   -1.360  1.00 8.36  ? 64  PHE A CD2 1 
ATOM   555  C CE1 . PHE A 1 68  ? 4.472   8.278   1.333   1.00 8.44  ? 64  PHE A CE1 1 
ATOM   556  C CE2 . PHE A 1 68  ? 4.201   6.663   -0.423  1.00 8.71  ? 64  PHE A CE2 1 
ATOM   557  C CZ  . PHE A 1 68  ? 4.368   6.955   0.923   1.00 8.87  ? 64  PHE A CZ  1 
ATOM   558  N N   . THR A 1 69  ? 5.888   12.519  -1.094  1.00 7.41  ? 65  THR A N   1 
ATOM   559  C CA  . THR A 1 69  ? 6.348   13.242  0.069   1.00 8.49  ? 65  THR A CA  1 
ATOM   560  C C   . THR A 1 69  ? 5.165   13.403  0.990   1.00 7.66  ? 65  THR A C   1 
ATOM   561  O O   . THR A 1 69  ? 4.099   13.830  0.559   1.00 7.30  ? 65  THR A O   1 
ATOM   562  C CB  . THR A 1 69  ? 6.904   14.623  -0.324  1.00 9.94  ? 65  THR A CB  1 
ATOM   563  O OG1 . THR A 1 69  ? 8.030   14.445  -1.188  1.00 11.20 ? 65  THR A OG1 1 
ATOM   564  C CG2 . THR A 1 69  ? 7.327   15.425  0.907   1.00 10.39 ? 65  THR A CG2 1 
ATOM   565  N N   . VAL A 1 70  ? 5.339   13.029  2.255   1.00 7.62  ? 66  VAL A N   1 
ATOM   566  C CA  . VAL A 1 70  ? 4.279   13.171  3.234   1.00 8.48  ? 66  VAL A CA  1 
ATOM   567  C C   . VAL A 1 70  ? 3.820   14.626  3.258   1.00 8.55  ? 66  VAL A C   1 
ATOM   568  O O   . VAL A 1 70  ? 4.645   15.543  3.283   1.00 10.02 ? 66  VAL A O   1 
ATOM   569  C CB  . VAL A 1 70  ? 4.736   12.724  4.651   1.00 9.74  ? 66  VAL A CB  1 
ATOM   570  C CG1 . VAL A 1 70  ? 3.627   12.917  5.664   1.00 10.58 ? 66  VAL A CG1 1 
ATOM   571  C CG2 . VAL A 1 70  ? 5.195   11.260  4.639   1.00 10.60 ? 66  VAL A CG2 1 
ATOM   572  N N   . GLY A 1 71  ? 2.508   14.826  3.205   1.00 8.18  ? 67  GLY A N   1 
ATOM   573  C CA  . GLY A 1 71  ? 1.926   16.164  3.283   1.00 9.05  ? 67  GLY A CA  1 
ATOM   574  C C   . GLY A 1 71  ? 1.586   16.783  1.941   1.00 10.39 ? 67  GLY A C   1 
ATOM   575  O O   . GLY A 1 71  ? 0.784   17.726  1.876   1.00 11.45 ? 67  GLY A O   1 
ATOM   576  N N   . VAL A 1 72  ? 2.182   16.248  0.874   1.00 9.41  ? 68  VAL A N   1 
ATOM   577  C CA  . VAL A 1 72  ? 2.091   16.839  -0.469  1.00 9.25  ? 68  VAL A CA  1 
ATOM   578  C C   . VAL A 1 72  ? 1.209   16.030  -1.433  1.00 8.65  ? 68  VAL A C   1 
ATOM   579  O O   . VAL A 1 72  ? 1.536   14.893  -1.806  1.00 8.39  ? 68  VAL A O   1 
ATOM   580  C CB  . VAL A 1 72  ? 3.481   17.010  -1.105  1.00 10.04 ? 68  VAL A CB  1 
ATOM   581  C CG1 . VAL A 1 72  ? 3.379   17.779  -2.412  1.00 10.76 ? 68  VAL A CG1 1 
ATOM   582  C CG2 . VAL A 1 72  ? 4.430   17.724  -0.147  1.00 10.99 ? 68  VAL A CG2 1 
ATOM   583  N N   . GLU A 1 73  ? 0.099   16.634  -1.846  1.00 8.13  ? 69  GLU A N   1 
ATOM   584  C CA  . GLU A 1 73  ? -0.796  16.021  -2.828  1.00 8.02  ? 69  GLU A CA  1 
ATOM   585  C C   . GLU A 1 73  ? -0.076  15.745  -4.134  1.00 7.90  ? 69  GLU A C   1 
ATOM   586  O O   . GLU A 1 73  ? 0.754   16.544  -4.584  1.00 7.78  ? 69  GLU A O   1 
ATOM   587  C CB  . GLU A 1 73  ? -2.015  16.914  -3.096  1.00 9.50  ? 69  GLU A CB  1 
ATOM   588  C CG  . GLU A 1 73  ? -2.944  17.087  -1.917  1.00 11.41 ? 69  GLU A CG  1 
ATOM   589  C CD  . GLU A 1 73  ? -2.511  18.191  -0.972  1.00 13.07 ? 69  GLU A CD  1 
ATOM   590  O OE1 . GLU A 1 73  ? -3.290  18.499  -0.051  1.00 15.04 ? 69  GLU A OE1 1 
ATOM   591  O OE2 . GLU A 1 73  ? -1.406  18.759  -1.148  1.00 13.66 ? 69  GLU A OE2 1 
ATOM   592  N N   . PHE A 1 74  ? -0.385  14.613  -4.743  1.00 7.54  ? 70  PHE A N   1 
ATOM   593  C CA  . PHE A 1 74  ? 0.173   14.291  -6.044  1.00 7.17  ? 70  PHE A CA  1 
ATOM   594  C C   . PHE A 1 74  ? -0.816  13.552  -6.916  1.00 6.78  ? 70  PHE A C   1 
ATOM   595  O O   . PHE A 1 74  ? -1.797  12.980  -6.436  1.00 7.22  ? 70  PHE A O   1 
ATOM   596  C CB  . PHE A 1 74  ? 1.505   13.524  -5.912  1.00 8.27  ? 70  PHE A CB  1 
ATOM   597  C CG  . PHE A 1 74  ? 1.375   12.150  -5.315  1.00 8.23  ? 70  PHE A CG  1 
ATOM   598  C CD1 . PHE A 1 74  ? 1.230   11.979  -3.946  1.00 8.16  ? 70  PHE A CD1 1 
ATOM   599  C CD2 . PHE A 1 74  ? 1.444   11.027  -6.118  1.00 8.32  ? 70  PHE A CD2 1 
ATOM   600  C CE1 . PHE A 1 74  ? 1.126   10.710  -3.395  1.00 8.58  ? 70  PHE A CE1 1 
ATOM   601  C CE2 . PHE A 1 74  ? 1.349   9.758   -5.571  1.00 9.05  ? 70  PHE A CE2 1 
ATOM   602  C CZ  . PHE A 1 74  ? 1.188   9.602   -4.214  1.00 9.00  ? 70  PHE A CZ  1 
ATOM   603  N N   . ASP A 1 75  ? -0.552  13.595  -8.214  1.00 6.64  ? 71  ASP A N   1 
ATOM   604  C CA  . ASP A 1 75  ? -1.331  12.888  -9.201  1.00 6.55  ? 71  ASP A CA  1 
ATOM   605  C C   . ASP A 1 75  ? -0.807  11.468  -9.261  1.00 6.60  ? 71  ASP A C   1 
ATOM   606  O O   . ASP A 1 75  ? 0.271   11.217  -9.814  1.00 7.37  ? 71  ASP A O   1 
ATOM   607  C CB  . ASP A 1 75  ? -1.156  13.585  -10.556 1.00 6.82  ? 71  ASP A CB  1 
ATOM   608  C CG  . ASP A 1 75  ? -2.003  12.978  -11.656 1.00 7.10  ? 71  ASP A CG  1 
ATOM   609  O OD1 . ASP A 1 75  ? -2.552  11.875  -11.478 1.00 7.08  ? 71  ASP A OD1 1 
ATOM   610  O OD2 . ASP A 1 75  ? -2.089  13.610  -12.731 1.00 8.32  ? 71  ASP A OD2 1 
ATOM   611  N N   . GLU A 1 76  ? -1.547  10.543  -8.656  1.00 5.88  ? 72  GLU A N   1 
ATOM   612  C CA  . GLU A 1 76  ? -1.195  9.139   -8.731  1.00 6.11  ? 72  GLU A CA  1 
ATOM   613  C C   . GLU A 1 76  ? -1.946  8.510   -9.881  1.00 6.65  ? 72  GLU A C   1 
ATOM   614  O O   . GLU A 1 76  ? -3.174  8.389   -9.843  1.00 6.25  ? 72  GLU A O   1 
ATOM   615  C CB  . GLU A 1 76  ? -1.501  8.419   -7.419  1.00 6.23  ? 72  GLU A CB  1 
ATOM   616  C CG  . GLU A 1 76  ? -1.009  6.968   -7.418  1.00 7.60  ? 72  GLU A CG  1 
ATOM   617  C CD  . GLU A 1 76  ? -1.376  6.179   -6.173  1.00 7.57  ? 72  GLU A CD  1 
ATOM   618  O OE1 . GLU A 1 76  ? -1.920  6.754   -5.213  1.00 8.13  ? 72  GLU A OE1 1 
ATOM   619  O OE2 . GLU A 1 76  ? -1.097  4.959   -6.165  1.00 9.25  ? 72  GLU A OE2 1 
ATOM   620  N N   . TYR A 1 77  ? -1.201  8.142   -10.920 1.00 7.78  ? 73  TYR A N   1 
ATOM   621  C CA  . TYR A 1 77  ? -1.759  7.455   -12.065 1.00 8.93  ? 73  TYR A CA  1 
ATOM   622  C C   . TYR A 1 77  ? -1.540  5.968   -11.838 1.00 8.96  ? 73  TYR A C   1 
ATOM   623  O O   . TYR A 1 77  ? -0.404  5.480   -11.904 1.00 9.56  ? 73  TYR A O   1 
ATOM   624  C CB  . TYR A 1 77  ? -1.076  7.935   -13.351 1.00 11.38 ? 73  TYR A CB  1 
ATOM   625  C CG  . TYR A 1 77  ? -1.579  7.281   -14.622 1.00 13.00 ? 73  TYR A CG  1 
ATOM   626  C CD1 . TYR A 1 77  ? -2.901  6.853   -14.739 1.00 12.60 ? 73  TYR A CD1 1 
ATOM   627  C CD2 . TYR A 1 77  ? -0.732  7.119   -15.721 1.00 14.28 ? 73  TYR A CD2 1 
ATOM   628  C CE1 . TYR A 1 77  ? -3.361  6.245   -15.911 1.00 12.98 ? 73  TYR A CE1 1 
ATOM   629  C CE2 . TYR A 1 77  ? -1.186  6.528   -16.894 1.00 14.70 ? 73  TYR A CE2 1 
ATOM   630  C CZ  . TYR A 1 77  ? -2.498  6.094   -16.978 1.00 13.77 ? 73  TYR A CZ  1 
ATOM   631  O OH  . TYR A 1 77  ? -2.948  5.508   -18.133 1.00 14.51 ? 73  TYR A OH  1 
ATOM   632  N N   . THR A 1 78  ? -2.628  5.256   -11.560 1.00 8.63  ? 74  THR A N   1 
ATOM   633  C CA  . THR A 1 78  ? -2.557  3.879   -11.058 1.00 10.05 ? 74  THR A CA  1 
ATOM   634  C C   . THR A 1 78  ? -2.373  2.857   -12.176 1.00 11.72 ? 74  THR A C   1 
ATOM   635  O O   . THR A 1 78  ? -3.132  1.888   -12.288 1.00 10.99 ? 74  THR A O   1 
ATOM   636  C CB  . THR A 1 78  ? -3.801  3.529   -10.219 1.00 9.47  ? 74  THR A CB  1 
ATOM   637  O OG1 . THR A 1 78  ? -4.980  3.743   -11.010 1.00 8.54  ? 74  THR A OG1 1 
ATOM   638  C CG2 . THR A 1 78  ? -3.869  4.406   -8.969  1.00 9.43  ? 74  THR A CG2 1 
ATOM   639  N N   . LYS A 1 79  ? -1.346  3.073   -12.991 1.00 14.57 ? 75  LYS A N   1 
ATOM   640  C CA  . LYS A 1 79  ? -1.048  2.173   -14.099 1.00 17.31 ? 75  LYS A CA  1 
ATOM   641  C C   . LYS A 1 79  ? -0.760  0.757   -13.604 1.00 17.89 ? 75  LYS A C   1 
ATOM   642  O O   . LYS A 1 79  ? -0.131  0.566   -12.563 1.00 18.21 ? 75  LYS A O   1 
ATOM   643  C CB  . LYS A 1 79  ? 0.111   2.702   -14.950 1.00 19.14 ? 75  LYS A CB  1 
ATOM   644  C CG  . LYS A 1 79  ? 1.416   2.918   -14.187 1.00 20.70 ? 75  LYS A CG  1 
ATOM   645  C CD  . LYS A 1 79  ? 2.628   2.460   -15.000 1.00 21.71 ? 75  LYS A CD  1 
ATOM   646  C CE  . LYS A 1 79  ? 2.880   3.357   -16.206 1.00 22.29 ? 75  LYS A CE  1 
ATOM   647  N NZ  . LYS A 1 79  ? 3.940   2.802   -17.095 1.00 23.14 ? 75  LYS A NZ  1 
ATOM   648  N N   . SER A 1 80  ? -1.254  -0.219  -14.357 1.00 18.81 ? 76  SER A N   1 
ATOM   649  C CA  . SER A 1 80  ? -1.153  -1.646  -14.020 1.00 19.33 ? 76  SER A CA  1 
ATOM   650  C C   . SER A 1 80  ? -2.079  -2.067  -12.875 1.00 18.50 ? 76  SER A C   1 
ATOM   651  O O   . SER A 1 80  ? -2.124  -3.244  -12.506 1.00 19.25 ? 76  SER A O   1 
ATOM   652  C CB  . SER A 1 80  ? 0.304   -2.077  -13.764 1.00 20.37 ? 76  SER A CB  1 
ATOM   653  O OG  . SER A 1 80  ? 0.780   -1.629  -12.507 1.00 21.52 ? 76  SER A OG  1 
ATOM   654  N N   . LEU A 1 81  ? -2.812  -1.104  -12.319 1.00 16.75 ? 77  LEU A N   1 
ATOM   655  C CA  . LEU A 1 81  ? -3.901  -1.405  -11.397 1.00 15.44 ? 77  LEU A CA  1 
ATOM   656  C C   . LEU A 1 81  ? -5.234  -1.156  -12.111 1.00 14.54 ? 77  LEU A C   1 
ATOM   657  O O   . LEU A 1 81  ? -5.658  -1.980  -12.927 1.00 16.19 ? 77  LEU A O   1 
ATOM   658  C CB  . LEU A 1 81  ? -3.775  -0.592  -10.098 1.00 15.62 ? 77  LEU A CB  1 
ATOM   659  C CG  . LEU A 1 81  ? -2.412  -0.613  -9.378  1.00 15.91 ? 77  LEU A CG  1 
ATOM   660  C CD1 . LEU A 1 81  ? -2.492  0.118   -8.047  1.00 16.03 ? 77  LEU A CD1 1 
ATOM   661  C CD2 . LEU A 1 81  ? -1.888  -2.036  -9.177  1.00 16.78 ? 77  LEU A CD2 1 
ATOM   662  N N   . ASP A 1 82  ? -5.881  -0.022  -11.833 1.00 12.05 ? 78  ASP A N   1 
ATOM   663  C CA  . ASP A 1 82  ? -7.130  0.327   -12.521 1.00 10.45 ? 78  ASP A CA  1 
ATOM   664  C C   . ASP A 1 82  ? -6.962  1.451   -13.545 1.00 9.80  ? 78  ASP A C   1 
ATOM   665  O O   . ASP A 1 82  ? -7.931  1.849   -14.192 1.00 9.75  ? 78  ASP A O   1 
ATOM   666  C CB  . ASP A 1 82  ? -8.249  0.660   -11.520 1.00 9.76  ? 78  ASP A CB  1 
ATOM   667  C CG  . ASP A 1 82  ? -7.887  1.804   -10.585 1.00 9.29  ? 78  ASP A CG  1 
ATOM   668  O OD1 . ASP A 1 82  ? -6.697  1.941   -10.214 1.00 9.58  ? 78  ASP A OD1 1 
ATOM   669  O OD2 . ASP A 1 82  ? -8.809  2.556   -10.211 1.00 8.87  ? 78  ASP A OD2 1 
ATOM   670  N N   . ASN A 1 83  ? -5.734  1.956   -13.692 1.00 9.86  ? 79  ASN A N   1 
ATOM   671  C CA  . ASN A 1 83  ? -5.425  2.961   -14.718 1.00 10.56 ? 79  ASN A CA  1 
ATOM   672  C C   . ASN A 1 83  ? -6.283  4.219   -14.589 1.00 10.01 ? 79  ASN A C   1 
ATOM   673  O O   . ASN A 1 83  ? -6.835  4.733   -15.573 1.00 10.85 ? 79  ASN A O   1 
ATOM   674  C CB  . ASN A 1 83  ? -5.548  2.350   -16.118 1.00 12.36 ? 79  ASN A CB  1 
ATOM   675  C CG  . ASN A 1 83  ? -4.638  1.166   -16.305 1.00 14.08 ? 79  ASN A CG  1 
ATOM   676  O OD1 . ASN A 1 83  ? -3.424  1.282   -16.161 1.00 15.26 ? 79  ASN A OD1 1 
ATOM   677  N ND2 . ASN A 1 83  ? -5.220  0.012   -16.602 1.00 15.85 ? 79  ASN A ND2 1 
ATOM   678  N N   . ARG A 1 84  ? -6.399  4.704   -13.358 1.00 8.55  ? 80  ARG A N   1 
ATOM   679  C CA  . ARG A 1 84  ? -7.123  5.934   -13.083 1.00 8.30  ? 80  ARG A CA  1 
ATOM   680  C C   . ARG A 1 84  ? -6.167  6.982   -12.537 1.00 6.85  ? 80  ARG A C   1 
ATOM   681  O O   . ARG A 1 84  ? -5.011  6.690   -12.206 1.00 7.56  ? 80  ARG A O   1 
ATOM   682  C CB  . ARG A 1 84  ? -8.253  5.693   -12.069 1.00 8.91  ? 80  ARG A CB  1 
ATOM   683  C CG  . ARG A 1 84  ? -9.414  4.841   -12.579 1.00 10.59 ? 80  ARG A CG  1 
ATOM   684  C CD  . ARG A 1 84  ? -10.556 4.794   -11.563 1.00 10.79 ? 80  ARG A CD  1 
ATOM   685  N NE  . ARG A 1 84  ? -11.744 4.122   -12.097 1.00 13.20 ? 80  ARG A NE  1 
ATOM   686  C CZ  . ARG A 1 84  ? -12.117 2.878   -11.797 1.00 13.22 ? 80  ARG A CZ  1 
ATOM   687  N NH1 . ARG A 1 84  ? -11.404 2.138   -10.949 1.00 12.79 ? 80  ARG A NH1 1 
ATOM   688  N NH2 . ARG A 1 84  ? -13.220 2.368   -12.344 1.00 13.43 ? 80  ARG A NH2 1 
ATOM   689  N N   . HIS A 1 85  ? -6.651  8.214   -12.451 1.00 5.89  ? 81  HIS A N   1 
ATOM   690  C CA  . HIS A 1 85  ? -5.973  9.257   -11.713 1.00 5.81  ? 81  HIS A CA  1 
ATOM   691  C C   . HIS A 1 85  ? -6.654  9.482   -10.396 1.00 5.50  ? 81  HIS A C   1 
ATOM   692  O O   . HIS A 1 85  ? -7.874  9.612   -10.334 1.00 5.50  ? 81  HIS A O   1 
ATOM   693  C CB  . HIS A 1 85  ? -5.973  10.552  -12.508 1.00 5.93  ? 81  HIS A CB  1 
ATOM   694  C CG  . HIS A 1 85  ? -5.075  10.511  -13.688 1.00 5.93  ? 81  HIS A CG  1 
ATOM   695  N ND1 . HIS A 1 85  ? -3.730  10.781  -13.598 1.00 6.26  ? 81  HIS A ND1 1 
ATOM   696  C CD2 . HIS A 1 85  ? -5.310  10.171  -14.976 1.00 6.23  ? 81  HIS A CD2 1 
ATOM   697  C CE1 . HIS A 1 85  ? -3.178  10.653  -14.790 1.00 6.45  ? 81  HIS A CE1 1 
ATOM   698  N NE2 . HIS A 1 85  ? -4.114  10.276  -15.642 1.00 6.37  ? 81  HIS A NE2 1 
ATOM   699  N N   . VAL A 1 86  ? -5.861  9.523   -9.333  1.00 5.20  ? 82  VAL A N   1 
ATOM   700  C CA  . VAL A 1 86  ? -6.359  9.941   -8.033  1.00 5.97  ? 82  VAL A CA  1 
ATOM   701  C C   . VAL A 1 86  ? -5.467  11.043  -7.479  1.00 5.82  ? 82  VAL A C   1 
ATOM   702  O O   . VAL A 1 86  ? -4.264  11.080  -7.755  1.00 6.36  ? 82  VAL A O   1 
ATOM   703  C CB  . VAL A 1 86  ? -6.473  8.758   -7.025  1.00 5.73  ? 82  VAL A CB  1 
ATOM   704  C CG1 . VAL A 1 86  ? -7.477  7.748   -7.520  1.00 6.69  ? 82  VAL A CG1 1 
ATOM   705  C CG2 . VAL A 1 86  ? -5.099  8.103   -6.767  1.00 6.41  ? 82  VAL A CG2 1 
ATOM   706  N N   . LYS A 1 87  ? -6.068  11.966  -6.738  1.00 5.93  ? 83  LYS A N   1 
ATOM   707  C CA  . LYS A 1 87  ? -5.314  12.961  -6.000  1.00 6.12  ? 83  LYS A CA  1 
ATOM   708  C C   . LYS A 1 87  ? -4.964  12.337  -4.670  1.00 5.32  ? 83  LYS A C   1 
ATOM   709  O O   . LYS A 1 87  ? -5.807  12.214  -3.775  1.00 5.95  ? 83  LYS A O   1 
ATOM   710  C CB  . LYS A 1 87  ? -6.135  14.244  -5.806  1.00 6.71  ? 83  LYS A CB  1 
ATOM   711  C CG  . LYS A 1 87  ? -5.357  15.365  -5.114  1.00 8.79  ? 83  LYS A CG  1 
ATOM   712  C CD  . LYS A 1 87  ? -6.147  16.667  -5.050  1.00 9.49  ? 83  LYS A CD  1 
ATOM   713  C CE  . LYS A 1 87  ? -7.382  16.532  -4.175  1.00 11.42 ? 83  LYS A CE  1 
ATOM   714  N NZ  . LYS A 1 87  ? -7.038  16.482  -2.726  1.00 12.88 ? 83  LYS A NZ  1 
ATOM   715  N N   . ALA A 1 88  ? -3.712  11.916  -4.562  1.00 5.43  ? 84  ALA A N   1 
ATOM   716  C CA  . ALA A 1 88  ? -3.266  11.175  -3.401  1.00 5.48  ? 84  ALA A CA  1 
ATOM   717  C C   . ALA A 1 88  ? -2.608  12.115  -2.408  1.00 5.90  ? 84  ALA A C   1 
ATOM   718  O O   . ALA A 1 88  ? -1.817  12.981  -2.790  1.00 6.08  ? 84  ALA A O   1 
ATOM   719  C CB  . ALA A 1 88  ? -2.306  10.068  -3.817  1.00 6.78  ? 84  ALA A CB  1 
ATOM   720  N N   . LEU A 1 89  ? -2.942  11.940  -1.135  1.00 6.18  ? 85  LEU A N   1 
ATOM   721  C CA  . LEU A 1 89  ? -2.297  12.673  -0.057  1.00 6.69  ? 85  LEU A CA  1 
ATOM   722  C C   . LEU A 1 89  ? -1.949  11.706  1.054   1.00 6.36  ? 85  LEU A C   1 
ATOM   723  O O   . LEU A 1 89  ? -2.820  11.028  1.589   1.00 6.46  ? 85  LEU A O   1 
ATOM   724  C CB  . LEU A 1 89  ? -3.217  13.770  0.482   1.00 7.52  ? 85  LEU A CB  1 
ATOM   725  C CG  . LEU A 1 89  ? -2.723  14.503  1.742   1.00 8.46  ? 85  LEU A CG  1 
ATOM   726  C CD1 . LEU A 1 89  ? -1.409  15.210  1.454   1.00 9.44  ? 85  LEU A CD1 1 
ATOM   727  C CD2 . LEU A 1 89  ? -3.777  15.486  2.271   1.00 9.94  ? 85  LEU A CD2 1 
ATOM   728  N N   . VAL A 1 90  ? -0.669  11.663  1.403   1.00 6.29  ? 86  VAL A N   1 
ATOM   729  C CA  . VAL A 1 90  ? -0.194  10.808  2.480   1.00 6.97  ? 86  VAL A CA  1 
ATOM   730  C C   . VAL A 1 90  ? 0.172   11.701  3.663   1.00 7.49  ? 86  VAL A C   1 
ATOM   731  O O   . VAL A 1 90  ? 0.905   12.672  3.508   1.00 8.43  ? 86  VAL A O   1 
ATOM   732  C CB  . VAL A 1 90  ? 1.040   9.980   2.054   1.00 7.21  ? 86  VAL A CB  1 
ATOM   733  C CG1 . VAL A 1 90  ? 1.372   8.967   3.124   1.00 7.79  ? 86  VAL A CG1 1 
ATOM   734  C CG2 . VAL A 1 90  ? 0.782   9.270   0.729   1.00 7.52  ? 86  VAL A CG2 1 
ATOM   735  N N   . THR A 1 91  ? -0.364  11.382  4.835   1.00 6.83  ? 87  THR A N   1 
ATOM   736  C CA  . THR A 1 91  ? -0.097  12.136  6.061   1.00 7.94  ? 87  THR A CA  1 
ATOM   737  C C   . THR A 1 91  ? 0.240   11.164  7.185   1.00 7.20  ? 87  THR A C   1 
ATOM   738  O O   . THR A 1 91  ? -0.069  9.975   7.093   1.00 8.64  ? 87  THR A O   1 
ATOM   739  C CB  . THR A 1 91  ? -1.335  12.955  6.486   1.00 8.89  ? 87  THR A CB  1 
ATOM   740  O OG1 . THR A 1 91  ? -2.448  12.074  6.651   1.00 11.20 ? 87  THR A OG1 1 
ATOM   741  C CG2 . THR A 1 91  ? -1.676  14.016  5.441   1.00 9.61  ? 87  THR A CG2 1 
ATOM   742  N N   . TRP A 1 92  ? 0.887   11.648  8.239   1.00 6.44  ? 88  TRP A N   1 
ATOM   743  C CA  . TRP A 1 92  ? 1.027   10.836  9.446   1.00 6.93  ? 88  TRP A CA  1 
ATOM   744  C C   . TRP A 1 92  ? -0.126  11.095  10.388  1.00 7.35  ? 88  TRP A C   1 
ATOM   745  O O   . TRP A 1 92  ? -0.464  12.247  10.669  1.00 7.84  ? 88  TRP A O   1 
ATOM   746  C CB  . TRP A 1 92  ? 2.324   11.157  10.181  1.00 7.43  ? 88  TRP A CB  1 
ATOM   747  C CG  . TRP A 1 92  ? 3.575   10.676  9.539   1.00 6.80  ? 88  TRP A CG  1 
ATOM   748  C CD1 . TRP A 1 92  ? 4.549   11.443  8.971   1.00 7.78  ? 88  TRP A CD1 1 
ATOM   749  C CD2 . TRP A 1 92  ? 4.027   9.318   9.450   1.00 7.29  ? 88  TRP A CD2 1 
ATOM   750  N NE1 . TRP A 1 92  ? 5.575   10.650  8.520   1.00 8.10  ? 88  TRP A NE1 1 
ATOM   751  C CE2 . TRP A 1 92  ? 5.279   9.340   8.796   1.00 7.59  ? 88  TRP A CE2 1 
ATOM   752  C CE3 . TRP A 1 92  ? 3.496   8.086   9.857   1.00 6.76  ? 88  TRP A CE3 1 
ATOM   753  C CZ2 . TRP A 1 92  ? 6.010   8.174   8.534   1.00 8.02  ? 88  TRP A CZ2 1 
ATOM   754  C CZ3 . TRP A 1 92  ? 4.226   6.924   9.591   1.00 7.76  ? 88  TRP A CZ3 1 
ATOM   755  C CH2 . TRP A 1 92  ? 5.465   6.980   8.935   1.00 7.81  ? 88  TRP A CH2 1 
ATOM   756  N N   . GLU A 1 93  ? -0.720  10.024  10.882  1.00 6.76  ? 89  GLU A N   1 
ATOM   757  C CA  . GLU A 1 93  ? -1.606  10.096  12.034  1.00 7.91  ? 89  GLU A CA  1 
ATOM   758  C C   . GLU A 1 93  ? -0.928  9.309   13.141  1.00 7.13  ? 89  GLU A C   1 
ATOM   759  O O   . GLU A 1 93  ? -0.892  8.075   13.111  1.00 7.14  ? 89  GLU A O   1 
ATOM   760  C CB  . GLU A 1 93  ? -2.986  9.547   11.689  1.00 9.97  ? 89  GLU A CB  1 
ATOM   761  C CG  . GLU A 1 93  ? -3.694  10.392  10.637  1.00 12.83 ? 89  GLU A CG  1 
ATOM   762  C CD  . GLU A 1 93  ? -5.150  10.033  10.449  1.00 14.43 ? 89  GLU A CD  1 
ATOM   763  O OE1 . GLU A 1 93  ? -5.836  10.768  9.710   1.00 15.19 ? 89  GLU A OE1 1 
ATOM   764  O OE2 . GLU A 1 93  ? -5.614  9.026   11.022  1.00 15.30 ? 89  GLU A OE2 1 
ATOM   765  N N   . GLY A 1 94  ? -0.324  10.024  14.085  1.00 7.17  ? 90  GLY A N   1 
ATOM   766  C CA  . GLY A 1 94  ? 0.599   9.393   15.013  1.00 6.89  ? 90  GLY A CA  1 
ATOM   767  C C   . GLY A 1 94  ? 1.722   8.757   14.210  1.00 6.37  ? 90  GLY A C   1 
ATOM   768  O O   . GLY A 1 94  ? 2.402   9.431   13.435  1.00 6.40  ? 90  GLY A O   1 
ATOM   769  N N   . ASP A 1 95  ? 1.896   7.448   14.371  1.00 5.71  ? 91  ASP A N   1 
ATOM   770  C CA  . ASP A 1 95  ? 2.912   6.722   13.610  1.00 5.88  ? 91  ASP A CA  1 
ATOM   771  C C   . ASP A 1 95  ? 2.271   5.785   12.579  1.00 5.66  ? 91  ASP A C   1 
ATOM   772  O O   . ASP A 1 95  ? 2.842   4.748   12.225  1.00 6.36  ? 91  ASP A O   1 
ATOM   773  C CB  . ASP A 1 95  ? 3.825   5.920   14.542  1.00 6.94  ? 91  ASP A CB  1 
ATOM   774  C CG  . ASP A 1 95  ? 4.764   6.792   15.360  1.00 8.35  ? 91  ASP A CG  1 
ATOM   775  O OD1 . ASP A 1 95  ? 4.703   8.041   15.284  1.00 8.95  ? 91  ASP A OD1 1 
ATOM   776  O OD2 . ASP A 1 95  ? 5.585   6.196   16.094  1.00 9.66  ? 91  ASP A OD2 1 
ATOM   777  N N   . VAL A 1 96  ? 1.087   6.148   12.102  1.00 5.80  ? 92  VAL A N   1 
ATOM   778  C CA  . VAL A 1 96  ? 0.428   5.428   11.018  1.00 5.30  ? 92  VAL A CA  1 
ATOM   779  C C   . VAL A 1 96  ? 0.448   6.325   9.781   1.00 5.25  ? 92  VAL A C   1 
ATOM   780  O O   . VAL A 1 96  ? 0.070   7.505   9.839   1.00 5.25  ? 92  VAL A O   1 
ATOM   781  C CB  . VAL A 1 96  ? -1.023  5.053   11.394  1.00 5.71  ? 92  VAL A CB  1 
ATOM   782  C CG1 . VAL A 1 96  ? -1.717  4.345   10.248  1.00 6.47  ? 92  VAL A CG1 1 
ATOM   783  C CG2 . VAL A 1 96  ? -1.038  4.177   12.649  1.00 6.88  ? 92  VAL A CG2 1 
ATOM   784  N N   . LEU A 1 97  ? 0.936   5.779   8.677   1.00 4.89  ? 93  LEU A N   1 
ATOM   785  C CA  . LEU A 1 97  ? 1.001   6.496   7.424   1.00 6.27  ? 93  LEU A CA  1 
ATOM   786  C C   . LEU A 1 97  ? -0.344  6.331   6.742   1.00 6.36  ? 93  LEU A C   1 
ATOM   787  O O   . LEU A 1 97  ? -0.753  5.212   6.446   1.00 7.32  ? 93  LEU A O   1 
ATOM   788  C CB  . LEU A 1 97  ? 2.129   5.910   6.572   1.00 6.98  ? 93  LEU A CB  1 
ATOM   789  C CG  . LEU A 1 97  ? 2.683   6.728   5.425   1.00 6.95  ? 93  LEU A CG  1 
ATOM   790  C CD1 . LEU A 1 97  ? 3.359   8.007   5.929   1.00 7.11  ? 93  LEU A CD1 1 
ATOM   791  C CD2 . LEU A 1 97  ? 3.659   5.886   4.629   1.00 6.76  ? 93  LEU A CD2 1 
ATOM   792  N N   . VAL A 1 98  ? -1.040  7.443   6.519   1.00 5.90  ? 94  VAL A N   1 
ATOM   793  C CA  . VAL A 1 98  ? -2.401  7.406   6.017   1.00 6.58  ? 94  VAL A CA  1 
ATOM   794  C C   . VAL A 1 98  ? -2.475  8.076   4.657   1.00 6.48  ? 94  VAL A C   1 
ATOM   795  O O   . VAL A 1 98  ? -2.118  9.245   4.521   1.00 8.08  ? 94  VAL A O   1 
ATOM   796  C CB  . VAL A 1 98  ? -3.368  8.111   6.994   1.00 7.44  ? 94  VAL A CB  1 
ATOM   797  C CG1 . VAL A 1 98  ? -4.778  8.213   6.399   1.00 8.27  ? 94  VAL A CG1 1 
ATOM   798  C CG2 . VAL A 1 98  ? -3.403  7.386   8.325   1.00 7.54  ? 94  VAL A CG2 1 
ATOM   799  N N   . CYS A 1 99  ? -2.962  7.337   3.664   1.00 6.26  ? 95  CYS A N   1 
ATOM   800  C CA  . CYS A 1 99  ? -3.177  7.885   2.341   1.00 6.78  ? 95  CYS A CA  1 
ATOM   801  C C   . CYS A 1 99  ? -4.652  7.939   1.993   1.00 6.18  ? 95  CYS A C   1 
ATOM   802  O O   . CYS A 1 99  ? -5.389  6.971   2.189   1.00 6.44  ? 95  CYS A O   1 
ATOM   803  C CB  . CYS A 1 99  ? -2.450  7.053   1.301   1.00 6.31  ? 95  CYS A CB  1 
ATOM   804  S SG  . CYS A 1 99  ? -2.638  7.660   -0.385  1.00 7.02  ? 95  CYS A SG  1 
ATOM   805  N N   . VAL A 1 100 ? -5.074  9.096   1.493   1.00 6.63  ? 96  VAL A N   1 
ATOM   806  C CA  . VAL A 1 100 ? -6.394  9.259   0.901   1.00 7.06  ? 96  VAL A CA  1 
ATOM   807  C C   . VAL A 1 100 ? -6.209  9.479   -0.597  1.00 6.03  ? 96  VAL A C   1 
ATOM   808  O O   . VAL A 1 100 ? -5.425  10.334  -1.012  1.00 6.88  ? 96  VAL A O   1 
ATOM   809  C CB  . VAL A 1 100 ? -7.178  10.445  1.537   1.00 7.81  ? 96  VAL A CB  1 
ATOM   810  C CG1 . VAL A 1 100 ? -7.501  10.149  3.003   1.00 9.08  ? 96  VAL A CG1 1 
ATOM   811  C CG2 . VAL A 1 100 ? -6.412  11.753  1.393   1.00 11.45 ? 96  VAL A CG2 1 
ATOM   812  N N   . GLN A 1 101 ? -6.903  8.676   -1.394  1.00 5.55  ? 97  GLN A N   1 
ATOM   813  C CA  . GLN A 1 101 ? -6.811  8.751   -2.840  1.00 5.95  ? 97  GLN A CA  1 
ATOM   814  C C   . GLN A 1 101 ? -8.125  9.281   -3.385  1.00 6.43  ? 97  GLN A C   1 
ATOM   815  O O   . GLN A 1 101 ? -9.064  8.524   -3.605  1.00 6.62  ? 97  GLN A O   1 
ATOM   816  C CB  . GLN A 1 101 ? -6.492  7.370   -3.421  1.00 6.39  ? 97  GLN A CB  1 
ATOM   817  C CG  . GLN A 1 101 ? -5.077  6.901   -3.113  1.00 6.85  ? 97  GLN A CG  1 
ATOM   818  C CD  . GLN A 1 101 ? -4.874  5.413   -3.371  1.00 7.41  ? 97  GLN A CD  1 
ATOM   819  O OE1 . GLN A 1 101 ? -3.889  5.000   -4.003  1.00 8.80  ? 97  GLN A OE1 1 
ATOM   820  N NE2 . GLN A 1 101 ? -5.794  4.598   -2.882  1.00 6.62  ? 97  GLN A NE2 1 
ATOM   821  N N   . LYS A 1 102 ? -8.200  10.596  -3.565  1.00 6.56  ? 98  LYS A N   1 
ATOM   822  C CA  . LYS A 1 102 ? -9.444  11.218  -4.006  1.00 7.97  ? 98  LYS A CA  1 
ATOM   823  C C   . LYS A 1 102 ? -9.637  11.043  -5.503  1.00 7.31  ? 98  LYS A C   1 
ATOM   824  O O   . LYS A 1 102 ? -8.723  11.258  -6.283  1.00 6.65  ? 98  LYS A O   1 
ATOM   825  C CB  . LYS A 1 102 ? -9.467  12.701  -3.645  1.00 9.34  ? 98  LYS A CB  1 
ATOM   826  C CG  . LYS A 1 102 ? -9.468  12.990  -2.155  1.00 12.50 ? 98  LYS A CG  1 
ATOM   827  C CD  . LYS A 1 102 ? -10.770 12.572  -1.505  1.00 14.68 ? 98  LYS A CD  1 
ATOM   828  C CE  . LYS A 1 102 ? -10.946 13.241  -0.148  1.00 16.42 ? 98  LYS A CE  1 
ATOM   829  N NZ  . LYS A 1 102 ? -12.323 13.050  0.374   1.00 18.25 ? 98  LYS A NZ  1 
ATOM   830  N N   . GLY A 1 103 ? -10.839 10.637  -5.895  1.00 7.78  ? 99  GLY A N   1 
ATOM   831  C CA  . GLY A 1 103 ? -11.133 10.379  -7.297  1.00 8.63  ? 99  GLY A CA  1 
ATOM   832  C C   . GLY A 1 103 ? -12.517 9.792   -7.440  1.00 9.43  ? 99  GLY A C   1 
ATOM   833  O O   . GLY A 1 103 ? -13.384 10.039  -6.611  1.00 10.08 ? 99  GLY A O   1 
ATOM   834  N N   . GLU A 1 104 ? -12.714 8.999   -8.482  1.00 10.08 ? 100 GLU A N   1 
ATOM   835  C CA  . GLU A 1 104 ? -14.026 8.419   -8.775  1.00 11.91 ? 100 GLU A CA  1 
ATOM   836  C C   . GLU A 1 104 ? -14.536 7.520   -7.654  1.00 10.83 ? 100 GLU A C   1 
ATOM   837  O O   . GLU A 1 104 ? -15.686 7.631   -7.224  1.00 12.22 ? 100 GLU A O   1 
ATOM   838  C CB  . GLU A 1 104 ? -13.979 7.649   -10.100 1.00 13.54 ? 100 GLU A CB  1 
ATOM   839  C CG  . GLU A 1 104 ? -15.322 7.039   -10.522 1.00 16.89 ? 100 GLU A CG  1 
ATOM   840  C CD  . GLU A 1 104 ? -15.341 5.526   -10.430 1.00 19.04 ? 100 GLU A CD  1 
ATOM   841  O OE1 . GLU A 1 104 ? -14.360 4.889   -10.874 1.00 20.40 ? 100 GLU A OE1 1 
ATOM   842  O OE2 . GLU A 1 104 ? -16.342 4.968   -9.925  1.00 20.48 ? 100 GLU A OE2 1 
ATOM   843  N N   . LYS A 1 105 ? -13.674 6.634   -7.178  1.00 9.10  ? 101 LYS A N   1 
ATOM   844  C CA  . LYS A 1 105 ? -14.068 5.679   -6.155  1.00 9.23  ? 101 LYS A CA  1 
ATOM   845  C C   . LYS A 1 105 ? -14.141 6.329   -4.785  1.00 9.35  ? 101 LYS A C   1 
ATOM   846  O O   . LYS A 1 105 ? -13.282 7.118   -4.411  1.00 10.18 ? 101 LYS A O   1 
ATOM   847  C CB  . LYS A 1 105 ? -13.089 4.507   -6.118  1.00 9.92  ? 101 LYS A CB  1 
ATOM   848  C CG  . LYS A 1 105 ? -13.052 3.679   -7.392  1.00 11.59 ? 101 LYS A CG  1 
ATOM   849  C CD  . LYS A 1 105 ? -14.376 2.974   -7.635  1.00 12.87 ? 101 LYS A CD  1 
ATOM   850  C CE  . LYS A 1 105 ? -14.330 2.175   -8.906  1.00 13.19 ? 101 LYS A CE  1 
ATOM   851  N NZ  . LYS A 1 105 ? -15.613 1.466   -9.150  1.00 14.71 ? 101 LYS A NZ  1 
ATOM   852  N N   . GLU A 1 106 ? -15.180 5.990   -4.039  1.00 9.24  ? 102 GLU A N   1 
ATOM   853  C CA  . GLU A 1 106 ? -15.335 6.480   -2.680  1.00 9.47  ? 102 GLU A CA  1 
ATOM   854  C C   . GLU A 1 106 ? -14.431 5.711   -1.722  1.00 8.11  ? 102 GLU A C   1 
ATOM   855  O O   . GLU A 1 106 ? -14.142 4.533   -1.943  1.00 8.88  ? 102 GLU A O   1 
ATOM   856  C CB  . GLU A 1 106 ? -16.795 6.340   -2.236  1.00 12.09 ? 102 GLU A CB  1 
ATOM   857  C CG  . GLU A 1 106 ? -17.789 7.167   -3.049  1.00 15.44 ? 102 GLU A CG  1 
ATOM   858  C CD  . GLU A 1 106 ? -17.727 8.653   -2.720  1.00 17.67 ? 102 GLU A CD  1 
ATOM   859  O OE1 . GLU A 1 106 ? -17.298 8.999   -1.597  1.00 19.86 ? 102 GLU A OE1 1 
ATOM   860  O OE2 . GLU A 1 106 ? -18.126 9.474   -3.577  1.00 20.12 ? 102 GLU A OE2 1 
ATOM   861  N N   . ASN A 1 107 ? -13.989 6.383   -0.661  1.00 7.78  ? 103 ASN A N   1 
ATOM   862  C CA  . ASN A 1 107 ? -13.327 5.714   0.473   1.00 7.32  ? 103 ASN A CA  1 
ATOM   863  C C   . ASN A 1 107 ? -12.067 4.968   0.065   1.00 6.89  ? 103 ASN A C   1 
ATOM   864  O O   . ASN A 1 107 ? -11.716 3.932   0.642   1.00 8.11  ? 103 ASN A O   1 
ATOM   865  C CB  . ASN A 1 107 ? -14.303 4.761   1.165   1.00 7.58  ? 103 ASN A CB  1 
ATOM   866  C CG  . ASN A 1 107 ? -15.587 5.444   1.576   1.00 7.88  ? 103 ASN A CG  1 
ATOM   867  O OD1 . ASN A 1 107 ? -15.606 6.644   1.843   1.00 8.31  ? 103 ASN A OD1 1 
ATOM   868  N ND2 . ASN A 1 107 ? -16.669 4.681   1.630   1.00 8.05  ? 103 ASN A ND2 1 
ATOM   869  N N   . ARG A 1 108 ? -11.391 5.504   -0.941  1.00 6.59  ? 104 ARG A N   1 
ATOM   870  C CA  . ARG A 1 108 ? -10.200 4.881   -1.477  1.00 6.03  ? 104 ARG A CA  1 
ATOM   871  C C   . ARG A 1 108 ? -8.948  5.429   -0.800  1.00 6.08  ? 104 ARG A C   1 
ATOM   872  O O   . ARG A 1 108 ? -8.744  6.639   -0.729  1.00 5.85  ? 104 ARG A O   1 
ATOM   873  C CB  . ARG A 1 108 ? -10.133 5.097   -2.987  1.00 6.05  ? 104 ARG A CB  1 
ATOM   874  C CG  . ARG A 1 108 ? -9.001  4.343   -3.659  1.00 5.96  ? 104 ARG A CG  1 
ATOM   875  C CD  . ARG A 1 108 ? -8.869  4.715   -5.118  1.00 6.50  ? 104 ARG A CD  1 
ATOM   876  N NE  . ARG A 1 108 ? -7.788  3.944   -5.726  1.00 6.50  ? 104 ARG A NE  1 
ATOM   877  C CZ  . ARG A 1 108 ? -7.696  3.661   -7.024  1.00 7.16  ? 104 ARG A CZ  1 
ATOM   878  N NH1 . ARG A 1 108 ? -8.607  4.107   -7.882  1.00 7.82  ? 104 ARG A NH1 1 
ATOM   879  N NH2 . ARG A 1 108 ? -6.692  2.915   -7.458  1.00 7.18  ? 104 ARG A NH2 1 
ATOM   880  N N   . GLY A 1 109 ? -8.116  4.525   -0.289  1.00 5.91  ? 105 GLY A N   1 
ATOM   881  C CA  . GLY A 1 109 ? -6.874  4.928   0.347   1.00 6.18  ? 105 GLY A CA  1 
ATOM   882  C C   . GLY A 1 109 ? -6.200  3.741   0.969   1.00 6.00  ? 105 GLY A C   1 
ATOM   883  O O   . GLY A 1 109 ? -6.522  2.582   0.663   1.00 6.41  ? 105 GLY A O   1 
ATOM   884  N N   . TRP A 1 110 ? -5.265  4.027   1.860   1.00 5.40  ? 106 TRP A N   1 
ATOM   885  C CA  . TRP A 1 110 ? -4.562  2.967   2.565   1.00 5.53  ? 106 TRP A CA  1 
ATOM   886  C C   . TRP A 1 110 ? -3.911  3.513   3.818   1.00 5.56  ? 106 TRP A C   1 
ATOM   887  O O   . TRP A 1 110 ? -3.743  4.723   3.959   1.00 5.42  ? 106 TRP A O   1 
ATOM   888  C CB  . TRP A 1 110 ? -3.531  2.265   1.650   1.00 6.17  ? 106 TRP A CB  1 
ATOM   889  C CG  . TRP A 1 110 ? -2.557  3.176   0.907   1.00 5.93  ? 106 TRP A CG  1 
ATOM   890  C CD1 . TRP A 1 110 ? -2.640  3.556   -0.396  1.00 6.40  ? 106 TRP A CD1 1 
ATOM   891  C CD2 . TRP A 1 110 ? -1.350  3.762   1.417   1.00 5.78  ? 106 TRP A CD2 1 
ATOM   892  N NE1 . TRP A 1 110 ? -1.568  4.355   -0.735  1.00 6.24  ? 106 TRP A NE1 1 
ATOM   893  C CE2 . TRP A 1 110 ? -0.766  4.502   0.363   1.00 6.52  ? 106 TRP A CE2 1 
ATOM   894  C CE3 . TRP A 1 110 ? -0.719  3.757   2.670   1.00 6.53  ? 106 TRP A CE3 1 
ATOM   895  C CZ2 . TRP A 1 110 ? 0.423   5.222   0.518   1.00 6.25  ? 106 TRP A CZ2 1 
ATOM   896  C CZ3 . TRP A 1 110 ? 0.466   4.475   2.822   1.00 6.58  ? 106 TRP A CZ3 1 
ATOM   897  C CH2 . TRP A 1 110 ? 1.024   5.194   1.748   1.00 6.65  ? 106 TRP A CH2 1 
ATOM   898  N N   . LYS A 1 111 ? -3.596  2.613   4.743   1.00 5.43  ? 107 LYS A N   1 
ATOM   899  C CA  . LYS A 1 111 ? -2.904  2.963   5.966   1.00 5.81  ? 107 LYS A CA  1 
ATOM   900  C C   . LYS A 1 111 ? -1.805  1.948   6.169   1.00 4.74  ? 107 LYS A C   1 
ATOM   901  O O   . LYS A 1 111 ? -2.030  0.751   6.011   1.00 5.81  ? 107 LYS A O   1 
ATOM   902  C CB  . LYS A 1 111 ? -3.870  2.974   7.155   1.00 6.20  ? 107 LYS A CB  1 
ATOM   903  C CG  . LYS A 1 111 ? -4.994  4.007   6.998   1.00 7.06  ? 107 LYS A CG  1 
ATOM   904  C CD  . LYS A 1 111 ? -5.911  4.074   8.198   1.00 7.65  ? 107 LYS A CD  1 
ATOM   905  C CE  . LYS A 1 111 ? -7.049  5.053   7.929   1.00 9.17  ? 107 LYS A CE  1 
ATOM   906  N NZ  . LYS A 1 111 ? -7.972  5.203   9.095   1.00 10.15 ? 107 LYS A NZ  1 
ATOM   907  N N   . GLN A 1 112 ? -0.614  2.427   6.511   1.00 4.71  ? 108 GLN A N   1 
ATOM   908  C CA  . GLN A 1 112 ? 0.576   1.573   6.609   1.00 5.32  ? 108 GLN A CA  1 
ATOM   909  C C   . GLN A 1 112 ? 1.353   1.923   7.864   1.00 5.60  ? 108 GLN A C   1 
ATOM   910  O O   . GLN A 1 112 ? 1.620   3.098   8.130   1.00 5.16  ? 108 GLN A O   1 
ATOM   911  C CB  . GLN A 1 112 ? 1.443   1.756   5.365   1.00 6.09  ? 108 GLN A CB  1 
ATOM   912  C CG  . GLN A 1 112 ? 2.708   0.917   5.313   1.00 7.18  ? 108 GLN A CG  1 
ATOM   913  C CD  . GLN A 1 112 ? 3.321   0.977   3.942   1.00 7.67  ? 108 GLN A CD  1 
ATOM   914  O OE1 . GLN A 1 112 ? 2.880   0.282   3.030   1.00 8.99  ? 108 GLN A OE1 1 
ATOM   915  N NE2 . GLN A 1 112 ? 4.325   1.828   3.774   1.00 8.32  ? 108 GLN A NE2 1 
ATOM   916  N N   . TRP A 1 113 ? 1.717   0.911   8.640   1.00 5.87  ? 109 TRP A N   1 
ATOM   917  C CA  . TRP A 1 113 ? 2.386   1.150   9.911   1.00 6.34  ? 109 TRP A CA  1 
ATOM   918  C C   . TRP A 1 113 ? 3.237   -0.038  10.341  1.00 7.00  ? 109 TRP A C   1 
ATOM   919  O O   . TRP A 1 113 ? 2.991   -1.184  9.926   1.00 7.34  ? 109 TRP A O   1 
ATOM   920  C CB  . TRP A 1 113 ? 1.369   1.506   11.002  1.00 6.95  ? 109 TRP A CB  1 
ATOM   921  C CG  . TRP A 1 113 ? 0.496   0.357   11.442  1.00 6.93  ? 109 TRP A CG  1 
ATOM   922  C CD1 . TRP A 1 113 ? 0.664   -0.413  12.557  1.00 7.51  ? 109 TRP A CD1 1 
ATOM   923  C CD2 . TRP A 1 113 ? -0.685  -0.145  10.787  1.00 6.90  ? 109 TRP A CD2 1 
ATOM   924  N NE1 . TRP A 1 113 ? -0.328  -1.352  12.643  1.00 8.25  ? 109 TRP A NE1 1 
ATOM   925  C CE2 . TRP A 1 113 ? -1.171  -1.214  11.572  1.00 7.88  ? 109 TRP A CE2 1 
ATOM   926  C CE3 . TRP A 1 113 ? -1.376  0.203   9.621   1.00 6.44  ? 109 TRP A CE3 1 
ATOM   927  C CZ2 . TRP A 1 113 ? -2.316  -1.943  11.223  1.00 8.27  ? 109 TRP A CZ2 1 
ATOM   928  C CZ3 . TRP A 1 113 ? -2.516  -0.525  9.278   1.00 7.19  ? 109 TRP A CZ3 1 
ATOM   929  C CH2 . TRP A 1 113 ? -2.969  -1.585  10.076  1.00 7.65  ? 109 TRP A CH2 1 
ATOM   930  N N   . ILE A 1 114 ? 4.229   0.249   11.176  1.00 7.61  ? 110 ILE A N   1 
ATOM   931  C CA  . ILE A 1 114 ? 5.070   -0.779  11.776  1.00 8.53  ? 110 ILE A CA  1 
ATOM   932  C C   . ILE A 1 114 ? 4.578   -1.087  13.186  1.00 9.17  ? 110 ILE A C   1 
ATOM   933  O O   . ILE A 1 114 ? 4.315   -0.171  13.966  1.00 8.81  ? 110 ILE A O   1 
ATOM   934  C CB  . ILE A 1 114 ? 6.541   -0.288  11.892  1.00 9.19  ? 110 ILE A CB  1 
ATOM   935  C CG1 . ILE A 1 114 ? 7.083   0.219   10.543  1.00 11.04 ? 110 ILE A CG1 1 
ATOM   936  C CG2 . ILE A 1 114 ? 7.437   -1.358  12.541  1.00 9.69  ? 110 ILE A CG2 1 
ATOM   937  C CD1 . ILE A 1 114 ? 7.150   -0.832  9.441   1.00 13.03 ? 110 ILE A CD1 1 
ATOM   938  N N   . GLU A 1 115 ? 4.460   -2.376  13.506  1.00 10.58 ? 111 GLU A N   1 
ATOM   939  C CA  . GLU A 1 115 ? 4.333   -2.830  14.896  1.00 13.21 ? 111 GLU A CA  1 
ATOM   940  C C   . GLU A 1 115 ? 5.491   -3.758  15.184  1.00 14.59 ? 111 GLU A C   1 
ATOM   941  O O   . GLU A 1 115 ? 5.561   -4.862  14.627  1.00 14.60 ? 111 GLU A O   1 
ATOM   942  C CB  . GLU A 1 115 ? 3.050   -3.614  15.120  1.00 14.14 ? 111 GLU A CB  1 
ATOM   943  C CG  . GLU A 1 115 ? 1.778   -2.859  14.890  1.00 14.27 ? 111 GLU A CG  1 
ATOM   944  C CD  . GLU A 1 115 ? 0.559   -3.745  15.061  1.00 14.77 ? 111 GLU A CD  1 
ATOM   945  O OE1 . GLU A 1 115 ? 0.678   -4.814  15.706  1.00 15.88 ? 111 GLU A OE1 1 
ATOM   946  O OE2 . GLU A 1 115 ? -0.519  -3.377  14.557  1.00 13.88 ? 111 GLU A OE2 1 
ATOM   947  N N   . GLY A 1 116 ? 6.390   -3.326  16.063  1.00 15.67 ? 112 GLY A N   1 
ATOM   948  C CA  . GLY A 1 116 ? 7.571   -4.108  16.389  1.00 16.58 ? 112 GLY A CA  1 
ATOM   949  C C   . GLY A 1 116 ? 8.359   -4.440  15.143  1.00 16.43 ? 112 GLY A C   1 
ATOM   950  O O   . GLY A 1 116 ? 8.999   -3.571  14.552  1.00 18.21 ? 112 GLY A O   1 
ATOM   951  N N   . ASP A 1 117 ? 8.283   -5.700  14.723  1.00 16.21 ? 113 ASP A N   1 
ATOM   952  C CA  . ASP A 1 117 ? 9.118   -6.193  13.635  1.00 15.19 ? 113 ASP A CA  1 
ATOM   953  C C   . ASP A 1 117 ? 8.336   -6.518  12.360  1.00 12.85 ? 113 ASP A C   1 
ATOM   954  O O   . ASP A 1 117 ? 8.868   -7.163  11.458  1.00 12.49 ? 113 ASP A O   1 
ATOM   955  C CB  . ASP A 1 117 ? 9.920   -7.418  14.093  1.00 17.39 ? 113 ASP A CB  1 
ATOM   956  C CG  . ASP A 1 117 ? 10.815  -7.117  15.289  1.00 19.07 ? 113 ASP A CG  1 
ATOM   957  O OD1 . ASP A 1 117 ? 11.077  -8.048  16.080  1.00 20.01 ? 113 ASP A OD1 1 
ATOM   958  O OD2 . ASP A 1 117 ? 11.245  -5.950  15.440  1.00 20.70 ? 113 ASP A OD2 1 
ATOM   959  N N   . LYS A 1 118 ? 7.084   -6.064  12.295  1.00 10.84 ? 114 LYS A N   1 
ATOM   960  C CA  . LYS A 1 118 ? 6.237   -6.305  11.121  1.00 9.99  ? 114 LYS A CA  1 
ATOM   961  C C   . LYS A 1 118 ? 5.655   -5.011  10.563  1.00 8.47  ? 114 LYS A C   1 
ATOM   962  O O   . LYS A 1 118 ? 5.468   -4.027  11.286  1.00 8.95  ? 114 LYS A O   1 
ATOM   963  C CB  . LYS A 1 118 ? 5.110   -7.291  11.451  1.00 10.52 ? 114 LYS A CB  1 
ATOM   964  C CG  . LYS A 1 118 ? 5.588   -8.702  11.833  1.00 10.78 ? 114 LYS A CG  1 
ATOM   965  C CD  . LYS A 1 118 ? 4.422   -9.677  11.940  1.00 11.97 ? 114 LYS A CD  1 
ATOM   966  C CE  . LYS A 1 118 ? 4.883   -11.045 12.425  1.00 13.44 ? 114 LYS A CE  1 
ATOM   967  N NZ  . LYS A 1 118 ? 3.748   -11.997 12.509  1.00 15.56 ? 114 LYS A NZ  1 
ATOM   968  N N   . LEU A 1 119 ? 5.388   -5.026  9.262   1.00 7.06  ? 115 LEU A N   1 
ATOM   969  C CA  . LEU A 1 119 ? 4.737   -3.921  8.569   1.00 6.71  ? 115 LEU A CA  1 
ATOM   970  C C   . LEU A 1 119 ? 3.307   -4.333  8.221   1.00 6.15  ? 115 LEU A C   1 
ATOM   971  O O   . LEU A 1 119 ? 3.075   -5.431  7.675   1.00 6.46  ? 115 LEU A O   1 
ATOM   972  C CB  . LEU A 1 119 ? 5.515   -3.577  7.301   1.00 7.59  ? 115 LEU A CB  1 
ATOM   973  C CG  . LEU A 1 119 ? 4.963   -2.433  6.444   1.00 8.47  ? 115 LEU A CG  1 
ATOM   974  C CD1 . LEU A 1 119 ? 6.108   -1.689  5.777   1.00 11.42 ? 115 LEU A CD1 1 
ATOM   975  C CD2 . LEU A 1 119 ? 3.944   -2.915  5.410   1.00 10.32 ? 115 LEU A CD2 1 
ATOM   976  N N   . TYR A 1 120 ? 2.363   -3.451  8.525   1.00 6.02  ? 116 TYR A N   1 
ATOM   977  C CA  . TYR A 1 120 ? 0.944   -3.688  8.308   1.00 6.50  ? 116 TYR A CA  1 
ATOM   978  C C   . TYR A 1 120 ? 0.437   -2.708  7.283   1.00 5.53  ? 116 TYR A C   1 
ATOM   979  O O   . TYR A 1 120 ? 0.846   -1.541  7.278   1.00 5.74  ? 116 TYR A O   1 
ATOM   980  C CB  . TYR A 1 120 ? 0.179   -3.493  9.624   1.00 8.19  ? 116 TYR A CB  1 
ATOM   981  C CG  . TYR A 1 120 ? 0.546   -4.515  10.668  1.00 8.51  ? 116 TYR A CG  1 
ATOM   982  C CD1 . TYR A 1 120 ? 1.735   -4.412  11.383  1.00 9.19  ? 116 TYR A CD1 1 
ATOM   983  C CD2 . TYR A 1 120 ? -0.271  -5.615  10.905  1.00 9.00  ? 116 TYR A CD2 1 
ATOM   984  C CE1 . TYR A 1 120 ? 2.096   -5.376  12.316  1.00 9.69  ? 116 TYR A CE1 1 
ATOM   985  C CE2 . TYR A 1 120 ? 0.079   -6.581  11.845  1.00 9.12  ? 116 TYR A CE2 1 
ATOM   986  C CZ  . TYR A 1 120 ? 1.259   -6.451  12.544  1.00 9.35  ? 116 TYR A CZ  1 
ATOM   987  O OH  . TYR A 1 120 ? 1.607   -7.412  13.474  1.00 10.66 ? 116 TYR A OH  1 
ATOM   988  N N   . LEU A 1 121 ? -0.453  -3.178  6.416   1.00 6.11  ? 117 LEU A N   1 
ATOM   989  C CA  . LEU A 1 121 ? -1.065  -2.324  5.413   1.00 6.99  ? 117 LEU A CA  1 
ATOM   990  C C   . LEU A 1 121 ? -2.537  -2.666  5.266   1.00 7.31  ? 117 LEU A C   1 
ATOM   991  O O   . LEU A 1 121 ? -2.886  -3.820  4.997   1.00 8.58  ? 117 LEU A O   1 
ATOM   992  C CB  . LEU A 1 121 ? -0.344  -2.483  4.068   1.00 7.91  ? 117 LEU A CB  1 
ATOM   993  C CG  . LEU A 1 121 ? -0.908  -1.798  2.816   1.00 8.01  ? 117 LEU A CG  1 
ATOM   994  C CD1 . LEU A 1 121 ? -0.860  -0.278  2.941   1.00 8.68  ? 117 LEU A CD1 1 
ATOM   995  C CD2 . LEU A 1 121 ? -0.141  -2.262  1.586   1.00 8.65  ? 117 LEU A CD2 1 
ATOM   996  N N   . GLU A 1 122 ? -3.396  -1.665  5.429   1.00 7.30  ? 118 GLU A N   1 
ATOM   997  C CA  . GLU A 1 122 ? -4.818  -1.820  5.151   1.00 8.28  ? 118 GLU A CA  1 
ATOM   998  C C   . GLU A 1 122 ? -5.187  -0.972  3.950   1.00 6.87  ? 118 GLU A C   1 
ATOM   999  O O   . GLU A 1 122 ? -4.887  0.221   3.909   1.00 7.18  ? 118 GLU A O   1 
ATOM   1000 C CB  . GLU A 1 122 ? -5.667  -1.464  6.382   1.00 9.90  ? 118 GLU A CB  1 
ATOM   1001 C CG  . GLU A 1 122 ? -5.548  -2.524  7.498   1.00 12.82 ? 118 GLU A CG  1 
ATOM   1002 C CD  . GLU A 1 122 ? -6.617  -2.420  8.580   1.00 13.84 ? 118 GLU A CD  1 
ATOM   1003 O OE1 . GLU A 1 122 ? -6.558  -3.227  9.538   1.00 16.58 ? 118 GLU A OE1 1 
ATOM   1004 O OE2 . GLU A 1 122 ? -7.506  -1.550  8.478   1.00 15.88 ? 118 GLU A OE2 1 
ATOM   1005 N N   . LEU A 1 123 ? -5.779  -1.609  2.950   1.00 5.59  ? 119 LEU A N   1 
ATOM   1006 C CA  . LEU A 1 123 ? -6.156  -0.959  1.702   1.00 6.43  ? 119 LEU A CA  1 
ATOM   1007 C C   . LEU A 1 123 ? -7.663  -0.865  1.668   1.00 6.19  ? 119 LEU A C   1 
ATOM   1008 O O   . LEU A 1 123 ? -8.351  -1.856  1.937   1.00 6.09  ? 119 LEU A O   1 
ATOM   1009 C CB  . LEU A 1 123 ? -5.679  -1.785  0.502   1.00 7.69  ? 119 LEU A CB  1 
ATOM   1010 C CG  . LEU A 1 123 ? -4.169  -1.989  0.288   1.00 9.06  ? 119 LEU A CG  1 
ATOM   1011 C CD1 . LEU A 1 123 ? -3.905  -3.293  -0.467  1.00 10.87 ? 119 LEU A CD1 1 
ATOM   1012 C CD2 . LEU A 1 123 ? -3.566  -0.826  -0.475  1.00 10.50 ? 119 LEU A CD2 1 
ATOM   1013 N N   . THR A 1 124 ? -8.191  0.303   1.316   1.00 5.89  ? 120 THR A N   1 
ATOM   1014 C CA  . THR A 1 124 ? -9.645  0.476   1.291   1.00 5.90  ? 120 THR A CA  1 
ATOM   1015 C C   . THR A 1 124 ? -10.139 0.996   -0.042  1.00 5.94  ? 120 THR A C   1 
ATOM   1016 O O   . THR A 1 124 ? -9.469  1.797   -0.693  1.00 6.13  ? 120 THR A O   1 
ATOM   1017 C CB  . THR A 1 124 ? -10.130 1.430   2.393   1.00 6.50  ? 120 THR A CB  1 
ATOM   1018 O OG1 . THR A 1 124 ? -9.580  2.736   2.175   1.00 7.85  ? 120 THR A OG1 1 
ATOM   1019 C CG2 . THR A 1 124 ? -9.714  0.906   3.757   1.00 6.43  ? 120 THR A CG2 1 
ATOM   1020 N N   . CYS A 1 125 ? -11.319 0.526   -0.442  1.00 6.62  ? 121 CYS A N   1 
ATOM   1021 C CA  . CYS A 1 125 ? -12.051 1.118   -1.546  1.00 6.99  ? 121 CYS A CA  1 
ATOM   1022 C C   . CYS A 1 125 ? -13.522 0.799   -1.357  1.00 6.83  ? 121 CYS A C   1 
ATOM   1023 O O   . CYS A 1 125 ? -13.883 -0.360  -1.135  1.00 6.49  ? 121 CYS A O   1 
ATOM   1024 C CB  . CYS A 1 125 ? -11.560 0.576   -2.894  1.00 7.25  ? 121 CYS A CB  1 
ATOM   1025 S SG  . CYS A 1 125 ? -12.258 1.442   -4.309  1.00 9.05  ? 121 CYS A SG  1 
ATOM   1026 N N   . GLY A 1 126 ? -14.366 1.826   -1.446  1.00 7.58  ? 122 GLY A N   1 
ATOM   1027 C CA  . GLY A 1 126 ? -15.808 1.656   -1.287  1.00 8.38  ? 122 GLY A CA  1 
ATOM   1028 C C   . GLY A 1 126 ? -16.108 1.070   0.075   1.00 8.32  ? 122 GLY A C   1 
ATOM   1029 O O   . GLY A 1 126 ? -15.732 1.646   1.089   1.00 8.91  ? 122 GLY A O   1 
ATOM   1030 N N   . ASP A 1 127 ? -16.753 -0.095  0.098   1.00 8.03  ? 123 ASP A N   1 
ATOM   1031 C CA  . ASP A 1 127 ? -17.075 -0.776  1.358   1.00 9.12  ? 123 ASP A CA  1 
ATOM   1032 C C   . ASP A 1 127 ? -16.135 -1.952  1.667   1.00 8.51  ? 123 ASP A C   1 
ATOM   1033 O O   . ASP A 1 127 ? -16.433 -2.786  2.526   1.00 8.95  ? 123 ASP A O   1 
ATOM   1034 C CB  . ASP A 1 127 ? -18.549 -1.231  1.389   1.00 11.52 ? 123 ASP A CB  1 
ATOM   1035 C CG  . ASP A 1 127 ? -18.889 -2.240  0.287   1.00 13.24 ? 123 ASP A CG  1 
ATOM   1036 O OD1 . ASP A 1 127 ? -17.994 -2.622  -0.492  1.00 13.36 ? 123 ASP A OD1 1 
ATOM   1037 O OD2 . ASP A 1 127 ? -20.070 -2.650  0.198   1.00 15.34 ? 123 ASP A OD2 1 
ATOM   1038 N N   . GLN A 1 128 ? -14.992 -1.996  0.979   1.00 8.05  ? 124 GLN A N   1 
ATOM   1039 C CA  . GLN A 1 128 ? -14.055 -3.113  1.091   1.00 7.55  ? 124 GLN A CA  1 
ATOM   1040 C C   . GLN A 1 128 ? -12.779 -2.700  1.791   1.00 7.51  ? 124 GLN A C   1 
ATOM   1041 O O   . GLN A 1 128 ? -12.249 -1.616  1.550   1.00 8.20  ? 124 GLN A O   1 
ATOM   1042 C CB  . GLN A 1 128 ? -13.727 -3.670  -0.296  1.00 8.39  ? 124 GLN A CB  1 
ATOM   1043 C CG  . GLN A 1 128 ? -14.933 -4.225  -1.033  1.00 8.67  ? 124 GLN A CG  1 
ATOM   1044 C CD  . GLN A 1 128 ? -15.552 -5.396  -0.313  1.00 9.23  ? 124 GLN A CD  1 
ATOM   1045 O OE1 . GLN A 1 128 ? -14.864 -6.341  0.068   1.00 9.70  ? 124 GLN A OE1 1 
ATOM   1046 N NE2 . GLN A 1 128 ? -16.864 -5.340  -0.111  1.00 10.02 ? 124 GLN A NE2 1 
ATOM   1047 N N   . VAL A 1 129 ? -12.302 -3.573  2.668   1.00 6.77  ? 125 VAL A N   1 
ATOM   1048 C CA  . VAL A 1 129 ? -11.034 -3.387  3.355   1.00 6.67  ? 125 VAL A CA  1 
ATOM   1049 C C   . VAL A 1 129 ? -10.200 -4.642  3.170   1.00 6.09  ? 125 VAL A C   1 
ATOM   1050 O O   . VAL A 1 129 ? -10.671 -5.745  3.432   1.00 5.76  ? 125 VAL A O   1 
ATOM   1051 C CB  . VAL A 1 129 ? -11.230 -3.127  4.866   1.00 7.88  ? 125 VAL A CB  1 
ATOM   1052 C CG1 . VAL A 1 129 ? -9.889  -2.928  5.560   1.00 8.80  ? 125 VAL A CG1 1 
ATOM   1053 C CG2 . VAL A 1 129 ? -12.132 -1.918  5.095   1.00 8.43  ? 125 VAL A CG2 1 
ATOM   1054 N N   . CYS A 1 130 ? -8.973  -4.462  2.693   1.00 5.34  ? 126 CYS A N   1 
ATOM   1055 C CA  . CYS A 1 130 ? -7.998  -5.537  2.588   1.00 5.50  ? 126 CYS A CA  1 
ATOM   1056 C C   . CYS A 1 130 ? -6.917  -5.328  3.650   1.00 5.54  ? 126 CYS A C   1 
ATOM   1057 O O   . CYS A 1 130 ? -6.410  -4.220  3.816   1.00 6.06  ? 126 CYS A O   1 
ATOM   1058 C CB  . CYS A 1 130 ? -7.379  -5.539  1.191   1.00 5.81  ? 126 CYS A CB  1 
ATOM   1059 S SG  . CYS A 1 130 ? -5.873  -6.506  1.010   1.00 5.33  ? 126 CYS A SG  1 
ATOM   1060 N N   . ARG A 1 131 ? -6.591  -6.395  4.369   1.00 5.68  ? 127 ARG A N   1 
ATOM   1061 C CA  . ARG A 1 131 ? -5.590  -6.340  5.427   1.00 6.17  ? 127 ARG A CA  1 
ATOM   1062 C C   . ARG A 1 131 ? -4.384  -7.197  5.059   1.00 5.42  ? 127 ARG A C   1 
ATOM   1063 O O   . ARG A 1 131 ? -4.523  -8.384  4.753   1.00 5.75  ? 127 ARG A O   1 
ATOM   1064 C CB  . ARG A 1 131 ? -6.191  -6.800  6.759   1.00 9.17  ? 127 ARG A CB  1 
ATOM   1065 C CG  . ARG A 1 131 ? -7.289  -5.872  7.277   1.00 13.01 ? 127 ARG A CG  1 
ATOM   1066 C CD  . ARG A 1 131 ? -8.079  -6.479  8.423   1.00 15.58 ? 127 ARG A CD  1 
ATOM   1067 N NE  . ARG A 1 131 ? -9.521  -6.303  8.222   1.00 18.35 ? 127 ARG A NE  1 
ATOM   1068 C CZ  . ARG A 1 131 ? -10.217 -5.224  8.580   1.00 18.77 ? 127 ARG A CZ  1 
ATOM   1069 N NH1 . ARG A 1 131 ? -9.618  -4.198  9.180   1.00 19.40 ? 127 ARG A NH1 1 
ATOM   1070 N NH2 . ARG A 1 131 ? -11.522 -5.172  8.334   1.00 19.04 ? 127 ARG A NH2 1 
ATOM   1071 N N   . GLN A 1 132 ? -3.210  -6.582  5.088   1.00 5.33  ? 128 GLN A N   1 
ATOM   1072 C CA  . GLN A 1 132 ? -1.973  -7.274  4.737   1.00 5.90  ? 128 GLN A CA  1 
ATOM   1073 C C   . GLN A 1 132 ? -0.977  -7.153  5.868   1.00 5.81  ? 128 GLN A C   1 
ATOM   1074 O O   . GLN A 1 132 ? -0.938  -6.137  6.566   1.00 6.40  ? 128 GLN A O   1 
ATOM   1075 C CB  . GLN A 1 132 ? -1.377  -6.686  3.462   1.00 6.31  ? 128 GLN A CB  1 
ATOM   1076 C CG  . GLN A 1 132 ? -2.339  -6.691  2.291   1.00 6.65  ? 128 GLN A CG  1 
ATOM   1077 C CD  . GLN A 1 132 ? -1.734  -6.141  1.011   1.00 6.29  ? 128 GLN A CD  1 
ATOM   1078 O OE1 . GLN A 1 132 ? -0.727  -5.436  1.035   1.00 7.89  ? 128 GLN A OE1 1 
ATOM   1079 N NE2 . GLN A 1 132 ? -2.353  -6.461  -0.118  1.00 6.87  ? 128 GLN A NE2 1 
ATOM   1080 N N   . VAL A 1 133 ? -0.177  -8.195  6.052   1.00 5.52  ? 129 VAL A N   1 
ATOM   1081 C CA  . VAL A 1 133 ? 0.906   -8.169  7.029   1.00 5.53  ? 129 VAL A CA  1 
ATOM   1082 C C   . VAL A 1 133 ? 2.169   -8.640  6.341   1.00 4.98  ? 129 VAL A C   1 
ATOM   1083 O O   . VAL A 1 133 ? 2.144   -9.623  5.595   1.00 4.84  ? 129 VAL A O   1 
ATOM   1084 C CB  . VAL A 1 133 ? 0.607   -9.073  8.252   1.00 5.98  ? 129 VAL A CB  1 
ATOM   1085 C CG1 . VAL A 1 133 ? 1.701   -8.926  9.319   1.00 7.17  ? 129 VAL A CG1 1 
ATOM   1086 C CG2 . VAL A 1 133 ? -0.766  -8.758  8.839   1.00 6.74  ? 129 VAL A CG2 1 
ATOM   1087 N N   . PHE A 1 134 ? 3.263   -7.926  6.588   1.00 5.58  ? 130 PHE A N   1 
ATOM   1088 C CA  . PHE A 1 134 ? 4.559   -8.239  6.008   1.00 5.17  ? 130 PHE A CA  1 
ATOM   1089 C C   . PHE A 1 134 ? 5.578   -8.479  7.112   1.00 5.52  ? 130 PHE A C   1 
ATOM   1090 O O   . PHE A 1 134 ? 5.691   -7.687  8.055   1.00 7.35  ? 130 PHE A O   1 
ATOM   1091 C CB  . PHE A 1 134 ? 5.064   -7.088  5.126   1.00 6.31  ? 130 PHE A CB  1 
ATOM   1092 C CG  . PHE A 1 134 ? 4.221   -6.816  3.898   1.00 6.03  ? 130 PHE A CG  1 
ATOM   1093 C CD1 . PHE A 1 134 ? 2.968   -6.200  3.994   1.00 7.37  ? 130 PHE A CD1 1 
ATOM   1094 C CD2 . PHE A 1 134 ? 4.719   -7.103  2.638   1.00 6.96  ? 130 PHE A CD2 1 
ATOM   1095 C CE1 . PHE A 1 134 ? 2.217   -5.941  2.840   1.00 7.63  ? 130 PHE A CE1 1 
ATOM   1096 C CE2 . PHE A 1 134 ? 3.973   -6.844  1.498   1.00 8.17  ? 130 PHE A CE2 1 
ATOM   1097 C CZ  . PHE A 1 134 ? 2.726   -6.265  1.602   1.00 8.04  ? 130 PHE A CZ  1 
ATOM   1098 N N   . LYS A 1 135 ? 6.326   -9.567  6.989   1.00 5.62  ? 131 LYS A N   1 
ATOM   1099 C CA  . LYS A 1 135 ? 7.442   -9.832  7.904   1.00 6.22  ? 131 LYS A CA  1 
ATOM   1100 C C   . LYS A 1 135 ? 8.708   -9.123  7.419   1.00 5.45  ? 131 LYS A C   1 
ATOM   1101 O O   . LYS A 1 135 ? 8.864   -8.842  6.223   1.00 6.32  ? 131 LYS A O   1 
ATOM   1102 C CB  . LYS A 1 135 ? 7.686   -11.340 8.047   1.00 7.93  ? 131 LYS A CB  1 
ATOM   1103 C CG  . LYS A 1 135 ? 8.162   -12.011 6.779   1.00 9.89  ? 131 LYS A CG  1 
ATOM   1104 C CD  . LYS A 1 135 ? 8.531   -13.469 7.017   1.00 11.55 ? 131 LYS A CD  1 
ATOM   1105 C CE  . LYS A 1 135 ? 9.170   -14.070 5.777   1.00 12.82 ? 131 LYS A CE  1 
ATOM   1106 N NZ  . LYS A 1 135 ? 9.632   -15.458 6.013   1.00 14.62 ? 131 LYS A NZ  1 
ATOM   1107 N N   . LYS A 1 136 ? 9.614   -8.854  8.342   1.00 6.27  ? 132 LYS A N   1 
ATOM   1108 C CA  . LYS A 1 136 ? 10.870  -8.201  8.004   1.00 6.76  ? 132 LYS A CA  1 
ATOM   1109 C C   . LYS A 1 136 ? 11.779  -9.128  7.209   1.00 6.87  ? 132 LYS A C   1 
ATOM   1110 O O   . LYS A 1 136 ? 11.997  -10.283 7.596   1.00 7.67  ? 132 LYS A O   1 
ATOM   1111 C CB  . LYS A 1 136 ? 11.588  -7.788  9.277   1.00 8.08  ? 132 LYS A CB  1 
ATOM   1112 C CG  . LYS A 1 136 ? 12.875  -7.028  9.020   1.00 9.71  ? 132 LYS A CG  1 
ATOM   1113 C CD  . LYS A 1 136 ? 13.748  -6.985  10.244  1.00 12.07 ? 132 LYS A CD  1 
ATOM   1114 C CE  . LYS A 1 136 ? 13.125  -6.136  11.309  1.00 12.94 ? 132 LYS A CE  1 
ATOM   1115 N NZ  . LYS A 1 136 ? 13.937  -6.171  12.551  1.00 14.45 ? 132 LYS A NZ  1 
ATOM   1116 N N   . LYS A 1 137 ? 12.306  -8.625  6.093   1.00 6.12  ? 133 LYS A N   1 
ATOM   1117 C CA  . LYS A 1 137 ? 13.455  -9.257  5.425   1.00 6.08  ? 133 LYS A CA  1 
ATOM   1118 C C   . LYS A 1 137 ? 14.746  -8.498  5.765   1.00 5.52  ? 133 LYS A C   1 
ATOM   1119 O O   . LYS A 1 137 ? 15.742  -9.103  6.187   1.00 5.20  ? 133 LYS A O   1 
ATOM   1120 C CB  . LYS A 1 137 ? 13.250  -9.332  3.908   1.00 7.58  ? 133 LYS A CB  1 
ATOM   1121 C CG  . LYS A 1 137 ? 12.224  -10.388 3.444   1.00 9.98  ? 133 LYS A CG  1 
ATOM   1122 C CD  . LYS A 1 137 ? 12.893  -11.607 2.792   1.00 13.48 ? 133 LYS A CD  1 
ATOM   1123 C CE  . LYS A 1 137 ? 13.134  -12.708 3.781   1.00 14.61 ? 133 LYS A CE  1 
ATOM   1124 N NZ  . LYS A 1 137 ? 13.100  -14.085 3.170   1.00 14.12 ? 133 LYS A NZ  1 
ATOM   1125 N N   . LEU A 1 138 ? 14.734  -7.177  5.569   1.00 4.97  ? 134 LEU A N   1 
ATOM   1126 C CA  . LEU A 1 138 ? 15.906  -6.329  5.844   1.00 5.34  ? 134 LEU A CA  1 
ATOM   1127 C C   . LEU A 1 138 ? 15.470  -4.987  6.357   1.00 5.17  ? 134 LEU A C   1 
ATOM   1128 O O   . LEU A 1 138 ? 14.516  -4.411  5.843   1.00 5.28  ? 134 LEU A O   1 
ATOM   1129 C CB  . LEU A 1 138 ? 16.708  -6.098  4.571   1.00 5.71  ? 134 LEU A CB  1 
ATOM   1130 C CG  . LEU A 1 138 ? 17.351  -7.325  3.925   1.00 6.27  ? 134 LEU A CG  1 
ATOM   1131 C CD1 . LEU A 1 138 ? 17.862  -6.959  2.555   1.00 7.05  ? 134 LEU A CD1 1 
ATOM   1132 C CD2 . LEU A 1 138 ? 18.484  -7.867  4.791   1.00 7.47  ? 134 LEU A CD2 1 
ATOM   1133 N N   . VAL A 1 139 ? 16.166  -4.485  7.367   1.00 5.18  ? 135 VAL A N   1 
ATOM   1134 C CA  . VAL A 1 139 ? 16.043  -3.071  7.744   1.00 5.67  ? 135 VAL A CA  1 
ATOM   1135 C C   . VAL A 1 139 ? 17.429  -2.482  8.003   1.00 6.21  ? 135 VAL A C   1 
ATOM   1136 O O   . VAL A 1 139 ? 18.326  -3.193  8.450   1.00 6.23  ? 135 VAL A O   1 
ATOM   1137 C CB  . VAL A 1 139 ? 15.177  -2.856  9.024   1.00 5.88  ? 135 VAL A CB  1 
ATOM   1138 C CG1 . VAL A 1 139 ? 13.738  -3.293  8.805   1.00 5.87  ? 135 VAL A CG1 1 
ATOM   1139 C CG2 . VAL A 1 139 ? 15.789  -3.574  10.225  1.00 6.41  ? 135 VAL A CG2 1 
ATOM   1140 N N   . PRO A 1 140 ? 17.611  -1.176  7.745   1.00 6.13  ? 136 PRO A N   1 
ATOM   1141 C CA  . PRO A 1 140 ? 18.927  -0.576  8.052   1.00 7.06  ? 136 PRO A CA  1 
ATOM   1142 C C   . PRO A 1 140 ? 19.236  -0.531  9.546   1.00 7.76  ? 136 PRO A C   1 
ATOM   1143 O O   . PRO A 1 140 ? 20.395  -0.642  9.943   1.00 7.49  ? 136 PRO A O   1 
ATOM   1144 C CB  . PRO A 1 140 ? 18.823  0.842   7.486   1.00 8.16  ? 136 PRO A CB  1 
ATOM   1145 C CG  . PRO A 1 140 ? 17.392  1.079   7.210   1.00 8.98  ? 136 PRO A CG  1 
ATOM   1146 C CD  . PRO A 1 140 ? 16.670  -0.221  7.134   1.00 7.29  ? 136 PRO A CD  1 
ATOM   1147 N N   . ARG A 1 141 ? 18.201  -0.359  10.358  1.00 7.40  ? 137 ARG A N   1 
ATOM   1148 C CA  . ARG A 1 141 ? 18.355  -0.309  11.805  1.00 9.74  ? 137 ARG A CA  1 
ATOM   1149 C C   . ARG A 1 141 ? 17.041  -0.634  12.471  1.00 10.01 ? 137 ARG A C   1 
ATOM   1150 O O   . ARG A 1 141 ? 15.980  -0.585  11.838  1.00 10.19 ? 137 ARG A O   1 
ATOM   1151 C CB  . ARG A 1 141 ? 18.863  1.071   12.268  1.00 10.74 ? 137 ARG A CB  1 
ATOM   1152 C CG  . ARG A 1 141 ? 18.146  2.253   11.628  1.00 12.69 ? 137 ARG A CG  1 
ATOM   1153 C CD  . ARG A 1 141 ? 18.758  3.607   12.029  1.00 13.51 ? 137 ARG A CD  1 
ATOM   1154 N NE  . ARG A 1 141 ? 20.095  3.848   11.478  1.00 16.57 ? 137 ARG A NE  1 
ATOM   1155 C CZ  . ARG A 1 141 ? 20.349  4.192   10.216  1.00 17.40 ? 137 ARG A CZ  1 
ATOM   1156 N NH1 . ARG A 1 141 ? 19.362  4.321   9.336   1.00 18.46 ? 137 ARG A NH1 1 
ATOM   1157 N NH2 . ARG A 1 141 ? 21.601  4.392   9.826   1.00 18.40 ? 137 ARG A NH2 1 
ATOM   1158 O OXT . ARG A 1 141 ? 17.006  -0.941  13.656  1.00 11.35 ? 137 ARG A OXT 1 
HETATM 1159 S S   . SO4 B 2 .   ? 1.902   -4.629  20.124  1.00 31.21 ? 151 SO4 A S   1 
HETATM 1160 O O1  . SO4 B 2 .   ? 2.785   -4.349  18.993  1.00 31.34 ? 151 SO4 A O1  1 
HETATM 1161 O O2  . SO4 B 2 .   ? 2.488   -4.073  21.342  1.00 31.14 ? 151 SO4 A O2  1 
HETATM 1162 O O3  . SO4 B 2 .   ? 0.596   -4.018  19.886  1.00 30.88 ? 151 SO4 A O3  1 
HETATM 1163 O O4  . SO4 B 2 .   ? 1.748   -6.076  20.272  1.00 31.56 ? 151 SO4 A O4  1 
HETATM 1164 S S   . SO4 C 2 .   ? 1.111   -2.596  -19.368 1.00 45.77 ? 152 SO4 A S   1 
HETATM 1165 O O1  . SO4 C 2 .   ? -0.319  -2.832  -19.185 1.00 45.80 ? 152 SO4 A O1  1 
HETATM 1166 O O2  . SO4 C 2 .   ? 1.385   -1.163  -19.286 1.00 45.84 ? 152 SO4 A O2  1 
HETATM 1167 O O3  . SO4 C 2 .   ? 1.857   -3.295  -18.326 1.00 45.86 ? 152 SO4 A O3  1 
HETATM 1168 O O4  . SO4 C 2 .   ? 1.527   -3.094  -20.676 1.00 45.85 ? 152 SO4 A O4  1 
HETATM 1169 C C1  . RTL D 3 .   ? -0.200  -5.745  -7.670  1.00 13.97 ? 140 RTL A C1  1 
HETATM 1170 C C2  . RTL D 3 .   ? -0.419  -6.911  -8.633  1.00 14.08 ? 140 RTL A C2  1 
HETATM 1171 C C3  . RTL D 3 .   ? -1.400  -6.565  -9.746  1.00 14.23 ? 140 RTL A C3  1 
HETATM 1172 C C4  . RTL D 3 .   ? -2.777  -6.297  -9.161  1.00 14.48 ? 140 RTL A C4  1 
HETATM 1173 C C5  . RTL D 3 .   ? -2.698  -5.398  -7.941  1.00 14.33 ? 140 RTL A C5  1 
HETATM 1174 C C6  . RTL D 3 .   ? -1.536  -5.061  -7.330  1.00 14.16 ? 140 RTL A C6  1 
HETATM 1175 C C7  . RTL D 3 .   ? -1.643  -3.972  -6.319  1.00 14.83 ? 140 RTL A C7  1 
HETATM 1176 C C8  . RTL D 3 .   ? -0.668  -3.529  -5.526  1.00 14.69 ? 140 RTL A C8  1 
HETATM 1177 C C9  . RTL D 3 .   ? -0.952  -2.426  -4.584  1.00 15.00 ? 140 RTL A C9  1 
HETATM 1178 C C10 . RTL D 3 .   ? 0.091   -1.756  -4.067  1.00 14.96 ? 140 RTL A C10 1 
HETATM 1179 C C11 . RTL D 3 .   ? -0.067  -0.639  -3.145  1.00 15.60 ? 140 RTL A C11 1 
HETATM 1180 C C12 . RTL D 3 .   ? 1.031   -0.012  -2.736  1.00 16.08 ? 140 RTL A C12 1 
HETATM 1181 C C13 . RTL D 3 .   ? 0.981   1.178   -1.804  1.00 16.58 ? 140 RTL A C13 1 
HETATM 1182 C C14 . RTL D 3 .   ? 2.430   1.508   -1.433  1.00 16.75 ? 140 RTL A C14 1 
HETATM 1183 C C15 A RTL D 3 .   ? 2.562   2.775   -0.601  0.30 16.58 ? 140 RTL A C15 1 
HETATM 1184 C C15 B RTL D 3 .   ? 2.659   1.600   0.064   0.70 16.78 ? 140 RTL A C15 1 
HETATM 1185 O O1  A RTL D 3 .   ? 3.794   2.729   0.126   0.30 16.34 ? 140 RTL A O1  1 
HETATM 1186 O O1  B RTL D 3 .   ? 2.781   0.266   0.554   0.70 15.85 ? 140 RTL A O1  1 
HETATM 1187 C C16 . RTL D 3 .   ? 0.439   -6.326  -6.411  1.00 14.23 ? 140 RTL A C16 1 
HETATM 1188 C C17 . RTL D 3 .   ? 0.765   -4.739  -8.307  1.00 13.94 ? 140 RTL A C17 1 
HETATM 1189 C C18 . RTL D 3 .   ? -3.998  -4.861  -7.407  1.00 14.87 ? 140 RTL A C18 1 
HETATM 1190 C C19 . RTL D 3 .   ? -2.378  -2.066  -4.232  1.00 15.28 ? 140 RTL A C19 1 
HETATM 1191 C C20 . RTL D 3 .   ? 0.029   0.931   -0.624  1.00 16.62 ? 140 RTL A C20 1 
HETATM 1192 O O1  . TLA E 4 .   ? -6.728  -16.314 0.884   1.00 13.06 ? 150 TLA A O1  1 
HETATM 1193 O O11 . TLA E 4 .   ? -8.549  -16.239 2.102   1.00 13.62 ? 150 TLA A O11 1 
HETATM 1194 C C1  . TLA E 4 .   ? -7.690  -15.691 1.381   1.00 12.15 ? 150 TLA A C1  1 
HETATM 1195 C C2  . TLA E 4 .   ? -7.812  -14.225 1.074   1.00 11.23 ? 150 TLA A C2  1 
HETATM 1196 O O2  . TLA E 4 .   ? -8.822  -13.591 1.885   1.00 11.69 ? 150 TLA A O2  1 
HETATM 1197 C C3  . TLA E 4 .   ? -8.149  -14.061 -0.404  1.00 10.53 ? 150 TLA A C3  1 
HETATM 1198 O O3  . TLA E 4 .   ? -9.367  -14.758 -0.697  1.00 11.46 ? 150 TLA A O3  1 
HETATM 1199 C C4  . TLA E 4 .   ? -8.273  -12.600 -0.689  1.00 9.77  ? 150 TLA A C4  1 
HETATM 1200 O O4  . TLA E 4 .   ? -7.264  -11.901 -0.463  1.00 8.40  ? 150 TLA A O4  1 
HETATM 1201 O O41 . TLA E 4 .   ? -9.362  -12.149 -1.114  1.00 9.54  ? 150 TLA A O41 1 
HETATM 1202 O O   . HOH F 5 .   ? -1.391  -5.092  -2.759  1.00 20.88 ? 153 HOH A O   1 
HETATM 1203 O O   . HOH F 5 .   ? 0.736   -4.264  -0.976  1.00 14.74 ? 154 HOH A O   1 
HETATM 1204 O O   . HOH F 5 .   ? 4.638   0.430   -3.892  1.00 8.23  ? 155 HOH A O   1 
HETATM 1205 O O   . HOH F 5 .   ? -0.591  6.181   -2.820  1.00 11.87 ? 156 HOH A O   1 
HETATM 1206 O O   . HOH F 5 .   ? -2.450  2.624   -5.145  1.00 14.57 ? 157 HOH A O   1 
HETATM 1207 O O   . HOH F 5 .   ? -5.139  1.906   -5.378  1.00 10.32 ? 158 HOH A O   1 
HETATM 1208 O O   . HOH F 5 .   ? -6.021  2.094   -2.028  1.00 10.25 ? 159 HOH A O   1 
HETATM 1209 O O   . HOH F 5 .   ? 0.519   -10.172 -8.177  1.00 9.47  ? 160 HOH A O   1 
HETATM 1210 O O   . HOH F 5 .   ? -0.228  -10.284 -5.309  1.00 6.60  ? 161 HOH A O   1 
HETATM 1211 O O   . HOH F 5 .   ? -1.429  -12.023 -2.252  1.00 8.78  ? 162 HOH A O   1 
HETATM 1212 O O   . HOH F 5 .   ? 15.873  -2.673  1.829   1.00 6.18  ? 163 HOH A O   1 
HETATM 1213 O O   . HOH F 5 .   ? 22.635  -1.906  8.960   1.00 7.05  ? 164 HOH A O   1 
HETATM 1214 O O   . HOH F 5 .   ? 1.504   12.747  -0.108  1.00 7.21  ? 165 HOH A O   1 
HETATM 1215 O O   . HOH F 5 .   ? 4.794   3.159   11.053  1.00 7.28  ? 166 HOH A O   1 
HETATM 1216 O O   . HOH F 5 .   ? 4.041   13.760  -2.876  1.00 9.03  ? 167 HOH A O   1 
HETATM 1217 O O   . HOH F 5 .   ? -10.845 7.598   -5.614  1.00 7.02  ? 168 HOH A O   1 
HETATM 1218 O O   . HOH F 5 .   ? -4.758  -12.952 -0.759  1.00 7.28  ? 169 HOH A O   1 
HETATM 1219 O O   . HOH F 5 .   ? -10.161 8.120   -10.064 1.00 8.12  ? 170 HOH A O   1 
HETATM 1220 O O   . HOH F 5 .   ? 2.716   -16.651 6.169   1.00 6.84  ? 171 HOH A O   1 
HETATM 1221 O O   . HOH F 5 .   ? 0.562   5.411   15.822  1.00 8.16  ? 172 HOH A O   1 
HETATM 1222 O O   . HOH F 5 .   ? 7.360   -11.374 -3.489  1.00 9.54  ? 173 HOH A O   1 
HETATM 1223 O O   . HOH F 5 .   ? 15.136  1.181   9.854   1.00 10.08 ? 174 HOH A O   1 
HETATM 1224 O O   . HOH F 5 .   ? -3.119  -16.077 -7.222  1.00 8.17  ? 175 HOH A O   1 
HETATM 1225 O O   . HOH F 5 .   ? 3.145   -5.761  -19.712 1.00 11.27 ? 176 HOH A O   1 
HETATM 1226 O O   . HOH F 5 .   ? -3.953  13.818  -14.763 1.00 10.27 ? 177 HOH A O   1 
HETATM 1227 O O   . HOH F 5 .   ? 13.363  -10.619 -0.578  1.00 12.59 ? 178 HOH A O   1 
HETATM 1228 O O   . HOH F 5 .   ? -3.879  11.596  4.217   1.00 12.50 ? 179 HOH A O   1 
HETATM 1229 O O   . HOH F 5 .   ? -7.807  3.730   4.083   1.00 11.36 ? 180 HOH A O   1 
HETATM 1230 O O   . HOH F 5 .   ? -14.180 -5.256  3.979   1.00 13.05 ? 181 HOH A O   1 
HETATM 1231 O O   . HOH F 5 .   ? 9.227   -9.747  11.029  1.00 13.28 ? 182 HOH A O   1 
HETATM 1232 O O   . HOH F 5 .   ? -11.160 -10.988 -17.047 1.00 14.21 ? 183 HOH A O   1 
HETATM 1233 O O   . HOH F 5 .   ? 7.954   -16.273 -0.276  1.00 13.53 ? 184 HOH A O   1 
HETATM 1234 O O   . HOH F 5 .   ? -0.533  12.885  13.862  1.00 14.62 ? 185 HOH A O   1 
HETATM 1235 O O   . HOH F 5 .   ? -5.926  14.198  -1.743  1.00 13.52 ? 186 HOH A O   1 
HETATM 1236 O O   . HOH F 5 .   ? 0.935   19.263  -4.671  1.00 14.26 ? 187 HOH A O   1 
HETATM 1237 O O   . HOH F 5 .   ? 9.613   3.625   -6.384  1.00 13.38 ? 188 HOH A O   1 
HETATM 1238 O O   . HOH F 5 .   ? 9.594   7.249   14.789  1.00 14.40 ? 189 HOH A O   1 
HETATM 1239 O O   . HOH F 5 .   ? 1.703   15.210  -9.123  1.00 14.58 ? 190 HOH A O   1 
HETATM 1240 O O   . HOH F 5 .   ? 2.151   5.271   -9.078  1.00 16.72 ? 191 HOH A O   1 
HETATM 1241 O O   . HOH F 5 .   ? -12.195 7.222   -12.947 1.00 17.00 ? 192 HOH A O   1 
HETATM 1242 O O   . HOH F 5 .   ? -0.287  -12.154 9.645   1.00 13.31 ? 193 HOH A O   1 
HETATM 1243 O O   . HOH F 5 .   ? -2.963  6.924   14.142  1.00 13.98 ? 194 HOH A O   1 
HETATM 1244 O O   . HOH F 5 .   ? 1.870   14.413  8.220   1.00 15.06 ? 195 HOH A O   1 
HETATM 1245 O O   . HOH F 5 .   ? -6.626  -15.436 -15.218 1.00 16.76 ? 196 HOH A O   1 
HETATM 1246 O O   . HOH F 5 .   ? 5.757   17.891  3.976   1.00 14.49 ? 197 HOH A O   1 
HETATM 1247 O O   . HOH F 5 .   ? 9.908   10.600  -3.003  1.00 17.44 ? 198 HOH A O   1 
HETATM 1248 O O   . HOH F 5 .   ? 16.101  1.962   2.904   1.00 16.37 ? 199 HOH A O   1 
HETATM 1249 O O   . HOH F 5 .   ? 8.662   16.658  9.030   1.00 13.85 ? 200 HOH A O   1 
HETATM 1250 O O   . HOH F 5 .   ? 8.784   -9.910  -5.516  1.00 12.19 ? 201 HOH A O   1 
HETATM 1251 O O   . HOH F 5 .   ? -1.609  -1.707  16.363  1.00 14.30 ? 202 HOH A O   1 
HETATM 1252 O O   . HOH F 5 .   ? -3.650  -10.167 6.697   1.00 10.22 ? 203 HOH A O   1 
HETATM 1253 O O   . HOH F 5 .   ? 2.595   14.597  12.772  1.00 12.83 ? 204 HOH A O   1 
HETATM 1254 O O   . HOH F 5 .   ? 4.319   1.212   -11.106 1.00 13.94 ? 205 HOH A O   1 
HETATM 1255 O O   . HOH F 5 .   ? -3.297  -14.681 3.686   1.00 6.52  ? 206 HOH A O   1 
HETATM 1256 O O   . HOH F 5 .   ? -9.866  6.118   2.440   1.00 17.01 ? 207 HOH A O   1 
HETATM 1257 O O   . HOH F 5 .   ? -16.646 3.534   -4.688  1.00 18.09 ? 208 HOH A O   1 
HETATM 1258 O O   . HOH F 5 .   ? 7.220   7.527   17.618  1.00 17.73 ? 209 HOH A O   1 
HETATM 1259 O O   . HOH F 5 .   ? -13.952 8.739   2.220   1.00 15.72 ? 210 HOH A O   1 
HETATM 1260 O O   . HOH F 5 .   ? -15.872 -5.827  -3.973  1.00 17.85 ? 211 HOH A O   1 
HETATM 1261 O O   . HOH F 5 .   ? 5.592   -15.886 5.921   1.00 19.27 ? 212 HOH A O   1 
HETATM 1262 O O   . HOH F 5 .   ? 11.846  1.566   -2.983  1.00 18.86 ? 213 HOH A O   1 
HETATM 1263 O O   . HOH F 5 .   ? 5.239   7.827   -7.979  1.00 18.11 ? 214 HOH A O   1 
HETATM 1264 O O   . HOH F 5 .   ? 2.057   -0.471  18.351  1.00 19.19 ? 215 HOH A O   1 
HETATM 1265 O O   . HOH F 5 .   ? -0.799  15.941  -12.935 1.00 20.39 ? 216 HOH A O   1 
HETATM 1266 O O   . HOH F 5 .   ? -19.125 2.581   0.807   1.00 22.02 ? 217 HOH A O   1 
HETATM 1267 O O   . HOH F 5 .   ? 11.446  -6.400  -4.845  1.00 20.68 ? 218 HOH A O   1 
HETATM 1268 O O   . HOH F 5 .   ? -0.126  11.536  -14.670 1.00 27.67 ? 219 HOH A O   1 
HETATM 1269 O O   . HOH F 5 .   ? 9.180   -2.259  -9.138  1.00 22.69 ? 220 HOH A O   1 
HETATM 1270 O O   . HOH F 5 .   ? 13.763  16.970  1.119   1.00 26.62 ? 221 HOH A O   1 
HETATM 1271 O O   . HOH F 5 .   ? -0.858  20.536  -3.289  1.00 16.14 ? 222 HOH A O   1 
HETATM 1272 O O   . HOH F 5 .   ? 8.242   12.286  10.758  1.00 20.43 ? 223 HOH A O   1 
HETATM 1273 O O   . HOH F 5 .   ? 2.848   16.719  -6.489  1.00 23.24 ? 224 HOH A O   1 
HETATM 1274 O O   . HOH F 5 .   ? 11.617  15.286  5.299   1.00 16.88 ? 225 HOH A O   1 
HETATM 1275 O O   . HOH F 5 .   ? 15.925  0.585   -1.044  1.00 20.04 ? 226 HOH A O   1 
HETATM 1276 O O   . HOH F 5 .   ? -9.381  4.110   -16.598 1.00 27.05 ? 227 HOH A O   1 
HETATM 1277 O O   . HOH F 5 .   ? 4.535   -4.440  -13.502 1.00 19.24 ? 228 HOH A O   1 
HETATM 1278 O O   . HOH F 5 .   ? 16.879  5.626   3.727   1.00 26.73 ? 229 HOH A O   1 
HETATM 1279 O O   . HOH F 5 .   ? -8.020  -9.002  -18.639 1.00 21.65 ? 230 HOH A O   1 
HETATM 1280 O O   . HOH F 5 .   ? -15.683 10.272  -5.118  1.00 27.28 ? 231 HOH A O   1 
HETATM 1281 O O   . HOH F 5 .   ? -10.577 5.607   7.412   1.00 27.62 ? 232 HOH A O   1 
HETATM 1282 O O   . HOH F 5 .   ? -11.483 -12.073 3.081   1.00 28.84 ? 233 HOH A O   1 
HETATM 1283 O O   . HOH F 5 .   ? -10.437 -14.705 -3.199  1.00 25.89 ? 234 HOH A O   1 
HETATM 1284 O O   . HOH F 5 .   ? -3.242  -5.898  8.622   1.00 21.23 ? 235 HOH A O   1 
HETATM 1285 O O   . HOH F 5 .   ? 11.423  -11.688 9.786   1.00 23.45 ? 236 HOH A O   1 
HETATM 1286 O O   . HOH F 5 .   ? -15.314 -9.150  -0.200  1.00 23.84 ? 237 HOH A O   1 
HETATM 1287 O O   . HOH F 5 .   ? 4.220   5.280   18.696  1.00 25.79 ? 238 HOH A O   1 
HETATM 1288 O O   . HOH F 5 .   ? 0.758   -9.957  13.272  1.00 25.30 ? 239 HOH A O   1 
HETATM 1289 O O   . HOH F 5 .   ? -4.215  12.869  8.440   1.00 20.57 ? 240 HOH A O   1 
HETATM 1290 O O   . HOH F 5 .   ? 9.072   -8.416  -9.668  1.00 19.82 ? 241 HOH A O   1 
HETATM 1291 O O   . HOH F 5 .   ? -10.484 -6.968  5.786   1.00 28.27 ? 242 HOH A O   1 
HETATM 1292 O O   . HOH F 5 .   ? -10.705 1.192   -14.520 1.00 29.50 ? 243 HOH A O   1 
HETATM 1293 O O   . HOH F 5 .   ? 12.147  1.781   17.022  1.00 28.79 ? 244 HOH A O   1 
HETATM 1294 O O   . HOH F 5 .   ? 8.266   9.266   15.944  1.00 17.05 ? 245 HOH A O   1 
HETATM 1295 O O   . HOH F 5 .   ? 11.718  13.905  9.745   1.00 29.26 ? 246 HOH A O   1 
HETATM 1296 O O   . HOH F 5 .   ? 11.676  -1.691  11.650  1.00 20.07 ? 247 HOH A O   1 
HETATM 1297 O O   . HOH F 5 .   ? -6.063  17.469  0.245   1.00 23.60 ? 248 HOH A O   1 
HETATM 1298 O O   . HOH F 5 .   ? -5.512  14.630  6.839   1.00 23.35 ? 249 HOH A O   1 
HETATM 1299 O O   . HOH F 5 .   ? -17.816 -4.940  3.461   1.00 23.14 ? 250 HOH A O   1 
HETATM 1300 O O   . HOH F 5 .   ? 17.551  4.388   6.477   1.00 25.83 ? 251 HOH A O   1 
HETATM 1301 O O   . HOH F 5 .   ? -7.440  14.418  3.273   1.00 22.59 ? 252 HOH A O   1 
HETATM 1302 O O   . HOH F 5 .   ? -17.567 -3.475  -3.463  1.00 31.45 ? 253 HOH A O   1 
HETATM 1303 O O   . HOH F 5 .   ? 2.221   -6.586  17.017  1.00 23.59 ? 254 HOH A O   1 
HETATM 1304 O O   . HOH F 5 .   ? 6.653   -9.215  15.621  1.00 35.42 ? 255 HOH A O   1 
HETATM 1305 O O   . HOH F 5 .   ? 11.724  -14.975 -0.004  1.00 24.97 ? 256 HOH A O   1 
HETATM 1306 O O   . HOH F 5 .   ? 11.504  -3.537  -8.488  1.00 32.82 ? 257 HOH A O   1 
HETATM 1307 O O   . HOH F 5 .   ? -11.883 -12.926 -0.261  1.00 23.34 ? 258 HOH A O   1 
HETATM 1308 O O   . HOH F 5 .   ? -3.375  -6.590  -15.140 1.00 26.76 ? 259 HOH A O   1 
HETATM 1309 O O   . HOH F 5 .   ? -8.676  -19.148 -12.788 1.00 39.32 ? 260 HOH A O   1 
HETATM 1310 O O   . HOH F 5 .   ? 12.251  -12.984 6.573   1.00 16.02 ? 261 HOH A O   1 
HETATM 1311 O O   . HOH F 5 .   ? -9.589  -19.137 0.713   1.00 29.23 ? 262 HOH A O   1 
HETATM 1312 O O   . HOH F 5 .   ? 12.743  0.203   14.227  1.00 34.57 ? 263 HOH A O   1 
HETATM 1313 O O   . HOH F 5 .   ? 6.554   -13.703 10.937  1.00 37.42 ? 264 HOH A O   1 
HETATM 1314 O O   . HOH F 5 .   ? -17.828 4.939   -7.138  1.00 38.08 ? 265 HOH A O   1 
HETATM 1315 O O   . HOH F 5 .   ? -10.991 -19.567 -3.414  1.00 31.53 ? 266 HOH A O   1 
HETATM 1316 O O   . HOH F 5 .   ? 4.250   12.993  -8.020  1.00 31.38 ? 267 HOH A O   1 
HETATM 1317 O O   . HOH F 5 .   ? -10.637 6.227   -7.950  1.00 7.44  ? 268 HOH A O   1 
HETATM 1318 O O   . HOH F 5 .   ? -1.287  -16.146 4.817   1.00 7.22  ? 269 HOH A O   1 
HETATM 1319 O O   . HOH F 5 .   ? 5.284   -17.148 -0.266  1.00 7.12  ? 270 HOH A O   1 
HETATM 1320 O O   . HOH F 5 .   ? 5.860   -15.150 3.118   1.00 7.18  ? 271 HOH A O   1 
HETATM 1321 O O   . HOH F 5 .   ? -4.193  -15.077 0.949   1.00 8.62  ? 272 HOH A O   1 
HETATM 1322 O O   . HOH F 5 .   ? 14.945  -0.151  1.432   1.00 10.22 ? 273 HOH A O   1 
HETATM 1323 O O   . HOH F 5 .   ? 12.488  0.195   9.528   1.00 9.64  ? 274 HOH A O   1 
HETATM 1324 O O   . HOH F 5 .   ? 3.183   -6.553  -22.420 1.00 10.54 ? 275 HOH A O   1 
HETATM 1325 O O   . HOH F 5 .   ? 10.755  -11.184 -0.350  1.00 11.75 ? 276 HOH A O   1 
HETATM 1326 O O   . HOH F 5 .   ? -2.213  5.146   16.182  1.00 12.95 ? 277 HOH A O   1 
HETATM 1327 O O   . HOH F 5 .   ? -7.402  6.485   3.997   1.00 12.25 ? 278 HOH A O   1 
HETATM 1328 O O   . HOH F 5 .   ? 2.107   16.737  6.782   1.00 14.23 ? 279 HOH A O   1 
HETATM 1329 O O   . HOH F 5 .   ? -13.714 0.688   2.620   1.00 11.83 ? 280 HOH A O   1 
HETATM 1330 O O   . HOH F 5 .   ? -14.979 9.066   -0.605  1.00 15.10 ? 281 HOH A O   1 
HETATM 1331 O O   . HOH F 5 .   ? 8.188   13.304  -4.340  1.00 18.23 ? 282 HOH A O   1 
HETATM 1332 O O   . HOH F 5 .   ? 13.768  -6.869  -3.264  1.00 18.12 ? 283 HOH A O   1 
HETATM 1333 O O   . HOH F 5 .   ? 4.752   12.361  -5.399  1.00 18.38 ? 284 HOH A O   1 
HETATM 1334 O O   . HOH F 5 .   ? 2.508   7.970   -8.633  1.00 21.16 ? 285 HOH A O   1 
HETATM 1335 O O   . HOH F 5 .   ? -1.184  -17.868 -6.548  1.00 14.73 ? 286 HOH A O   1 
HETATM 1336 O O   . HOH F 5 .   ? -11.341 4.822   4.357   1.00 17.94 ? 287 HOH A O   1 
HETATM 1337 O O   . HOH F 5 .   ? -3.554  9.102   15.769  1.00 23.74 ? 288 HOH A O   1 
HETATM 1338 O O   . HOH F 5 .   ? -15.967 0.734   -4.812  1.00 17.87 ? 289 HOH A O   1 
HETATM 1339 O O   . HOH F 5 .   ? -9.214  -15.764 -15.877 1.00 17.56 ? 290 HOH A O   1 
HETATM 1340 O O   . HOH F 5 .   ? -17.394 -0.823  -2.843  1.00 20.11 ? 291 HOH A O   1 
HETATM 1341 O O   . HOH F 5 .   ? -6.202  -17.798 -14.148 1.00 20.41 ? 292 HOH A O   1 
HETATM 1342 O O   . HOH F 5 .   ? -7.063  14.928  0.657   1.00 23.56 ? 293 HOH A O   1 
HETATM 1343 O O   . HOH F 5 .   ? -2.461  14.033  10.293  1.00 21.90 ? 294 HOH A O   1 
HETATM 1344 O O   . HOH F 5 .   ? 11.206  16.262  7.879   1.00 21.39 ? 295 HOH A O   1 
HETATM 1345 O O   . HOH F 5 .   ? -6.125  12.808  4.911   1.00 20.09 ? 296 HOH A O   1 
HETATM 1346 O O   . HOH F 5 .   ? 8.186   -13.795 -2.681  1.00 20.66 ? 297 HOH A O   1 
HETATM 1347 O O   . HOH F 5 .   ? -15.877 -7.026  2.736   1.00 21.90 ? 298 HOH A O   1 
HETATM 1348 O O   . HOH F 5 .   ? 12.397  18.089  -0.890  1.00 23.42 ? 299 HOH A O   1 
HETATM 1349 O O   . HOH F 5 .   ? 3.890   -7.327  15.056  1.00 21.07 ? 300 HOH A O   1 
HETATM 1350 O O   . HOH F 5 .   ? -4.663  -15.257 7.441   1.00 28.16 ? 301 HOH A O   1 
HETATM 1351 O O   . HOH F 5 .   ? 3.456   20.403  -4.531  1.00 21.00 ? 302 HOH A O   1 
HETATM 1352 O O   . HOH F 5 .   ? 9.532   -4.860  -3.744  1.00 20.54 ? 303 HOH A O   1 
HETATM 1353 O O   . HOH F 5 .   ? 5.086   19.933  2.569   1.00 20.20 ? 304 HOH A O   1 
HETATM 1354 O O   . HOH F 5 .   ? -11.978 5.692   -15.363 1.00 29.32 ? 305 HOH A O   1 
HETATM 1355 O O   . HOH F 5 .   ? 14.529  1.287   -3.239  1.00 21.99 ? 306 HOH A O   1 
HETATM 1356 O O   . HOH F 5 .   ? -1.778  5.404   -20.514 1.00 25.70 ? 307 HOH A O   1 
HETATM 1357 O O   . HOH F 5 .   ? 2.670   12.522  -10.053 1.00 25.03 ? 308 HOH A O   1 
HETATM 1358 O O   . HOH F 5 .   ? 4.230   -2.229  18.298  1.00 24.08 ? 309 HOH A O   1 
HETATM 1359 O O   . HOH F 5 .   ? 10.237  -16.052 3.116   1.00 25.47 ? 310 HOH A O   1 
HETATM 1360 O O   . HOH F 5 .   ? -4.676  -4.911  10.853  1.00 23.23 ? 311 HOH A O   1 
HETATM 1361 O O   . HOH F 5 .   ? 5.628   15.655  -3.942  1.00 25.21 ? 312 HOH A O   1 
HETATM 1362 O O   . HOH F 5 .   ? -1.604  -14.461 10.166  1.00 24.16 ? 313 HOH A O   1 
HETATM 1363 O O   . HOH F 5 .   ? -0.706  15.979  9.245   1.00 22.94 ? 314 HOH A O   1 
HETATM 1364 O O   . HOH F 5 .   ? 8.190   -11.786 12.298  1.00 27.66 ? 315 HOH A O   1 
HETATM 1365 O O   . HOH F 5 .   ? -4.245  -8.998  9.293   1.00 32.00 ? 316 HOH A O   1 
HETATM 1366 O O   . HOH F 5 .   ? 4.670   -14.834 13.260  1.00 34.00 ? 317 HOH A O   1 
# 
loop_
_pdbx_poly_seq_scheme.asym_id 
_pdbx_poly_seq_scheme.entity_id 
_pdbx_poly_seq_scheme.seq_id 
_pdbx_poly_seq_scheme.mon_id 
_pdbx_poly_seq_scheme.ndb_seq_num 
_pdbx_poly_seq_scheme.pdb_seq_num 
_pdbx_poly_seq_scheme.auth_seq_num 
_pdbx_poly_seq_scheme.pdb_mon_id 
_pdbx_poly_seq_scheme.auth_mon_id 
_pdbx_poly_seq_scheme.pdb_strand_id 
_pdbx_poly_seq_scheme.pdb_ins_code 
_pdbx_poly_seq_scheme.hetero 
A 1 1   MET 1   -3  -3  MET MET A . n 
A 1 2   ARG 2   -2  -2  ARG ARG A . n 
A 1 3   GLY 3   -1  -1  GLY GLY A . n 
A 1 4   SER 4   0   0   SER SER A . n 
A 1 5   THR 5   1   1   THR THR A . n 
A 1 6   ARG 6   2   2   ARG ARG A . n 
A 1 7   ASP 7   3   3   ASP ASP A . n 
A 1 8   GLN 8   4   4   GLN GLN A . n 
A 1 9   ASN 9   5   5   ASN ASN A . n 
A 1 10  GLY 10  6   6   GLY GLY A . n 
A 1 11  THR 11  7   7   THR THR A . n 
A 1 12  TRP 12  8   8   TRP TRP A . n 
A 1 13  GLU 13  9   9   GLU GLU A . n 
A 1 14  MET 14  10  10  MET MET A . n 
A 1 15  GLU 15  11  11  GLU GLU A . n 
A 1 16  SER 16  12  12  SER SER A . n 
A 1 17  ASN 17  13  13  ASN ASN A . n 
A 1 18  GLU 18  14  14  GLU GLU A . n 
A 1 19  ASN 19  15  15  ASN ASN A . n 
A 1 20  PHE 20  16  16  PHE PHE A . n 
A 1 21  GLU 21  17  17  GLU GLU A . n 
A 1 22  GLY 22  18  18  GLY GLY A . n 
A 1 23  TYR 23  19  19  TYR TYR A . n 
A 1 24  MET 24  20  20  MET MET A . n 
A 1 25  LYS 25  21  21  LYS LYS A . n 
A 1 26  ALA 26  22  22  ALA ALA A . n 
A 1 27  LEU 27  23  23  LEU LEU A . n 
A 1 28  ASP 28  24  24  ASP ASP A . n 
A 1 29  ILE 29  25  25  ILE ILE A . n 
A 1 30  ASP 30  26  26  ASP ASP A . n 
A 1 31  PHE 31  27  27  PHE PHE A . n 
A 1 32  ALA 32  28  28  ALA ALA A . n 
A 1 33  THR 33  29  29  THR THR A . n 
A 1 34  ARG 34  30  30  ARG ARG A . n 
A 1 35  LYS 35  31  31  LYS LYS A . n 
A 1 36  ILE 36  32  32  ILE ILE A . n 
A 1 37  ALA 37  33  33  ALA ALA A . n 
A 1 38  VAL 38  34  34  VAL VAL A . n 
A 1 39  ARG 39  35  35  ARG ARG A . n 
A 1 40  LEU 40  36  36  LEU LEU A . n 
A 1 41  THR 41  37  37  THR THR A . n 
A 1 42  GLN 42  38  38  GLN GLN A . n 
A 1 43  THR 43  39  39  THR THR A . n 
A 1 44  LYS 44  40  40  LYS LYS A . n 
A 1 45  VAL 45  41  41  VAL VAL A . n 
A 1 46  ILE 46  42  42  ILE ILE A . n 
A 1 47  ASP 47  43  43  ASP ASP A . n 
A 1 48  GLN 48  44  44  GLN GLN A . n 
A 1 49  ASP 49  45  45  ASP ASP A . n 
A 1 50  GLY 50  46  46  GLY GLY A . n 
A 1 51  ASP 51  47  47  ASP ASP A . n 
A 1 52  ASN 52  48  48  ASN ASN A . n 
A 1 53  PHE 53  49  49  PHE PHE A . n 
A 1 54  LYS 54  50  50  LYS LYS A . n 
A 1 55  THR 55  51  51  THR THR A . n 
A 1 56  LYS 56  52  52  LYS LYS A . n 
A 1 57  THR 57  53  53  THR THR A . n 
A 1 58  THR 58  54  54  THR THR A . n 
A 1 59  SER 59  55  55  SER SER A . n 
A 1 60  THR 60  56  56  THR THR A . n 
A 1 61  PHE 61  57  57  PHE PHE A . n 
A 1 62  ARG 62  58  58  ARG ARG A . n 
A 1 63  ASN 63  59  59  ASN ASN A . n 
A 1 64  TYR 64  60  60  TYR TYR A . n 
A 1 65  ASP 65  61  61  ASP ASP A . n 
A 1 66  VAL 66  62  62  VAL VAL A . n 
A 1 67  ASP 67  63  63  ASP ASP A . n 
A 1 68  PHE 68  64  64  PHE PHE A . n 
A 1 69  THR 69  65  65  THR THR A . n 
A 1 70  VAL 70  66  66  VAL VAL A . n 
A 1 71  GLY 71  67  67  GLY GLY A . n 
A 1 72  VAL 72  68  68  VAL VAL A . n 
A 1 73  GLU 73  69  69  GLU GLU A . n 
A 1 74  PHE 74  70  70  PHE PHE A . n 
A 1 75  ASP 75  71  71  ASP ASP A . n 
A 1 76  GLU 76  72  72  GLU GLU A . n 
A 1 77  TYR 77  73  73  TYR TYR A . n 
A 1 78  THR 78  74  74  THR THR A . n 
A 1 79  LYS 79  75  75  LYS LYS A . n 
A 1 80  SER 80  76  76  SER SER A . n 
A 1 81  LEU 81  77  77  LEU LEU A . n 
A 1 82  ASP 82  78  78  ASP ASP A . n 
A 1 83  ASN 83  79  79  ASN ASN A . n 
A 1 84  ARG 84  80  80  ARG ARG A . n 
A 1 85  HIS 85  81  81  HIS HIS A . n 
A 1 86  VAL 86  82  82  VAL VAL A . n 
A 1 87  LYS 87  83  83  LYS LYS A . n 
A 1 88  ALA 88  84  84  ALA ALA A . n 
A 1 89  LEU 89  85  85  LEU LEU A . n 
A 1 90  VAL 90  86  86  VAL VAL A . n 
A 1 91  THR 91  87  87  THR THR A . n 
A 1 92  TRP 92  88  88  TRP TRP A . n 
A 1 93  GLU 93  89  89  GLU GLU A . n 
A 1 94  GLY 94  90  90  GLY GLY A . n 
A 1 95  ASP 95  91  91  ASP ASP A . n 
A 1 96  VAL 96  92  92  VAL VAL A . n 
A 1 97  LEU 97  93  93  LEU LEU A . n 
A 1 98  VAL 98  94  94  VAL VAL A . n 
A 1 99  CYS 99  95  95  CYS CYS A . n 
A 1 100 VAL 100 96  96  VAL VAL A . n 
A 1 101 GLN 101 97  97  GLN GLN A . n 
A 1 102 LYS 102 98  98  LYS LYS A . n 
A 1 103 GLY 103 99  99  GLY GLY A . n 
A 1 104 GLU 104 100 100 GLU GLU A . n 
A 1 105 LYS 105 101 101 LYS LYS A . n 
A 1 106 GLU 106 102 102 GLU GLU A . n 
A 1 107 ASN 107 103 103 ASN ASN A . n 
A 1 108 ARG 108 104 104 ARG ARG A . n 
A 1 109 GLY 109 105 105 GLY GLY A . n 
A 1 110 TRP 110 106 106 TRP TRP A . n 
A 1 111 LYS 111 107 107 LYS LYS A . n 
A 1 112 GLN 112 108 108 GLN GLN A . n 
A 1 113 TRP 113 109 109 TRP TRP A . n 
A 1 114 ILE 114 110 110 ILE ILE A . n 
A 1 115 GLU 115 111 111 GLU GLU A . n 
A 1 116 GLY 116 112 112 GLY GLY A . n 
A 1 117 ASP 117 113 113 ASP ASP A . n 
A 1 118 LYS 118 114 114 LYS LYS A . n 
A 1 119 LEU 119 115 115 LEU LEU A . n 
A 1 120 TYR 120 116 116 TYR TYR A . n 
A 1 121 LEU 121 117 117 LEU LEU A . n 
A 1 122 GLU 122 118 118 GLU GLU A . n 
A 1 123 LEU 123 119 119 LEU LEU A . n 
A 1 124 THR 124 120 120 THR THR A . n 
A 1 125 CYS 125 121 121 CYS CYS A . n 
A 1 126 GLY 126 122 122 GLY GLY A . n 
A 1 127 ASP 127 123 123 ASP ASP A . n 
A 1 128 GLN 128 124 124 GLN GLN A . n 
A 1 129 VAL 129 125 125 VAL VAL A . n 
A 1 130 CYS 130 126 126 CYS CYS A . n 
A 1 131 ARG 131 127 127 ARG ARG A . n 
A 1 132 GLN 132 128 128 GLN GLN A . n 
A 1 133 VAL 133 129 129 VAL VAL A . n 
A 1 134 PHE 134 130 130 PHE PHE A . n 
A 1 135 LYS 135 131 131 LYS LYS A . n 
A 1 136 LYS 136 132 132 LYS LYS A . n 
A 1 137 LYS 137 133 133 LYS LYS A . n 
A 1 138 LEU 138 134 134 LEU LEU A . n 
A 1 139 VAL 139 135 135 VAL VAL A . n 
A 1 140 PRO 140 136 136 PRO PRO A . n 
A 1 141 ARG 141 137 137 ARG ARG A . n 
# 
loop_
_pdbx_nonpoly_scheme.asym_id 
_pdbx_nonpoly_scheme.entity_id 
_pdbx_nonpoly_scheme.mon_id 
_pdbx_nonpoly_scheme.ndb_seq_num 
_pdbx_nonpoly_scheme.pdb_seq_num 
_pdbx_nonpoly_scheme.auth_seq_num 
_pdbx_nonpoly_scheme.pdb_mon_id 
_pdbx_nonpoly_scheme.auth_mon_id 
_pdbx_nonpoly_scheme.pdb_strand_id 
_pdbx_nonpoly_scheme.pdb_ins_code 
B 2 SO4 1   151 151 SO4 SO4 A . 
C 2 SO4 1   152 152 SO4 SO4 A . 
D 3 RTL 1   140 140 RTL RTL A . 
E 4 TLA 1   150 150 TLA TAR A . 
F 5 HOH 1   153 1   HOH HOH A . 
F 5 HOH 2   154 2   HOH HOH A . 
F 5 HOH 3   155 3   HOH HOH A . 
F 5 HOH 4   156 4   HOH HOH A . 
F 5 HOH 5   157 5   HOH HOH A . 
F 5 HOH 6   158 6   HOH HOH A . 
F 5 HOH 7   159 7   HOH HOH A . 
F 5 HOH 8   160 8   HOH HOH A . 
F 5 HOH 9   161 9   HOH HOH A . 
F 5 HOH 10  162 10  HOH HOH A . 
F 5 HOH 11  163 11  HOH HOH A . 
F 5 HOH 12  164 12  HOH HOH A . 
F 5 HOH 13  165 13  HOH HOH A . 
F 5 HOH 14  166 14  HOH HOH A . 
F 5 HOH 15  167 15  HOH HOH A . 
F 5 HOH 16  168 16  HOH HOH A . 
F 5 HOH 17  169 17  HOH HOH A . 
F 5 HOH 18  170 18  HOH HOH A . 
F 5 HOH 19  171 19  HOH HOH A . 
F 5 HOH 20  172 20  HOH HOH A . 
F 5 HOH 21  173 21  HOH HOH A . 
F 5 HOH 22  174 22  HOH HOH A . 
F 5 HOH 23  175 23  HOH HOH A . 
F 5 HOH 24  176 24  HOH HOH A . 
F 5 HOH 25  177 25  HOH HOH A . 
F 5 HOH 26  178 26  HOH HOH A . 
F 5 HOH 27  179 27  HOH HOH A . 
F 5 HOH 28  180 28  HOH HOH A . 
F 5 HOH 29  181 29  HOH HOH A . 
F 5 HOH 30  182 30  HOH HOH A . 
F 5 HOH 31  183 31  HOH HOH A . 
F 5 HOH 32  184 32  HOH HOH A . 
F 5 HOH 33  185 33  HOH HOH A . 
F 5 HOH 34  186 34  HOH HOH A . 
F 5 HOH 35  187 35  HOH HOH A . 
F 5 HOH 36  188 36  HOH HOH A . 
F 5 HOH 37  189 37  HOH HOH A . 
F 5 HOH 38  190 38  HOH HOH A . 
F 5 HOH 39  191 39  HOH HOH A . 
F 5 HOH 40  192 40  HOH HOH A . 
F 5 HOH 41  193 41  HOH HOH A . 
F 5 HOH 42  194 42  HOH HOH A . 
F 5 HOH 43  195 43  HOH HOH A . 
F 5 HOH 44  196 44  HOH HOH A . 
F 5 HOH 45  197 45  HOH HOH A . 
F 5 HOH 46  198 46  HOH HOH A . 
F 5 HOH 47  199 47  HOH HOH A . 
F 5 HOH 48  200 48  HOH HOH A . 
F 5 HOH 49  201 49  HOH HOH A . 
F 5 HOH 50  202 50  HOH HOH A . 
F 5 HOH 51  203 51  HOH HOH A . 
F 5 HOH 52  204 52  HOH HOH A . 
F 5 HOH 53  205 53  HOH HOH A . 
F 5 HOH 54  206 54  HOH HOH A . 
F 5 HOH 55  207 55  HOH HOH A . 
F 5 HOH 56  208 56  HOH HOH A . 
F 5 HOH 57  209 57  HOH HOH A . 
F 5 HOH 58  210 58  HOH HOH A . 
F 5 HOH 59  211 59  HOH HOH A . 
F 5 HOH 60  212 60  HOH HOH A . 
F 5 HOH 61  213 61  HOH HOH A . 
F 5 HOH 62  214 62  HOH HOH A . 
F 5 HOH 63  215 63  HOH HOH A . 
F 5 HOH 64  216 64  HOH HOH A . 
F 5 HOH 65  217 65  HOH HOH A . 
F 5 HOH 66  218 66  HOH HOH A . 
F 5 HOH 67  219 67  HOH HOH A . 
F 5 HOH 68  220 68  HOH HOH A . 
F 5 HOH 69  221 69  HOH HOH A . 
F 5 HOH 70  222 70  HOH HOH A . 
F 5 HOH 71  223 71  HOH HOH A . 
F 5 HOH 72  224 72  HOH HOH A . 
F 5 HOH 73  225 73  HOH HOH A . 
F 5 HOH 74  226 74  HOH HOH A . 
F 5 HOH 75  227 75  HOH HOH A . 
F 5 HOH 76  228 76  HOH HOH A . 
F 5 HOH 77  229 77  HOH HOH A . 
F 5 HOH 78  230 78  HOH HOH A . 
F 5 HOH 79  231 79  HOH HOH A . 
F 5 HOH 80  232 80  HOH HOH A . 
F 5 HOH 81  233 81  HOH HOH A . 
F 5 HOH 82  234 82  HOH HOH A . 
F 5 HOH 83  235 83  HOH HOH A . 
F 5 HOH 84  236 84  HOH HOH A . 
F 5 HOH 85  237 85  HOH HOH A . 
F 5 HOH 86  238 86  HOH HOH A . 
F 5 HOH 87  239 87  HOH HOH A . 
F 5 HOH 88  240 88  HOH HOH A . 
F 5 HOH 89  241 89  HOH HOH A . 
F 5 HOH 90  242 90  HOH HOH A . 
F 5 HOH 91  243 91  HOH HOH A . 
F 5 HOH 92  244 92  HOH HOH A . 
F 5 HOH 93  245 93  HOH HOH A . 
F 5 HOH 94  246 94  HOH HOH A . 
F 5 HOH 95  247 95  HOH HOH A . 
F 5 HOH 96  248 96  HOH HOH A . 
F 5 HOH 97  249 97  HOH HOH A . 
F 5 HOH 98  250 98  HOH HOH A . 
F 5 HOH 99  251 99  HOH HOH A . 
F 5 HOH 100 252 100 HOH HOH A . 
F 5 HOH 101 253 101 HOH HOH A . 
F 5 HOH 102 254 102 HOH HOH A . 
F 5 HOH 103 255 103 HOH HOH A . 
F 5 HOH 104 256 104 HOH HOH A . 
F 5 HOH 105 257 105 HOH HOH A . 
F 5 HOH 106 258 106 HOH HOH A . 
F 5 HOH 107 259 107 HOH HOH A . 
F 5 HOH 108 260 108 HOH HOH A . 
F 5 HOH 109 261 109 HOH HOH A . 
F 5 HOH 110 262 110 HOH HOH A . 
F 5 HOH 111 263 111 HOH HOH A . 
F 5 HOH 112 264 112 HOH HOH A . 
F 5 HOH 113 265 113 HOH HOH A . 
F 5 HOH 114 266 114 HOH HOH A . 
F 5 HOH 115 267 115 HOH HOH A . 
F 5 HOH 116 268 116 HOH HOH A . 
F 5 HOH 117 269 117 HOH HOH A . 
F 5 HOH 118 270 118 HOH HOH A . 
F 5 HOH 119 271 119 HOH HOH A . 
F 5 HOH 120 272 120 HOH HOH A . 
F 5 HOH 121 273 121 HOH HOH A . 
F 5 HOH 122 274 122 HOH HOH A . 
F 5 HOH 123 275 123 HOH HOH A . 
F 5 HOH 124 276 124 HOH HOH A . 
F 5 HOH 125 277 125 HOH HOH A . 
F 5 HOH 126 278 126 HOH HOH A . 
F 5 HOH 127 279 127 HOH HOH A . 
F 5 HOH 128 280 128 HOH HOH A . 
F 5 HOH 129 281 129 HOH HOH A . 
F 5 HOH 130 282 130 HOH HOH A . 
F 5 HOH 131 283 131 HOH HOH A . 
F 5 HOH 132 284 132 HOH HOH A . 
F 5 HOH 133 285 133 HOH HOH A . 
F 5 HOH 134 286 134 HOH HOH A . 
F 5 HOH 135 287 135 HOH HOH A . 
F 5 HOH 136 288 136 HOH HOH A . 
F 5 HOH 137 289 137 HOH HOH A . 
F 5 HOH 138 290 138 HOH HOH A . 
F 5 HOH 139 291 139 HOH HOH A . 
F 5 HOH 140 292 140 HOH HOH A . 
F 5 HOH 141 293 141 HOH HOH A . 
F 5 HOH 142 294 142 HOH HOH A . 
F 5 HOH 143 295 143 HOH HOH A . 
F 5 HOH 144 296 144 HOH HOH A . 
F 5 HOH 145 297 145 HOH HOH A . 
F 5 HOH 146 298 146 HOH HOH A . 
F 5 HOH 147 299 147 HOH HOH A . 
F 5 HOH 148 300 148 HOH HOH A . 
F 5 HOH 149 301 149 HOH HOH A . 
F 5 HOH 150 302 150 HOH HOH A . 
F 5 HOH 151 303 151 HOH HOH A . 
F 5 HOH 152 304 152 HOH HOH A . 
F 5 HOH 153 305 153 HOH HOH A . 
F 5 HOH 154 306 154 HOH HOH A . 
F 5 HOH 155 307 155 HOH HOH A . 
F 5 HOH 156 308 156 HOH HOH A . 
F 5 HOH 157 309 157 HOH HOH A . 
F 5 HOH 158 310 158 HOH HOH A . 
F 5 HOH 159 311 159 HOH HOH A . 
F 5 HOH 160 312 160 HOH HOH A . 
F 5 HOH 161 313 161 HOH HOH A . 
F 5 HOH 162 314 162 HOH HOH A . 
F 5 HOH 163 315 163 HOH HOH A . 
F 5 HOH 164 316 164 HOH HOH A . 
F 5 HOH 165 317 165 HOH HOH A . 
# 
_pdbx_struct_assembly.id                   1 
_pdbx_struct_assembly.details              author_and_software_defined_assembly 
_pdbx_struct_assembly.method_details       PISA 
_pdbx_struct_assembly.oligomeric_details   monomeric 
_pdbx_struct_assembly.oligomeric_count     1 
# 
_pdbx_struct_assembly_gen.assembly_id       1 
_pdbx_struct_assembly_gen.oper_expression   1 
_pdbx_struct_assembly_gen.asym_id_list      A,B,C,D,E,F 
# 
_pdbx_struct_oper_list.id                   1 
_pdbx_struct_oper_list.type                 'identity operation' 
_pdbx_struct_oper_list.name                 1_555 
_pdbx_struct_oper_list.symmetry_operation   x,y,z 
_pdbx_struct_oper_list.matrix[1][1]         1.0000000000 
_pdbx_struct_oper_list.matrix[1][2]         0.0000000000 
_pdbx_struct_oper_list.matrix[1][3]         0.0000000000 
_pdbx_struct_oper_list.vector[1]            0.0000000000 
_pdbx_struct_oper_list.matrix[2][1]         0.0000000000 
_pdbx_struct_oper_list.matrix[2][2]         1.0000000000 
_pdbx_struct_oper_list.matrix[2][3]         0.0000000000 
_pdbx_struct_oper_list.vector[2]            0.0000000000 
_pdbx_struct_oper_list.matrix[3][1]         0.0000000000 
_pdbx_struct_oper_list.matrix[3][2]         0.0000000000 
_pdbx_struct_oper_list.matrix[3][3]         1.0000000000 
_pdbx_struct_oper_list.vector[3]            0.0000000000 
# 
loop_
_pdbx_audit_revision_history.ordinal 
_pdbx_audit_revision_history.data_content_type 
_pdbx_audit_revision_history.major_revision 
_pdbx_audit_revision_history.minor_revision 
_pdbx_audit_revision_history.revision_date 
1 'Structure model' 1 0 2007-10-02 
2 'Structure model' 1 1 2011-07-13 
3 'Structure model' 1 2 2023-08-30 
# 
_pdbx_audit_revision_details.ordinal             1 
_pdbx_audit_revision_details.revision_ordinal    1 
_pdbx_audit_revision_details.data_content_type   'Structure model' 
_pdbx_audit_revision_details.provider            repository 
_pdbx_audit_revision_details.type                'Initial release' 
_pdbx_audit_revision_details.description         ? 
_pdbx_audit_revision_details.details             ? 
# 
loop_
_pdbx_audit_revision_group.ordinal 
_pdbx_audit_revision_group.revision_ordinal 
_pdbx_audit_revision_group.data_content_type 
_pdbx_audit_revision_group.group 
1 2 'Structure model' 'Version format compliance' 
2 3 'Structure model' 'Data collection'           
3 3 'Structure model' 'Database references'       
4 3 'Structure model' 'Derived calculations'      
5 3 'Structure model' 'Refinement description'    
# 
loop_
_pdbx_audit_revision_category.ordinal 
_pdbx_audit_revision_category.revision_ordinal 
_pdbx_audit_revision_category.data_content_type 
_pdbx_audit_revision_category.category 
1 3 'Structure model' chem_comp_atom                
2 3 'Structure model' chem_comp_bond                
3 3 'Structure model' database_2                    
4 3 'Structure model' pdbx_initial_refinement_model 
5 3 'Structure model' struct_ref_seq_dif            
6 3 'Structure model' struct_site                   
# 
loop_
_pdbx_audit_revision_item.ordinal 
_pdbx_audit_revision_item.revision_ordinal 
_pdbx_audit_revision_item.data_content_type 
_pdbx_audit_revision_item.item 
1 3 'Structure model' '_database_2.pdbx_DOI'                
2 3 'Structure model' '_database_2.pdbx_database_accession' 
3 3 'Structure model' '_struct_ref_seq_dif.details'         
4 3 'Structure model' '_struct_site.pdbx_auth_asym_id'      
5 3 'Structure model' '_struct_site.pdbx_auth_comp_id'      
6 3 'Structure model' '_struct_site.pdbx_auth_seq_id'       
# 
loop_
_software.name 
_software.classification 
_software.version 
_software.citation_id 
_software.pdbx_ordinal 
REFMAC refinement        5.2.0019 ? 1 
ADSC   'data collection' Quantum  ? 2 
MOSFLM 'data reduction'  .        ? 3 
SCALA  'data scaling'    .        ? 4 
XFIT   'data reduction'  .        ? 5 
# 
loop_
_pdbx_validate_torsion.id 
_pdbx_validate_torsion.PDB_model_num 
_pdbx_validate_torsion.auth_comp_id 
_pdbx_validate_torsion.auth_asym_id 
_pdbx_validate_torsion.auth_seq_id 
_pdbx_validate_torsion.PDB_ins_code 
_pdbx_validate_torsion.label_alt_id 
_pdbx_validate_torsion.phi 
_pdbx_validate_torsion.psi 
1 1 PHE A 57 ? ? -106.12 -75.00  
2 1 SER A 76 ? ? 73.34   -1.82   
3 1 LEU A 77 ? ? -106.80 -101.67 
# 
loop_
_chem_comp_atom.comp_id 
_chem_comp_atom.atom_id 
_chem_comp_atom.type_symbol 
_chem_comp_atom.pdbx_aromatic_flag 
_chem_comp_atom.pdbx_stereo_config 
_chem_comp_atom.pdbx_ordinal 
ALA N    N N N 1   
ALA CA   C N S 2   
ALA C    C N N 3   
ALA O    O N N 4   
ALA CB   C N N 5   
ALA OXT  O N N 6   
ALA H    H N N 7   
ALA H2   H N N 8   
ALA HA   H N N 9   
ALA HB1  H N N 10  
ALA HB2  H N N 11  
ALA HB3  H N N 12  
ALA HXT  H N N 13  
ARG N    N N N 14  
ARG CA   C N S 15  
ARG C    C N N 16  
ARG O    O N N 17  
ARG CB   C N N 18  
ARG CG   C N N 19  
ARG CD   C N N 20  
ARG NE   N N N 21  
ARG CZ   C N N 22  
ARG NH1  N N N 23  
ARG NH2  N N N 24  
ARG OXT  O N N 25  
ARG H    H N N 26  
ARG H2   H N N 27  
ARG HA   H N N 28  
ARG HB2  H N N 29  
ARG HB3  H N N 30  
ARG HG2  H N N 31  
ARG HG3  H N N 32  
ARG HD2  H N N 33  
ARG HD3  H N N 34  
ARG HE   H N N 35  
ARG HH11 H N N 36  
ARG HH12 H N N 37  
ARG HH21 H N N 38  
ARG HH22 H N N 39  
ARG HXT  H N N 40  
ASN N    N N N 41  
ASN CA   C N S 42  
ASN C    C N N 43  
ASN O    O N N 44  
ASN CB   C N N 45  
ASN CG   C N N 46  
ASN OD1  O N N 47  
ASN ND2  N N N 48  
ASN OXT  O N N 49  
ASN H    H N N 50  
ASN H2   H N N 51  
ASN HA   H N N 52  
ASN HB2  H N N 53  
ASN HB3  H N N 54  
ASN HD21 H N N 55  
ASN HD22 H N N 56  
ASN HXT  H N N 57  
ASP N    N N N 58  
ASP CA   C N S 59  
ASP C    C N N 60  
ASP O    O N N 61  
ASP CB   C N N 62  
ASP CG   C N N 63  
ASP OD1  O N N 64  
ASP OD2  O N N 65  
ASP OXT  O N N 66  
ASP H    H N N 67  
ASP H2   H N N 68  
ASP HA   H N N 69  
ASP HB2  H N N 70  
ASP HB3  H N N 71  
ASP HD2  H N N 72  
ASP HXT  H N N 73  
CYS N    N N N 74  
CYS CA   C N R 75  
CYS C    C N N 76  
CYS O    O N N 77  
CYS CB   C N N 78  
CYS SG   S N N 79  
CYS OXT  O N N 80  
CYS H    H N N 81  
CYS H2   H N N 82  
CYS HA   H N N 83  
CYS HB2  H N N 84  
CYS HB3  H N N 85  
CYS HG   H N N 86  
CYS HXT  H N N 87  
GLN N    N N N 88  
GLN CA   C N S 89  
GLN C    C N N 90  
GLN O    O N N 91  
GLN CB   C N N 92  
GLN CG   C N N 93  
GLN CD   C N N 94  
GLN OE1  O N N 95  
GLN NE2  N N N 96  
GLN OXT  O N N 97  
GLN H    H N N 98  
GLN H2   H N N 99  
GLN HA   H N N 100 
GLN HB2  H N N 101 
GLN HB3  H N N 102 
GLN HG2  H N N 103 
GLN HG3  H N N 104 
GLN HE21 H N N 105 
GLN HE22 H N N 106 
GLN HXT  H N N 107 
GLU N    N N N 108 
GLU CA   C N S 109 
GLU C    C N N 110 
GLU O    O N N 111 
GLU CB   C N N 112 
GLU CG   C N N 113 
GLU CD   C N N 114 
GLU OE1  O N N 115 
GLU OE2  O N N 116 
GLU OXT  O N N 117 
GLU H    H N N 118 
GLU H2   H N N 119 
GLU HA   H N N 120 
GLU HB2  H N N 121 
GLU HB3  H N N 122 
GLU HG2  H N N 123 
GLU HG3  H N N 124 
GLU HE2  H N N 125 
GLU HXT  H N N 126 
GLY N    N N N 127 
GLY CA   C N N 128 
GLY C    C N N 129 
GLY O    O N N 130 
GLY OXT  O N N 131 
GLY H    H N N 132 
GLY H2   H N N 133 
GLY HA2  H N N 134 
GLY HA3  H N N 135 
GLY HXT  H N N 136 
HIS N    N N N 137 
HIS CA   C N S 138 
HIS C    C N N 139 
HIS O    O N N 140 
HIS CB   C N N 141 
HIS CG   C Y N 142 
HIS ND1  N Y N 143 
HIS CD2  C Y N 144 
HIS CE1  C Y N 145 
HIS NE2  N Y N 146 
HIS OXT  O N N 147 
HIS H    H N N 148 
HIS H2   H N N 149 
HIS HA   H N N 150 
HIS HB2  H N N 151 
HIS HB3  H N N 152 
HIS HD1  H N N 153 
HIS HD2  H N N 154 
HIS HE1  H N N 155 
HIS HE2  H N N 156 
HIS HXT  H N N 157 
HOH O    O N N 158 
HOH H1   H N N 159 
HOH H2   H N N 160 
ILE N    N N N 161 
ILE CA   C N S 162 
ILE C    C N N 163 
ILE O    O N N 164 
ILE CB   C N S 165 
ILE CG1  C N N 166 
ILE CG2  C N N 167 
ILE CD1  C N N 168 
ILE OXT  O N N 169 
ILE H    H N N 170 
ILE H2   H N N 171 
ILE HA   H N N 172 
ILE HB   H N N 173 
ILE HG12 H N N 174 
ILE HG13 H N N 175 
ILE HG21 H N N 176 
ILE HG22 H N N 177 
ILE HG23 H N N 178 
ILE HD11 H N N 179 
ILE HD12 H N N 180 
ILE HD13 H N N 181 
ILE HXT  H N N 182 
LEU N    N N N 183 
LEU CA   C N S 184 
LEU C    C N N 185 
LEU O    O N N 186 
LEU CB   C N N 187 
LEU CG   C N N 188 
LEU CD1  C N N 189 
LEU CD2  C N N 190 
LEU OXT  O N N 191 
LEU H    H N N 192 
LEU H2   H N N 193 
LEU HA   H N N 194 
LEU HB2  H N N 195 
LEU HB3  H N N 196 
LEU HG   H N N 197 
LEU HD11 H N N 198 
LEU HD12 H N N 199 
LEU HD13 H N N 200 
LEU HD21 H N N 201 
LEU HD22 H N N 202 
LEU HD23 H N N 203 
LEU HXT  H N N 204 
LYS N    N N N 205 
LYS CA   C N S 206 
LYS C    C N N 207 
LYS O    O N N 208 
LYS CB   C N N 209 
LYS CG   C N N 210 
LYS CD   C N N 211 
LYS CE   C N N 212 
LYS NZ   N N N 213 
LYS OXT  O N N 214 
LYS H    H N N 215 
LYS H2   H N N 216 
LYS HA   H N N 217 
LYS HB2  H N N 218 
LYS HB3  H N N 219 
LYS HG2  H N N 220 
LYS HG3  H N N 221 
LYS HD2  H N N 222 
LYS HD3  H N N 223 
LYS HE2  H N N 224 
LYS HE3  H N N 225 
LYS HZ1  H N N 226 
LYS HZ2  H N N 227 
LYS HZ3  H N N 228 
LYS HXT  H N N 229 
MET N    N N N 230 
MET CA   C N S 231 
MET C    C N N 232 
MET O    O N N 233 
MET CB   C N N 234 
MET CG   C N N 235 
MET SD   S N N 236 
MET CE   C N N 237 
MET OXT  O N N 238 
MET H    H N N 239 
MET H2   H N N 240 
MET HA   H N N 241 
MET HB2  H N N 242 
MET HB3  H N N 243 
MET HG2  H N N 244 
MET HG3  H N N 245 
MET HE1  H N N 246 
MET HE2  H N N 247 
MET HE3  H N N 248 
MET HXT  H N N 249 
PHE N    N N N 250 
PHE CA   C N S 251 
PHE C    C N N 252 
PHE O    O N N 253 
PHE CB   C N N 254 
PHE CG   C Y N 255 
PHE CD1  C Y N 256 
PHE CD2  C Y N 257 
PHE CE1  C Y N 258 
PHE CE2  C Y N 259 
PHE CZ   C Y N 260 
PHE OXT  O N N 261 
PHE H    H N N 262 
PHE H2   H N N 263 
PHE HA   H N N 264 
PHE HB2  H N N 265 
PHE HB3  H N N 266 
PHE HD1  H N N 267 
PHE HD2  H N N 268 
PHE HE1  H N N 269 
PHE HE2  H N N 270 
PHE HZ   H N N 271 
PHE HXT  H N N 272 
PRO N    N N N 273 
PRO CA   C N S 274 
PRO C    C N N 275 
PRO O    O N N 276 
PRO CB   C N N 277 
PRO CG   C N N 278 
PRO CD   C N N 279 
PRO OXT  O N N 280 
PRO H    H N N 281 
PRO HA   H N N 282 
PRO HB2  H N N 283 
PRO HB3  H N N 284 
PRO HG2  H N N 285 
PRO HG3  H N N 286 
PRO HD2  H N N 287 
PRO HD3  H N N 288 
PRO HXT  H N N 289 
RTL C1   C N N 290 
RTL C2   C N N 291 
RTL C3   C N N 292 
RTL C4   C N N 293 
RTL C5   C N N 294 
RTL C6   C N N 295 
RTL C7   C N N 296 
RTL C8   C N N 297 
RTL C9   C N N 298 
RTL C10  C N N 299 
RTL C11  C N N 300 
RTL C12  C N N 301 
RTL C13  C N N 302 
RTL C14  C N N 303 
RTL C15  C N N 304 
RTL O1   O N N 305 
RTL C16  C N N 306 
RTL C17  C N N 307 
RTL C18  C N N 308 
RTL C19  C N N 309 
RTL C20  C N N 310 
RTL H21  H N N 311 
RTL H22  H N N 312 
RTL H31  H N N 313 
RTL H32  H N N 314 
RTL H41  H N N 315 
RTL H42  H N N 316 
RTL H7   H N N 317 
RTL H8   H N N 318 
RTL H10  H N N 319 
RTL H11  H N N 320 
RTL H12  H N N 321 
RTL H14  H N N 322 
RTL H151 H N N 323 
RTL H152 H N N 324 
RTL HO1  H N N 325 
RTL H161 H N N 326 
RTL H162 H N N 327 
RTL H163 H N N 328 
RTL H171 H N N 329 
RTL H172 H N N 330 
RTL H173 H N N 331 
RTL H181 H N N 332 
RTL H182 H N N 333 
RTL H183 H N N 334 
RTL H191 H N N 335 
RTL H192 H N N 336 
RTL H193 H N N 337 
RTL H201 H N N 338 
RTL H202 H N N 339 
RTL H203 H N N 340 
SER N    N N N 341 
SER CA   C N S 342 
SER C    C N N 343 
SER O    O N N 344 
SER CB   C N N 345 
SER OG   O N N 346 
SER OXT  O N N 347 
SER H    H N N 348 
SER H2   H N N 349 
SER HA   H N N 350 
SER HB2  H N N 351 
SER HB3  H N N 352 
SER HG   H N N 353 
SER HXT  H N N 354 
SO4 S    S N N 355 
SO4 O1   O N N 356 
SO4 O2   O N N 357 
SO4 O3   O N N 358 
SO4 O4   O N N 359 
THR N    N N N 360 
THR CA   C N S 361 
THR C    C N N 362 
THR O    O N N 363 
THR CB   C N R 364 
THR OG1  O N N 365 
THR CG2  C N N 366 
THR OXT  O N N 367 
THR H    H N N 368 
THR H2   H N N 369 
THR HA   H N N 370 
THR HB   H N N 371 
THR HG1  H N N 372 
THR HG21 H N N 373 
THR HG22 H N N 374 
THR HG23 H N N 375 
THR HXT  H N N 376 
TLA O1   O N N 377 
TLA O11  O N N 378 
TLA C1   C N N 379 
TLA C2   C N R 380 
TLA O2   O N N 381 
TLA C3   C N R 382 
TLA O3   O N N 383 
TLA C4   C N N 384 
TLA O4   O N N 385 
TLA O41  O N N 386 
TLA H11  H N N 387 
TLA H2   H N N 388 
TLA HA   H N N 389 
TLA H3   H N N 390 
TLA HB   H N N 391 
TLA H41  H N N 392 
TRP N    N N N 393 
TRP CA   C N S 394 
TRP C    C N N 395 
TRP O    O N N 396 
TRP CB   C N N 397 
TRP CG   C Y N 398 
TRP CD1  C Y N 399 
TRP CD2  C Y N 400 
TRP NE1  N Y N 401 
TRP CE2  C Y N 402 
TRP CE3  C Y N 403 
TRP CZ2  C Y N 404 
TRP CZ3  C Y N 405 
TRP CH2  C Y N 406 
TRP OXT  O N N 407 
TRP H    H N N 408 
TRP H2   H N N 409 
TRP HA   H N N 410 
TRP HB2  H N N 411 
TRP HB3  H N N 412 
TRP HD1  H N N 413 
TRP HE1  H N N 414 
TRP HE3  H N N 415 
TRP HZ2  H N N 416 
TRP HZ3  H N N 417 
TRP HH2  H N N 418 
TRP HXT  H N N 419 
TYR N    N N N 420 
TYR CA   C N S 421 
TYR C    C N N 422 
TYR O    O N N 423 
TYR CB   C N N 424 
TYR CG   C Y N 425 
TYR CD1  C Y N 426 
TYR CD2  C Y N 427 
TYR CE1  C Y N 428 
TYR CE2  C Y N 429 
TYR CZ   C Y N 430 
TYR OH   O N N 431 
TYR OXT  O N N 432 
TYR H    H N N 433 
TYR H2   H N N 434 
TYR HA   H N N 435 
TYR HB2  H N N 436 
TYR HB3  H N N 437 
TYR HD1  H N N 438 
TYR HD2  H N N 439 
TYR HE1  H N N 440 
TYR HE2  H N N 441 
TYR HH   H N N 442 
TYR HXT  H N N 443 
VAL N    N N N 444 
VAL CA   C N S 445 
VAL C    C N N 446 
VAL O    O N N 447 
VAL CB   C N N 448 
VAL CG1  C N N 449 
VAL CG2  C N N 450 
VAL OXT  O N N 451 
VAL H    H N N 452 
VAL H2   H N N 453 
VAL HA   H N N 454 
VAL HB   H N N 455 
VAL HG11 H N N 456 
VAL HG12 H N N 457 
VAL HG13 H N N 458 
VAL HG21 H N N 459 
VAL HG22 H N N 460 
VAL HG23 H N N 461 
VAL HXT  H N N 462 
# 
loop_
_chem_comp_bond.comp_id 
_chem_comp_bond.atom_id_1 
_chem_comp_bond.atom_id_2 
_chem_comp_bond.value_order 
_chem_comp_bond.pdbx_aromatic_flag 
_chem_comp_bond.pdbx_stereo_config 
_chem_comp_bond.pdbx_ordinal 
ALA N   CA   sing N N 1   
ALA N   H    sing N N 2   
ALA N   H2   sing N N 3   
ALA CA  C    sing N N 4   
ALA CA  CB   sing N N 5   
ALA CA  HA   sing N N 6   
ALA C   O    doub N N 7   
ALA C   OXT  sing N N 8   
ALA CB  HB1  sing N N 9   
ALA CB  HB2  sing N N 10  
ALA CB  HB3  sing N N 11  
ALA OXT HXT  sing N N 12  
ARG N   CA   sing N N 13  
ARG N   H    sing N N 14  
ARG N   H2   sing N N 15  
ARG CA  C    sing N N 16  
ARG CA  CB   sing N N 17  
ARG CA  HA   sing N N 18  
ARG C   O    doub N N 19  
ARG C   OXT  sing N N 20  
ARG CB  CG   sing N N 21  
ARG CB  HB2  sing N N 22  
ARG CB  HB3  sing N N 23  
ARG CG  CD   sing N N 24  
ARG CG  HG2  sing N N 25  
ARG CG  HG3  sing N N 26  
ARG CD  NE   sing N N 27  
ARG CD  HD2  sing N N 28  
ARG CD  HD3  sing N N 29  
ARG NE  CZ   sing N N 30  
ARG NE  HE   sing N N 31  
ARG CZ  NH1  sing N N 32  
ARG CZ  NH2  doub N N 33  
ARG NH1 HH11 sing N N 34  
ARG NH1 HH12 sing N N 35  
ARG NH2 HH21 sing N N 36  
ARG NH2 HH22 sing N N 37  
ARG OXT HXT  sing N N 38  
ASN N   CA   sing N N 39  
ASN N   H    sing N N 40  
ASN N   H2   sing N N 41  
ASN CA  C    sing N N 42  
ASN CA  CB   sing N N 43  
ASN CA  HA   sing N N 44  
ASN C   O    doub N N 45  
ASN C   OXT  sing N N 46  
ASN CB  CG   sing N N 47  
ASN CB  HB2  sing N N 48  
ASN CB  HB3  sing N N 49  
ASN CG  OD1  doub N N 50  
ASN CG  ND2  sing N N 51  
ASN ND2 HD21 sing N N 52  
ASN ND2 HD22 sing N N 53  
ASN OXT HXT  sing N N 54  
ASP N   CA   sing N N 55  
ASP N   H    sing N N 56  
ASP N   H2   sing N N 57  
ASP CA  C    sing N N 58  
ASP CA  CB   sing N N 59  
ASP CA  HA   sing N N 60  
ASP C   O    doub N N 61  
ASP C   OXT  sing N N 62  
ASP CB  CG   sing N N 63  
ASP CB  HB2  sing N N 64  
ASP CB  HB3  sing N N 65  
ASP CG  OD1  doub N N 66  
ASP CG  OD2  sing N N 67  
ASP OD2 HD2  sing N N 68  
ASP OXT HXT  sing N N 69  
CYS N   CA   sing N N 70  
CYS N   H    sing N N 71  
CYS N   H2   sing N N 72  
CYS CA  C    sing N N 73  
CYS CA  CB   sing N N 74  
CYS CA  HA   sing N N 75  
CYS C   O    doub N N 76  
CYS C   OXT  sing N N 77  
CYS CB  SG   sing N N 78  
CYS CB  HB2  sing N N 79  
CYS CB  HB3  sing N N 80  
CYS SG  HG   sing N N 81  
CYS OXT HXT  sing N N 82  
GLN N   CA   sing N N 83  
GLN N   H    sing N N 84  
GLN N   H2   sing N N 85  
GLN CA  C    sing N N 86  
GLN CA  CB   sing N N 87  
GLN CA  HA   sing N N 88  
GLN C   O    doub N N 89  
GLN C   OXT  sing N N 90  
GLN CB  CG   sing N N 91  
GLN CB  HB2  sing N N 92  
GLN CB  HB3  sing N N 93  
GLN CG  CD   sing N N 94  
GLN CG  HG2  sing N N 95  
GLN CG  HG3  sing N N 96  
GLN CD  OE1  doub N N 97  
GLN CD  NE2  sing N N 98  
GLN NE2 HE21 sing N N 99  
GLN NE2 HE22 sing N N 100 
GLN OXT HXT  sing N N 101 
GLU N   CA   sing N N 102 
GLU N   H    sing N N 103 
GLU N   H2   sing N N 104 
GLU CA  C    sing N N 105 
GLU CA  CB   sing N N 106 
GLU CA  HA   sing N N 107 
GLU C   O    doub N N 108 
GLU C   OXT  sing N N 109 
GLU CB  CG   sing N N 110 
GLU CB  HB2  sing N N 111 
GLU CB  HB3  sing N N 112 
GLU CG  CD   sing N N 113 
GLU CG  HG2  sing N N 114 
GLU CG  HG3  sing N N 115 
GLU CD  OE1  doub N N 116 
GLU CD  OE2  sing N N 117 
GLU OE2 HE2  sing N N 118 
GLU OXT HXT  sing N N 119 
GLY N   CA   sing N N 120 
GLY N   H    sing N N 121 
GLY N   H2   sing N N 122 
GLY CA  C    sing N N 123 
GLY CA  HA2  sing N N 124 
GLY CA  HA3  sing N N 125 
GLY C   O    doub N N 126 
GLY C   OXT  sing N N 127 
GLY OXT HXT  sing N N 128 
HIS N   CA   sing N N 129 
HIS N   H    sing N N 130 
HIS N   H2   sing N N 131 
HIS CA  C    sing N N 132 
HIS CA  CB   sing N N 133 
HIS CA  HA   sing N N 134 
HIS C   O    doub N N 135 
HIS C   OXT  sing N N 136 
HIS CB  CG   sing N N 137 
HIS CB  HB2  sing N N 138 
HIS CB  HB3  sing N N 139 
HIS CG  ND1  sing Y N 140 
HIS CG  CD2  doub Y N 141 
HIS ND1 CE1  doub Y N 142 
HIS ND1 HD1  sing N N 143 
HIS CD2 NE2  sing Y N 144 
HIS CD2 HD2  sing N N 145 
HIS CE1 NE2  sing Y N 146 
HIS CE1 HE1  sing N N 147 
HIS NE2 HE2  sing N N 148 
HIS OXT HXT  sing N N 149 
HOH O   H1   sing N N 150 
HOH O   H2   sing N N 151 
ILE N   CA   sing N N 152 
ILE N   H    sing N N 153 
ILE N   H2   sing N N 154 
ILE CA  C    sing N N 155 
ILE CA  CB   sing N N 156 
ILE CA  HA   sing N N 157 
ILE C   O    doub N N 158 
ILE C   OXT  sing N N 159 
ILE CB  CG1  sing N N 160 
ILE CB  CG2  sing N N 161 
ILE CB  HB   sing N N 162 
ILE CG1 CD1  sing N N 163 
ILE CG1 HG12 sing N N 164 
ILE CG1 HG13 sing N N 165 
ILE CG2 HG21 sing N N 166 
ILE CG2 HG22 sing N N 167 
ILE CG2 HG23 sing N N 168 
ILE CD1 HD11 sing N N 169 
ILE CD1 HD12 sing N N 170 
ILE CD1 HD13 sing N N 171 
ILE OXT HXT  sing N N 172 
LEU N   CA   sing N N 173 
LEU N   H    sing N N 174 
LEU N   H2   sing N N 175 
LEU CA  C    sing N N 176 
LEU CA  CB   sing N N 177 
LEU CA  HA   sing N N 178 
LEU C   O    doub N N 179 
LEU C   OXT  sing N N 180 
LEU CB  CG   sing N N 181 
LEU CB  HB2  sing N N 182 
LEU CB  HB3  sing N N 183 
LEU CG  CD1  sing N N 184 
LEU CG  CD2  sing N N 185 
LEU CG  HG   sing N N 186 
LEU CD1 HD11 sing N N 187 
LEU CD1 HD12 sing N N 188 
LEU CD1 HD13 sing N N 189 
LEU CD2 HD21 sing N N 190 
LEU CD2 HD22 sing N N 191 
LEU CD2 HD23 sing N N 192 
LEU OXT HXT  sing N N 193 
LYS N   CA   sing N N 194 
LYS N   H    sing N N 195 
LYS N   H2   sing N N 196 
LYS CA  C    sing N N 197 
LYS CA  CB   sing N N 198 
LYS CA  HA   sing N N 199 
LYS C   O    doub N N 200 
LYS C   OXT  sing N N 201 
LYS CB  CG   sing N N 202 
LYS CB  HB2  sing N N 203 
LYS CB  HB3  sing N N 204 
LYS CG  CD   sing N N 205 
LYS CG  HG2  sing N N 206 
LYS CG  HG3  sing N N 207 
LYS CD  CE   sing N N 208 
LYS CD  HD2  sing N N 209 
LYS CD  HD3  sing N N 210 
LYS CE  NZ   sing N N 211 
LYS CE  HE2  sing N N 212 
LYS CE  HE3  sing N N 213 
LYS NZ  HZ1  sing N N 214 
LYS NZ  HZ2  sing N N 215 
LYS NZ  HZ3  sing N N 216 
LYS OXT HXT  sing N N 217 
MET N   CA   sing N N 218 
MET N   H    sing N N 219 
MET N   H2   sing N N 220 
MET CA  C    sing N N 221 
MET CA  CB   sing N N 222 
MET CA  HA   sing N N 223 
MET C   O    doub N N 224 
MET C   OXT  sing N N 225 
MET CB  CG   sing N N 226 
MET CB  HB2  sing N N 227 
MET CB  HB3  sing N N 228 
MET CG  SD   sing N N 229 
MET CG  HG2  sing N N 230 
MET CG  HG3  sing N N 231 
MET SD  CE   sing N N 232 
MET CE  HE1  sing N N 233 
MET CE  HE2  sing N N 234 
MET CE  HE3  sing N N 235 
MET OXT HXT  sing N N 236 
PHE N   CA   sing N N 237 
PHE N   H    sing N N 238 
PHE N   H2   sing N N 239 
PHE CA  C    sing N N 240 
PHE CA  CB   sing N N 241 
PHE CA  HA   sing N N 242 
PHE C   O    doub N N 243 
PHE C   OXT  sing N N 244 
PHE CB  CG   sing N N 245 
PHE CB  HB2  sing N N 246 
PHE CB  HB3  sing N N 247 
PHE CG  CD1  doub Y N 248 
PHE CG  CD2  sing Y N 249 
PHE CD1 CE1  sing Y N 250 
PHE CD1 HD1  sing N N 251 
PHE CD2 CE2  doub Y N 252 
PHE CD2 HD2  sing N N 253 
PHE CE1 CZ   doub Y N 254 
PHE CE1 HE1  sing N N 255 
PHE CE2 CZ   sing Y N 256 
PHE CE2 HE2  sing N N 257 
PHE CZ  HZ   sing N N 258 
PHE OXT HXT  sing N N 259 
PRO N   CA   sing N N 260 
PRO N   CD   sing N N 261 
PRO N   H    sing N N 262 
PRO CA  C    sing N N 263 
PRO CA  CB   sing N N 264 
PRO CA  HA   sing N N 265 
PRO C   O    doub N N 266 
PRO C   OXT  sing N N 267 
PRO CB  CG   sing N N 268 
PRO CB  HB2  sing N N 269 
PRO CB  HB3  sing N N 270 
PRO CG  CD   sing N N 271 
PRO CG  HG2  sing N N 272 
PRO CG  HG3  sing N N 273 
PRO CD  HD2  sing N N 274 
PRO CD  HD3  sing N N 275 
PRO OXT HXT  sing N N 276 
RTL C1  C2   sing N N 277 
RTL C1  C6   sing N N 278 
RTL C1  C16  sing N N 279 
RTL C1  C17  sing N N 280 
RTL C2  C3   sing N N 281 
RTL C2  H21  sing N N 282 
RTL C2  H22  sing N N 283 
RTL C3  C4   sing N N 284 
RTL C3  H31  sing N N 285 
RTL C3  H32  sing N N 286 
RTL C4  C5   sing N N 287 
RTL C4  H41  sing N N 288 
RTL C4  H42  sing N N 289 
RTL C5  C6   doub N N 290 
RTL C5  C18  sing N N 291 
RTL C6  C7   sing N N 292 
RTL C7  C8   doub N E 293 
RTL C7  H7   sing N N 294 
RTL C8  C9   sing N N 295 
RTL C8  H8   sing N N 296 
RTL C9  C10  doub N E 297 
RTL C9  C19  sing N N 298 
RTL C10 C11  sing N N 299 
RTL C10 H10  sing N N 300 
RTL C11 C12  doub N E 301 
RTL C11 H11  sing N N 302 
RTL C12 C13  sing N N 303 
RTL C12 H12  sing N N 304 
RTL C13 C14  doub N E 305 
RTL C13 C20  sing N N 306 
RTL C14 C15  sing N N 307 
RTL C14 H14  sing N N 308 
RTL C15 O1   sing N N 309 
RTL C15 H151 sing N N 310 
RTL C15 H152 sing N N 311 
RTL O1  HO1  sing N N 312 
RTL C16 H161 sing N N 313 
RTL C16 H162 sing N N 314 
RTL C16 H163 sing N N 315 
RTL C17 H171 sing N N 316 
RTL C17 H172 sing N N 317 
RTL C17 H173 sing N N 318 
RTL C18 H181 sing N N 319 
RTL C18 H182 sing N N 320 
RTL C18 H183 sing N N 321 
RTL C19 H191 sing N N 322 
RTL C19 H192 sing N N 323 
RTL C19 H193 sing N N 324 
RTL C20 H201 sing N N 325 
RTL C20 H202 sing N N 326 
RTL C20 H203 sing N N 327 
SER N   CA   sing N N 328 
SER N   H    sing N N 329 
SER N   H2   sing N N 330 
SER CA  C    sing N N 331 
SER CA  CB   sing N N 332 
SER CA  HA   sing N N 333 
SER C   O    doub N N 334 
SER C   OXT  sing N N 335 
SER CB  OG   sing N N 336 
SER CB  HB2  sing N N 337 
SER CB  HB3  sing N N 338 
SER OG  HG   sing N N 339 
SER OXT HXT  sing N N 340 
SO4 S   O1   doub N N 341 
SO4 S   O2   doub N N 342 
SO4 S   O3   sing N N 343 
SO4 S   O4   sing N N 344 
THR N   CA   sing N N 345 
THR N   H    sing N N 346 
THR N   H2   sing N N 347 
THR CA  C    sing N N 348 
THR CA  CB   sing N N 349 
THR CA  HA   sing N N 350 
THR C   O    doub N N 351 
THR C   OXT  sing N N 352 
THR CB  OG1  sing N N 353 
THR CB  CG2  sing N N 354 
THR CB  HB   sing N N 355 
THR OG1 HG1  sing N N 356 
THR CG2 HG21 sing N N 357 
THR CG2 HG22 sing N N 358 
THR CG2 HG23 sing N N 359 
THR OXT HXT  sing N N 360 
TLA O1  C1   doub N N 361 
TLA O11 C1   sing N N 362 
TLA O11 H11  sing N N 363 
TLA C1  C2   sing N N 364 
TLA C2  O2   sing N N 365 
TLA C2  C3   sing N N 366 
TLA C2  H2   sing N N 367 
TLA O2  HA   sing N N 368 
TLA C3  O3   sing N N 369 
TLA C3  C4   sing N N 370 
TLA C3  H3   sing N N 371 
TLA O3  HB   sing N N 372 
TLA C4  O4   doub N N 373 
TLA C4  O41  sing N N 374 
TLA O41 H41  sing N N 375 
TRP N   CA   sing N N 376 
TRP N   H    sing N N 377 
TRP N   H2   sing N N 378 
TRP CA  C    sing N N 379 
TRP CA  CB   sing N N 380 
TRP CA  HA   sing N N 381 
TRP C   O    doub N N 382 
TRP C   OXT  sing N N 383 
TRP CB  CG   sing N N 384 
TRP CB  HB2  sing N N 385 
TRP CB  HB3  sing N N 386 
TRP CG  CD1  doub Y N 387 
TRP CG  CD2  sing Y N 388 
TRP CD1 NE1  sing Y N 389 
TRP CD1 HD1  sing N N 390 
TRP CD2 CE2  doub Y N 391 
TRP CD2 CE3  sing Y N 392 
TRP NE1 CE2  sing Y N 393 
TRP NE1 HE1  sing N N 394 
TRP CE2 CZ2  sing Y N 395 
TRP CE3 CZ3  doub Y N 396 
TRP CE3 HE3  sing N N 397 
TRP CZ2 CH2  doub Y N 398 
TRP CZ2 HZ2  sing N N 399 
TRP CZ3 CH2  sing Y N 400 
TRP CZ3 HZ3  sing N N 401 
TRP CH2 HH2  sing N N 402 
TRP OXT HXT  sing N N 403 
TYR N   CA   sing N N 404 
TYR N   H    sing N N 405 
TYR N   H2   sing N N 406 
TYR CA  C    sing N N 407 
TYR CA  CB   sing N N 408 
TYR CA  HA   sing N N 409 
TYR C   O    doub N N 410 
TYR C   OXT  sing N N 411 
TYR CB  CG   sing N N 412 
TYR CB  HB2  sing N N 413 
TYR CB  HB3  sing N N 414 
TYR CG  CD1  doub Y N 415 
TYR CG  CD2  sing Y N 416 
TYR CD1 CE1  sing Y N 417 
TYR CD1 HD1  sing N N 418 
TYR CD2 CE2  doub Y N 419 
TYR CD2 HD2  sing N N 420 
TYR CE1 CZ   doub Y N 421 
TYR CE1 HE1  sing N N 422 
TYR CE2 CZ   sing Y N 423 
TYR CE2 HE2  sing N N 424 
TYR CZ  OH   sing N N 425 
TYR OH  HH   sing N N 426 
TYR OXT HXT  sing N N 427 
VAL N   CA   sing N N 428 
VAL N   H    sing N N 429 
VAL N   H2   sing N N 430 
VAL CA  C    sing N N 431 
VAL CA  CB   sing N N 432 
VAL CA  HA   sing N N 433 
VAL C   O    doub N N 434 
VAL C   OXT  sing N N 435 
VAL CB  CG1  sing N N 436 
VAL CB  CG2  sing N N 437 
VAL CB  HB   sing N N 438 
VAL CG1 HG11 sing N N 439 
VAL CG1 HG12 sing N N 440 
VAL CG1 HG13 sing N N 441 
VAL CG2 HG21 sing N N 442 
VAL CG2 HG22 sing N N 443 
VAL CG2 HG23 sing N N 444 
VAL OXT HXT  sing N N 445 
# 
loop_
_pdbx_entity_nonpoly.entity_id 
_pdbx_entity_nonpoly.name 
_pdbx_entity_nonpoly.comp_id 
2 'SULFATE ION'        SO4 
3 RETINOL              RTL 
4 'L(+)-TARTARIC ACID' TLA 
5 water                HOH 
# 
_pdbx_initial_refinement_model.id               1 
_pdbx_initial_refinement_model.entity_id_list   ? 
_pdbx_initial_refinement_model.type             'experimental model' 
_pdbx_initial_refinement_model.source_name      PDB 
_pdbx_initial_refinement_model.accession_code   2RCQ 
_pdbx_initial_refinement_model.details          ? 
# 
